data_4PD4
#
_entry.id   4PD4
#
_cell.length_a   212.260
_cell.length_b   150.880
_cell.length_c   143.090
_cell.angle_alpha   90.000
_cell.angle_beta   115.180
_cell.angle_gamma   90.000
#
_symmetry.space_group_name_H-M   'C 1 2 1'
#
loop_
_entity.id
_entity.type
_entity.pdbx_description
1 polymer 'Cytochrome b-c1 complex subunit 1, mitochondrial'
2 polymer 'Cytochrome b-c1 complex subunit 2, mitochondrial'
3 polymer 'Cytochrome b'
4 polymer 'Cytochrome c1, heme protein, mitochondrial'
5 polymer 'Cytochrome b-c1 complex subunit Rieske, mitochondrial'
6 polymer 'Cytochrome b-c1 complex subunit 6'
7 polymer 'Cytochrome b-c1 complex subunit 7'
8 polymer 'Cytochrome b-c1 complex subunit 8'
9 polymer 'Cytochrome b-c1 complex subunit 9'
10 polymer 'Igh protein'
11 polymer 'Ig kappa chain V-V region HP 124E1'
12 non-polymer UNDECYL-MALTOSIDE
13 non-polymer 1,2-DIACYL-GLYCEROL-3-SN-PHOSPHATE
14 non-polymer 'PROTOPORPHYRIN IX CONTAINING FE'
15 non-polymer 2-[trans-4-(4-chlorophenyl)cyclohexyl]-3-hydroxynaphthalene-1,4-dione
16 non-polymer 1,2-Distearoyl-sn-glycerophosphoethanolamine
17 non-polymer 5-(3,7,11,15,19,23-HEXAMETHYL-TETRACOSA-2,6,10,14,18,22-HEXAENYL)-2,3-DIMETHOXY-6-METHYL-BENZENE-1,4-DIOL
18 non-polymer 'FE2/S2 (INORGANIC) CLUSTER'
#
loop_
_entity_poly.entity_id
_entity_poly.type
_entity_poly.pdbx_seq_one_letter_code
_entity_poly.pdbx_strand_id
1 'polypeptide(L)'
;AEVTQLSNGIVVATEHNPSAHTASVGVVFGSGAANENPYNNGVSNLWKNIFLSKENSAVAAKEGLALSSNISRDFQSYIV
SSLPGSTDKSLDFLNQSFIQQKANLLSSSNFEATKKSVLKQVQDFEDNDHPNRVLEHLHSTAFQNTPLSLPTRGTLESLE
NLVVADLESFANNHFLNSNAVVVGTGNIKHEDLVNSIESKNLSLQTGTKPVLKKKAAFLGSEVRLRDDTLPKAWISLAVE
GEPVNSPNYFVAKLAAQIFGSYNAFEPASRLQGIKLLDNIQEYQLCDNFNHFSLSYKDSGLWGFSTATRNVTMIDDLIHF
TLKQWNRLTISVTDTEVERAKSLLKLQLGQLYESGNPVNDANLLGAEVLIKGSKLSLGEAFKKIDAITVKDVKAWAGKRL
WDQDIAIAGTGQIEGLLDYMRIRSDMSMMRW
;
A
2 'polypeptide(L)'
;LTVSARDAPTKISTLAVKVHGGSRYATKDGVAHLLNRFNFQNTNTRSALKLVRESELLGGTFKSTLDREYITLKATFLKD
DLPYYVNALADVLYKTAFKPHELTESVLPAARYDYAVAEQCPVKSAEDQLYAITFRKGLGNPLLYDGVERVSLQDIKDFA
DKVYTKENLEVSGENVVEADLKRFVDESLLSTLPAGKSLVSKSEPKFFLGEENRVRFIGDSVAAIGIPVNKASLAQYEVL
ANYLTSALSELSGLISSAKLDKFTDGGLFTLFVRDQDSAVVSSNIKKIVADLKKGKDLSPAINYTKLKNAVQNESVSSPI
ELNFDAVKDFKLGKFNYVAVGDVSNLPYLDEL
;
B
3 'polypeptide(L)'
;MAFRKSNVYLSLVNSYIIDSPQPSSINYWWNMGSLLGLCLVIQIVTGIFMAMHYSSNIELAFSSVEHIMRDVHNGYILRY
LHANGASFFFMVMFMHMAKGLYYGSYRSPRVTLWNVGVIIFILTIATAFLGYCCVYGQMSHWGATVITNLFSAIPFVGND
IVSWLWGGFSVSNPTIQRFFALHYLVPFIIAAMVIMHLMALHIHGSSNPLGITGNLDRIPMHSYFIFKDLVTVFLFMLIL
ALFVFYSPNTLGHPDNYIPGNPLVTPASIVPEWYLLPFYAILRSIPDKLLGVITMFAAILVLLVLPFTDRSVVRGNTFKV
LSKFFFFIFVFNFVLLGQIGACHVEVPYVLMGQIATFIYFAYFLIIVPVISTIENVLFYIGRVNK
;
C
4 'polypeptide(L)'
;MTAAEHGLHAPAYAWSHNGPFETFDHASIRRGYQVYREVCAACHSLDRVAWRTLVGVSHTNEEVRNMAEEFEYDDEPDEQ
GNPKKRPGKLSDYIPGPYPNEQAARAANQGALPPDLSLIVKARHGGCDYIFSLLTGYPDEPPAGVALPPGSNYNPYFPGG
SIAMARVLFDDMVEYEDGTPATTSQMAKDVTTFLNWCAEPEHDERKRLGLKTVIILSSLYLLSIWVKKFKWAGIKTRKFV
FNPPKPRK
;
D
5 'polypeptide(L)'
;KSTYRTPNFDDVLKENNDADKGRSYAYFMVGAMGLLSSAGAKSTVETFISSMTATADVLAMAKVEVNLAAIPLGKNVVVK
WQGKPVFIRHRTPHEIQEANSVDMSALKDPQTDADRVKDPQWLIMLGICTHLGCVPIGEAGDFGGWFCPCHGSHYDISGR
IRKGPAPLNLEIPAYEFDGDKVIVG
;
E
6 'polypeptide(L)' VTDQLEDLREHFKNTEEGKALVHHYEECAERVKIQQQQPGYADLEHKEDCVEEFFHLQHYLDTATAPRLFDKLK F
7 'polypeptide(L)'
;PQSFTSIARIGDYILKSPVLSKLCVPVANQFINLAGYKKLGLKFDDLIAEENPIMQTALRRLPEDESYARAYRIIRAHQT
ELTHHLLPRNEWIKAQEDVPYLLPYILEAEAAAKEKDELDNIEVSK
;
G
8 'polypeptide(L)'
;GPPSGKTYMGWWGHMGGPKQKGITSYAVSPYAQKPLQGIFHNAVFNSFRRFKSQFLYVLIPAGIYWYWWKNGNEYNEFLY
SKAGREELERVNV
;
H
9 'polypeptide(L)' SFSSLYKTFFKRNAVFVGTIFAGAFVFQTVFDTAITSWYENHNKGKLWKDVKARIAA I
10 'polypeptide(L)'
;EVKLQESGAGLVQPSQSLSLTCSVTGYSITSGYYWNWIRLFPGNKLEWVGYISNVGDNNYNPSLKDRLSITRDTSKNQFF
LKLNSVTTEDTATYYCARSEYYSVTGYAMDYWGQGTTVTVSSAWRHP
;
J
11 'polypeptide(L)'
;DIELTQTPVSLAASLGDRVTISCRASQDINNFLNWYQQKPDGTIKLLIYYTSRLHAGVPSRFSGSGSGTDYSLTISNLEP
EDIATYFCQHHIKFPWTFGAGTKLEIK
;
K
#
loop_
_chem_comp.id
_chem_comp.type
_chem_comp.name
_chem_comp.formula
3PE non-polymer 1,2-Distearoyl-sn-glycerophosphoethanolamine 'C41 H82 N O8 P'
3PH non-polymer 1,2-DIACYL-GLYCEROL-3-SN-PHOSPHATE 'C39 H77 O8 P'
AOQ non-polymer 2-[trans-4-(4-chlorophenyl)cyclohexyl]-3-hydroxynaphthalene-1,4-dione 'C22 H19 Cl O3'
FES non-polymer 'FE2/S2 (INORGANIC) CLUSTER' 'Fe2 S2'
HEM non-polymer 'PROTOPORPHYRIN IX CONTAINING FE' 'C34 H32 Fe N4 O4'
UMQ non-polymer UNDECYL-MALTOSIDE 'C23 H44 O11'
UQ6 non-polymer 5-(3,7,11,15,19,23-HEXAMETHYL-TETRACOSA-2,6,10,14,18,22-HEXAENYL)-2,3-DIMETHOXY-6-METHYL-BENZENE-1,4-DIOL 'C39 H60 O4'
#
# COMPACT_ATOMS: atom_id res chain seq x y z
N ALA A 1 -60.71 4.80 -16.41
CA ALA A 1 -60.55 5.49 -15.14
C ALA A 1 -59.51 4.79 -14.29
N GLU A 2 -59.18 3.56 -14.66
CA GLU A 2 -58.20 2.77 -13.95
C GLU A 2 -57.55 1.78 -14.92
N VAL A 3 -57.70 2.07 -16.21
CA VAL A 3 -57.16 1.26 -17.30
C VAL A 3 -57.87 -0.10 -17.43
N THR A 4 -58.33 -0.41 -18.64
CA THR A 4 -59.11 -1.62 -18.88
C THR A 4 -58.30 -2.79 -19.43
N GLN A 5 -58.69 -4.00 -19.02
CA GLN A 5 -57.97 -5.22 -19.38
C GLN A 5 -58.89 -6.44 -19.51
N LEU A 6 -59.25 -6.80 -20.73
CA LEU A 6 -60.13 -7.94 -21.00
C LEU A 6 -59.65 -8.79 -22.20
N SER A 7 -59.71 -10.11 -22.06
CA SER A 7 -59.25 -11.03 -23.12
C SER A 7 -60.32 -12.00 -23.61
N ASN A 8 -60.49 -12.07 -24.94
CA ASN A 8 -61.36 -13.04 -25.60
C ASN A 8 -60.56 -13.94 -26.54
N GLY A 9 -59.29 -14.13 -26.20
CA GLY A 9 -58.31 -14.76 -27.07
C GLY A 9 -57.23 -13.73 -27.37
N ILE A 10 -57.68 -12.58 -27.85
CA ILE A 10 -56.82 -11.41 -28.07
C ILE A 10 -56.90 -10.52 -26.83
N VAL A 11 -55.85 -10.52 -26.01
CA VAL A 11 -55.84 -9.66 -24.82
C VAL A 11 -55.91 -8.17 -25.21
N VAL A 12 -57.09 -7.56 -25.00
CA VAL A 12 -57.34 -6.17 -25.40
C VAL A 12 -57.23 -5.18 -24.26
N ALA A 13 -56.26 -4.30 -24.34
CA ALA A 13 -56.03 -3.32 -23.28
C ALA A 13 -56.12 -1.90 -23.81
N THR A 14 -56.67 -1.01 -22.99
CA THR A 14 -56.84 0.39 -23.37
C THR A 14 -56.69 1.31 -22.17
N GLU A 15 -56.47 2.60 -22.46
CA GLU A 15 -56.26 3.64 -21.46
C GLU A 15 -56.83 4.95 -21.98
N HIS A 16 -57.87 5.46 -21.32
CA HIS A 16 -58.62 6.60 -21.83
C HIS A 16 -58.07 7.98 -21.43
N ASN A 17 -58.11 8.93 -22.37
CA ASN A 17 -57.83 10.33 -22.09
C ASN A 17 -58.87 11.23 -22.75
N PRO A 18 -59.70 11.89 -21.93
CA PRO A 18 -60.80 12.76 -22.35
C PRO A 18 -60.34 14.12 -22.91
N SER A 19 -59.07 14.45 -22.67
CA SER A 19 -58.53 15.73 -23.13
C SER A 19 -57.52 15.54 -24.25
N ALA A 20 -57.47 14.32 -24.81
CA ALA A 20 -56.62 14.01 -25.94
C ALA A 20 -57.29 14.42 -27.25
N HIS A 21 -56.52 15.03 -28.15
CA HIS A 21 -57.04 15.41 -29.46
C HIS A 21 -56.96 14.25 -30.43
N THR A 22 -56.04 13.31 -30.17
CA THR A 22 -55.93 12.12 -30.99
C THR A 22 -55.79 10.86 -30.15
N ALA A 23 -55.67 9.72 -30.83
CA ALA A 23 -55.55 8.44 -30.15
C ALA A 23 -54.57 7.55 -30.94
N SER A 24 -54.44 6.30 -30.53
CA SER A 24 -53.58 5.35 -31.23
C SER A 24 -53.86 3.91 -30.85
N VAL A 25 -53.75 3.02 -31.84
CA VAL A 25 -53.92 1.60 -31.61
C VAL A 25 -52.67 0.86 -32.10
N GLY A 26 -52.46 -0.34 -31.58
CA GLY A 26 -51.35 -1.14 -32.03
C GLY A 26 -51.13 -2.39 -31.20
N VAL A 27 -50.12 -3.16 -31.59
CA VAL A 27 -49.82 -4.40 -30.93
C VAL A 27 -48.42 -4.33 -30.31
N VAL A 28 -48.20 -5.15 -29.28
CA VAL A 28 -46.88 -5.24 -28.64
C VAL A 28 -46.52 -6.71 -28.46
N PHE A 29 -45.51 -7.15 -29.20
CA PHE A 29 -45.10 -8.54 -29.08
C PHE A 29 -44.13 -8.72 -27.92
N GLY A 30 -44.52 -9.57 -26.97
CA GLY A 30 -43.73 -9.83 -25.77
C GLY A 30 -42.44 -10.58 -26.01
N SER A 31 -41.77 -10.24 -27.11
CA SER A 31 -40.48 -10.81 -27.47
C SER A 31 -39.75 -9.81 -28.35
N GLY A 32 -38.60 -9.35 -27.90
CA GLY A 32 -37.88 -8.32 -28.63
C GLY A 32 -36.52 -8.73 -29.15
N ALA A 33 -35.62 -7.77 -29.27
CA ALA A 33 -34.27 -8.01 -29.78
C ALA A 33 -33.41 -8.87 -28.87
N ALA A 34 -34.02 -9.51 -27.86
CA ALA A 34 -33.30 -10.37 -26.92
C ALA A 34 -33.94 -11.74 -26.95
N ASN A 35 -34.80 -11.94 -27.94
CA ASN A 35 -35.37 -13.24 -28.25
C ASN A 35 -34.78 -13.74 -29.57
N GLU A 36 -33.97 -12.89 -30.20
CA GLU A 36 -33.20 -13.24 -31.39
C GLU A 36 -31.99 -14.12 -31.06
N ASN A 37 -31.08 -14.28 -32.02
CA ASN A 37 -29.87 -15.09 -31.83
C ASN A 37 -28.64 -14.40 -32.44
N PRO A 38 -27.41 -14.93 -32.17
CA PRO A 38 -26.17 -14.30 -32.68
C PRO A 38 -26.18 -13.86 -34.15
N TYR A 39 -26.71 -14.68 -35.05
CA TYR A 39 -26.60 -14.42 -36.49
C TYR A 39 -27.87 -13.96 -37.19
N ASN A 40 -28.95 -13.82 -36.43
CA ASN A 40 -30.17 -13.23 -36.97
C ASN A 40 -30.43 -11.84 -36.37
N ASN A 41 -29.46 -11.32 -35.63
CA ASN A 41 -29.54 -10.00 -35.01
C ASN A 41 -30.04 -8.89 -35.95
N GLY A 42 -30.88 -8.00 -35.43
CA GLY A 42 -31.43 -6.93 -36.22
C GLY A 42 -32.65 -7.33 -37.03
N VAL A 43 -33.08 -8.58 -36.88
CA VAL A 43 -34.28 -9.07 -37.55
C VAL A 43 -35.51 -8.29 -37.07
N SER A 44 -35.50 -7.89 -35.80
CA SER A 44 -36.61 -7.17 -35.22
C SER A 44 -36.61 -5.69 -35.62
N ASN A 45 -35.43 -5.14 -35.89
CA ASN A 45 -35.35 -3.78 -36.43
C ASN A 45 -35.54 -3.79 -37.94
N LEU A 46 -35.36 -4.95 -38.57
CA LEU A 46 -35.63 -5.09 -39.98
C LEU A 46 -37.14 -5.13 -40.21
N TRP A 47 -37.83 -5.87 -39.35
CA TRP A 47 -39.30 -5.94 -39.39
C TRP A 47 -39.96 -4.56 -39.20
N LYS A 48 -39.37 -3.74 -38.33
CA LYS A 48 -39.91 -2.41 -38.07
C LYS A 48 -39.85 -1.53 -39.31
N ASN A 49 -38.79 -1.69 -40.08
CA ASN A 49 -38.47 -0.75 -41.15
C ASN A 49 -39.10 -1.05 -42.51
N ILE A 50 -39.64 -2.25 -42.68
CA ILE A 50 -40.48 -2.54 -43.83
C ILE A 50 -41.86 -1.96 -43.52
N PHE A 51 -42.25 -2.09 -42.25
CA PHE A 51 -43.54 -1.62 -41.75
C PHE A 51 -43.72 -0.10 -41.94
N LEU A 52 -42.63 0.59 -42.24
CA LEU A 52 -42.68 2.03 -42.45
C LEU A 52 -42.11 2.40 -43.81
N SER A 53 -41.85 1.40 -44.64
CA SER A 53 -41.40 1.64 -46.01
C SER A 53 -42.53 2.32 -46.77
N LYS A 54 -42.18 3.26 -47.63
CA LYS A 54 -43.14 4.12 -48.35
C LYS A 54 -44.42 3.40 -48.81
N GLU A 55 -44.28 2.14 -49.24
CA GLU A 55 -45.42 1.32 -49.65
C GLU A 55 -46.57 1.37 -48.65
N ASN A 56 -46.39 0.70 -47.52
CA ASN A 56 -47.42 0.61 -46.49
C ASN A 56 -47.74 1.95 -45.84
N SER A 57 -46.77 2.88 -45.88
CA SER A 57 -46.97 4.19 -45.26
C SER A 57 -47.61 5.21 -46.20
N ALA A 58 -47.72 4.88 -47.49
CA ALA A 58 -48.49 5.71 -48.42
C ALA A 58 -49.96 5.29 -48.40
N VAL A 59 -50.18 3.99 -48.17
CA VAL A 59 -51.52 3.42 -47.99
C VAL A 59 -52.24 4.20 -46.89
N ALA A 60 -51.66 4.14 -45.69
CA ALA A 60 -52.24 4.78 -44.51
C ALA A 60 -52.10 6.30 -44.52
N ALA A 61 -51.56 6.86 -45.60
CA ALA A 61 -51.39 8.32 -45.69
C ALA A 61 -52.56 9.00 -46.41
N LYS A 62 -53.26 8.26 -47.26
CA LYS A 62 -54.51 8.73 -47.83
C LYS A 62 -55.58 8.61 -46.74
N GLU A 63 -55.51 7.50 -46.00
CA GLU A 63 -56.47 7.18 -44.96
C GLU A 63 -56.40 8.17 -43.78
N GLY A 64 -55.25 8.82 -43.62
CA GLY A 64 -55.06 9.77 -42.55
C GLY A 64 -54.43 9.16 -41.32
N LEU A 65 -53.76 8.03 -41.54
CA LEU A 65 -53.08 7.32 -40.46
C LEU A 65 -51.58 7.63 -40.43
N ALA A 66 -51.00 7.58 -39.23
CA ALA A 66 -49.55 7.64 -39.06
C ALA A 66 -49.14 6.42 -38.24
N LEU A 67 -48.05 5.77 -38.63
CA LEU A 67 -47.64 4.54 -37.95
C LEU A 67 -46.44 4.81 -37.04
N SER A 68 -46.40 4.10 -35.92
CA SER A 68 -45.30 4.19 -34.98
C SER A 68 -44.73 2.81 -34.70
N SER A 69 -43.41 2.72 -34.59
CA SER A 69 -42.77 1.46 -34.32
C SER A 69 -41.49 1.62 -33.52
N ASN A 70 -41.20 0.62 -32.69
CA ASN A 70 -40.00 0.57 -31.88
C ASN A 70 -39.72 -0.86 -31.45
N ILE A 71 -38.44 -1.20 -31.34
CA ILE A 71 -38.03 -2.48 -30.75
C ILE A 71 -37.20 -2.21 -29.49
N SER A 72 -37.49 -2.96 -28.44
CA SER A 72 -36.72 -2.89 -27.23
C SER A 72 -35.88 -4.16 -27.09
N ARG A 73 -35.59 -4.55 -25.86
CA ARG A 73 -34.85 -5.78 -25.62
C ARG A 73 -35.80 -6.92 -25.26
N ASP A 74 -36.61 -6.72 -24.23
CA ASP A 74 -37.57 -7.73 -23.84
C ASP A 74 -38.82 -7.72 -24.73
N PHE A 75 -39.14 -6.57 -25.32
CA PHE A 75 -40.38 -6.45 -26.10
C PHE A 75 -40.22 -5.86 -27.51
N GLN A 76 -41.34 -5.72 -28.21
CA GLN A 76 -41.37 -5.34 -29.61
C GLN A 76 -42.78 -4.87 -29.98
N SER A 77 -42.87 -3.70 -30.60
CA SER A 77 -44.17 -3.04 -30.77
C SER A 77 -44.49 -2.63 -32.19
N TYR A 78 -45.78 -2.58 -32.51
CA TYR A 78 -46.27 -2.07 -33.78
C TYR A 78 -47.54 -1.24 -33.59
N ILE A 79 -47.39 0.08 -33.66
CA ILE A 79 -48.45 1.02 -33.29
C ILE A 79 -48.89 1.86 -34.49
N VAL A 80 -50.19 2.17 -34.56
CA VAL A 80 -50.69 3.13 -35.55
C VAL A 80 -51.48 4.27 -34.89
N SER A 81 -51.26 5.49 -35.39
CA SER A 81 -51.81 6.69 -34.78
C SER A 81 -52.67 7.50 -35.76
N SER A 82 -53.85 7.90 -35.30
CA SER A 82 -54.79 8.68 -36.12
C SER A 82 -55.77 9.47 -35.26
N LEU A 83 -56.74 10.13 -35.90
CA LEU A 83 -57.82 10.83 -35.17
C LEU A 83 -58.72 9.80 -34.46
N PRO A 84 -59.27 10.17 -33.29
CA PRO A 84 -59.99 9.22 -32.42
C PRO A 84 -61.24 8.60 -33.06
N GLY A 85 -61.85 9.31 -34.01
CA GLY A 85 -63.06 8.84 -34.67
C GLY A 85 -62.78 7.76 -35.70
N SER A 86 -61.68 7.93 -36.43
CA SER A 86 -61.24 6.93 -37.40
C SER A 86 -60.57 5.78 -36.67
N THR A 87 -61.28 5.21 -35.70
CA THR A 87 -60.75 4.18 -34.81
C THR A 87 -60.85 2.78 -35.44
N ASP A 88 -61.72 2.66 -36.43
CA ASP A 88 -61.85 1.44 -37.21
C ASP A 88 -60.85 1.51 -38.37
N LYS A 89 -60.53 2.74 -38.77
CA LYS A 89 -59.55 3.00 -39.82
C LYS A 89 -58.16 2.53 -39.36
N SER A 90 -57.98 2.44 -38.04
CA SER A 90 -56.76 1.91 -37.44
C SER A 90 -56.81 0.39 -37.43
N LEU A 91 -57.80 -0.15 -36.72
CA LEU A 91 -57.95 -1.58 -36.50
C LEU A 91 -57.93 -2.42 -37.78
N ASP A 92 -58.52 -1.90 -38.85
CA ASP A 92 -58.56 -2.58 -40.14
C ASP A 92 -57.21 -2.59 -40.83
N PHE A 93 -56.52 -1.45 -40.81
CA PHE A 93 -55.20 -1.30 -41.41
C PHE A 93 -54.17 -2.13 -40.66
N LEU A 94 -54.43 -2.36 -39.37
CA LEU A 94 -53.62 -3.26 -38.56
C LEU A 94 -53.89 -4.70 -39.02
N ASN A 95 -55.17 -5.04 -39.12
CA ASN A 95 -55.61 -6.38 -39.52
C ASN A 95 -55.05 -6.81 -40.88
N GLN A 96 -55.06 -5.88 -41.82
CA GLN A 96 -54.49 -6.08 -43.15
C GLN A 96 -53.00 -6.42 -43.03
N SER A 97 -52.28 -5.60 -42.28
CA SER A 97 -50.82 -5.71 -42.20
C SER A 97 -50.32 -6.98 -41.50
N PHE A 98 -51.10 -7.56 -40.60
CA PHE A 98 -50.59 -8.65 -39.75
C PHE A 98 -51.30 -10.01 -39.80
N ILE A 99 -52.38 -10.12 -40.58
CA ILE A 99 -52.97 -11.43 -40.86
C ILE A 99 -53.36 -11.57 -42.34
N GLN A 100 -53.75 -10.46 -42.96
CA GLN A 100 -54.16 -10.46 -44.36
C GLN A 100 -52.94 -10.47 -45.28
N GLN A 101 -52.28 -9.33 -45.41
CA GLN A 101 -51.07 -9.21 -46.22
C GLN A 101 -49.93 -10.03 -45.64
N LYS A 102 -49.02 -10.46 -46.51
CA LYS A 102 -47.84 -11.18 -46.08
C LYS A 102 -46.67 -10.87 -47.00
N ALA A 103 -46.84 -11.12 -48.29
CA ALA A 103 -45.79 -10.90 -49.26
C ALA A 103 -45.99 -9.63 -50.06
N ASN A 104 -46.93 -8.79 -49.61
CA ASN A 104 -47.15 -7.51 -50.26
C ASN A 104 -46.15 -6.48 -49.77
N LEU A 105 -45.68 -6.68 -48.54
CA LEU A 105 -44.62 -5.86 -47.97
C LEU A 105 -43.30 -6.62 -48.10
N LEU A 106 -43.41 -7.92 -48.28
CA LEU A 106 -42.24 -8.79 -48.36
C LEU A 106 -41.77 -8.98 -49.80
N SER A 107 -41.75 -7.90 -50.58
CA SER A 107 -41.34 -7.97 -51.97
C SER A 107 -39.83 -8.16 -52.09
N SER A 108 -39.37 -8.62 -53.24
CA SER A 108 -37.94 -8.67 -53.52
C SER A 108 -37.45 -7.32 -54.04
N SER A 109 -38.36 -6.36 -54.13
CA SER A 109 -38.02 -4.98 -54.50
C SER A 109 -38.24 -4.07 -53.30
N ASN A 110 -39.15 -4.48 -52.43
CA ASN A 110 -39.30 -3.84 -51.14
C ASN A 110 -38.10 -4.19 -50.25
N PHE A 111 -38.05 -5.45 -49.81
CA PHE A 111 -37.07 -5.95 -48.86
C PHE A 111 -35.60 -5.68 -49.21
N GLU A 112 -35.31 -5.48 -50.49
CA GLU A 112 -33.96 -5.14 -50.90
C GLU A 112 -33.85 -3.62 -51.10
N ALA A 113 -34.76 -2.90 -50.46
CA ALA A 113 -34.71 -1.44 -50.45
C ALA A 113 -34.87 -0.97 -49.00
N THR A 114 -35.34 -1.88 -48.14
CA THR A 114 -35.38 -1.66 -46.70
C THR A 114 -34.06 -2.10 -46.05
N LYS A 115 -33.63 -3.33 -46.36
CA LYS A 115 -32.35 -3.85 -45.90
C LYS A 115 -31.18 -3.04 -46.48
N LYS A 116 -31.43 -2.37 -47.59
CA LYS A 116 -30.43 -1.45 -48.09
C LYS A 116 -30.76 -0.05 -47.60
N SER A 117 -31.31 0.02 -46.38
CA SER A 117 -31.51 1.30 -45.69
C SER A 117 -31.48 1.15 -44.18
N VAL A 118 -31.66 -0.08 -43.70
CA VAL A 118 -31.36 -0.45 -42.31
C VAL A 118 -29.88 -0.82 -42.22
N LEU A 119 -29.20 -0.74 -43.36
CA LEU A 119 -27.77 -0.95 -43.40
C LEU A 119 -27.07 0.41 -43.35
N LYS A 120 -27.64 1.43 -43.98
CA LYS A 120 -27.09 2.77 -43.84
C LYS A 120 -27.45 3.26 -42.45
N GLN A 121 -28.61 2.82 -41.97
CA GLN A 121 -29.10 3.18 -40.65
C GLN A 121 -28.10 2.79 -39.53
N VAL A 122 -27.76 1.51 -39.48
CA VAL A 122 -26.82 0.99 -38.48
C VAL A 122 -25.36 1.24 -38.93
N GLN A 123 -25.16 2.27 -39.76
CA GLN A 123 -23.83 2.65 -40.23
C GLN A 123 -23.69 4.17 -40.17
N ASP A 124 -24.47 4.78 -39.28
CA ASP A 124 -24.32 6.18 -38.92
C ASP A 124 -24.33 6.19 -37.39
N PHE A 125 -24.94 5.14 -36.86
CA PHE A 125 -25.11 4.90 -35.44
C PHE A 125 -23.79 4.56 -34.79
N GLU A 126 -23.25 3.40 -35.18
CA GLU A 126 -21.94 2.94 -34.72
C GLU A 126 -20.81 3.76 -35.29
N ASP A 127 -21.17 4.72 -36.13
CA ASP A 127 -20.22 5.59 -36.80
C ASP A 127 -20.14 6.95 -36.13
N ASN A 128 -21.31 7.50 -35.75
CA ASN A 128 -21.38 8.86 -35.20
C ASN A 128 -22.22 9.07 -33.92
N ASP A 129 -22.97 8.05 -33.50
CA ASP A 129 -23.74 8.11 -32.25
C ASP A 129 -23.06 7.32 -31.11
N HIS A 130 -21.85 7.80 -30.76
CA HIS A 130 -21.00 7.21 -29.73
C HIS A 130 -21.67 7.00 -28.34
N PRO A 131 -22.41 8.03 -27.83
CA PRO A 131 -23.06 7.84 -26.52
C PRO A 131 -23.99 6.63 -26.42
N ASN A 132 -24.69 6.29 -27.50
CA ASN A 132 -25.53 5.10 -27.49
C ASN A 132 -24.73 3.88 -27.90
N ARG A 133 -23.85 4.10 -28.87
CA ARG A 133 -22.88 3.10 -29.28
C ARG A 133 -22.14 2.52 -28.05
N VAL A 134 -21.60 3.44 -27.23
CA VAL A 134 -20.94 3.07 -25.99
C VAL A 134 -21.92 2.36 -25.07
N LEU A 135 -23.09 2.98 -24.93
CA LEU A 135 -24.21 2.45 -24.15
C LEU A 135 -24.61 1.05 -24.65
N GLU A 136 -24.62 0.85 -25.96
CA GLU A 136 -25.03 -0.45 -26.47
C GLU A 136 -24.01 -1.55 -26.16
N HIS A 137 -22.74 -1.31 -26.49
CA HIS A 137 -21.66 -2.25 -26.18
C HIS A 137 -21.58 -2.64 -24.70
N LEU A 138 -22.01 -1.71 -23.84
CA LEU A 138 -22.03 -1.90 -22.38
C LEU A 138 -22.85 -3.14 -22.05
N HIS A 139 -23.95 -3.31 -22.78
CA HIS A 139 -24.77 -4.49 -22.63
C HIS A 139 -24.03 -5.71 -23.16
N SER A 140 -23.34 -5.51 -24.28
CA SER A 140 -22.67 -6.59 -25.01
C SER A 140 -21.62 -7.30 -24.16
N THR A 141 -21.00 -6.54 -23.25
CA THR A 141 -19.93 -7.05 -22.39
C THR A 141 -20.41 -7.43 -20.99
N ALA A 142 -21.44 -6.75 -20.50
CA ALA A 142 -21.96 -7.03 -19.16
C ALA A 142 -22.79 -8.30 -19.21
N PHE A 143 -23.51 -8.43 -20.34
CA PHE A 143 -24.39 -9.55 -20.60
C PHE A 143 -23.83 -10.34 -21.76
N GLN A 144 -22.53 -10.60 -21.74
CA GLN A 144 -21.87 -11.30 -22.84
C GLN A 144 -22.30 -12.77 -22.92
N ASN A 145 -22.52 -13.26 -24.15
CA ASN A 145 -22.98 -14.63 -24.41
C ASN A 145 -24.31 -14.94 -23.72
N THR A 146 -25.27 -14.01 -23.87
CA THR A 146 -26.56 -14.07 -23.17
C THR A 146 -27.55 -13.03 -23.76
N PRO A 147 -28.86 -13.37 -23.80
CA PRO A 147 -29.99 -12.65 -24.40
C PRO A 147 -29.86 -11.11 -24.60
N LEU A 148 -29.64 -10.37 -23.52
CA LEU A 148 -29.60 -8.90 -23.58
C LEU A 148 -28.49 -8.34 -24.47
N SER A 149 -27.41 -9.11 -24.62
CA SER A 149 -26.24 -8.66 -25.36
C SER A 149 -26.54 -8.11 -26.75
N LEU A 150 -27.41 -8.79 -27.50
CA LEU A 150 -27.67 -8.42 -28.89
C LEU A 150 -28.19 -6.98 -29.01
N PRO A 151 -27.41 -6.12 -29.69
CA PRO A 151 -27.85 -4.73 -29.91
C PRO A 151 -29.21 -4.69 -30.58
N THR A 152 -30.09 -3.85 -30.08
CA THR A 152 -31.47 -3.76 -30.57
C THR A 152 -31.55 -3.58 -32.09
N ARG A 153 -30.74 -2.66 -32.63
CA ARG A 153 -30.76 -2.38 -34.06
C ARG A 153 -29.87 -3.32 -34.88
N GLY A 154 -29.29 -4.31 -34.20
CA GLY A 154 -28.58 -5.39 -34.86
C GLY A 154 -27.27 -5.05 -35.54
N THR A 155 -26.36 -6.03 -35.51
CA THR A 155 -25.02 -5.87 -36.09
C THR A 155 -25.08 -5.76 -37.62
N LEU A 156 -24.39 -4.79 -38.19
CA LEU A 156 -24.18 -4.72 -39.65
C LEU A 156 -23.73 -6.05 -40.29
N GLU A 157 -23.30 -6.97 -39.43
CA GLU A 157 -22.87 -8.30 -39.86
C GLU A 157 -24.09 -9.18 -40.08
N SER A 158 -24.80 -9.50 -39.00
CA SER A 158 -26.01 -10.32 -39.11
C SER A 158 -27.18 -9.58 -39.74
N LEU A 159 -26.89 -8.45 -40.39
CA LEU A 159 -27.90 -7.62 -41.02
C LEU A 159 -27.71 -7.55 -42.54
N GLU A 160 -26.62 -8.13 -43.04
CA GLU A 160 -26.41 -8.26 -44.47
C GLU A 160 -26.48 -9.73 -44.85
N ASN A 161 -26.64 -10.57 -43.83
CA ASN A 161 -26.72 -12.01 -43.98
C ASN A 161 -28.19 -12.48 -43.94
N LEU A 162 -29.10 -11.51 -43.80
CA LEU A 162 -30.52 -11.84 -43.63
C LEU A 162 -31.44 -11.52 -44.82
N VAL A 163 -32.10 -12.56 -45.32
CA VAL A 163 -33.10 -12.47 -46.39
C VAL A 163 -34.51 -12.52 -45.79
N VAL A 164 -35.54 -12.55 -46.64
CA VAL A 164 -36.93 -12.56 -46.17
C VAL A 164 -37.28 -13.89 -45.50
N ALA A 165 -36.62 -14.96 -45.91
CA ALA A 165 -36.82 -16.27 -45.28
C ALA A 165 -36.48 -16.21 -43.78
N ASP A 166 -35.74 -15.19 -43.39
CA ASP A 166 -35.36 -14.97 -42.00
C ASP A 166 -36.27 -13.98 -41.25
N LEU A 167 -36.86 -13.03 -41.98
CA LEU A 167 -37.86 -12.13 -41.38
C LEU A 167 -39.03 -12.96 -40.87
N GLU A 168 -39.35 -14.00 -41.62
CA GLU A 168 -40.47 -14.88 -41.31
C GLU A 168 -40.14 -15.88 -40.20
N SER A 169 -38.94 -16.46 -40.27
CA SER A 169 -38.45 -17.42 -39.28
C SER A 169 -38.65 -16.91 -37.86
N PHE A 170 -38.55 -15.58 -37.71
CA PHE A 170 -38.82 -14.92 -36.44
C PHE A 170 -40.30 -14.54 -36.31
N ALA A 171 -40.92 -14.15 -37.42
CA ALA A 171 -42.33 -13.80 -37.42
C ALA A 171 -43.17 -14.98 -36.94
N ASN A 172 -43.21 -16.05 -37.72
CA ASN A 172 -44.07 -17.20 -37.43
C ASN A 172 -43.82 -17.94 -36.11
N ASN A 173 -42.79 -17.52 -35.39
CA ASN A 173 -42.49 -18.10 -34.08
C ASN A 173 -42.88 -17.15 -32.95
N HIS A 174 -42.61 -15.87 -33.16
CA HIS A 174 -42.72 -14.88 -32.09
C HIS A 174 -43.73 -13.77 -32.39
N PHE A 175 -44.36 -13.83 -33.56
CA PHE A 175 -45.44 -12.90 -33.89
C PHE A 175 -46.80 -13.55 -33.66
N LEU A 176 -47.02 -14.06 -32.46
CA LEU A 176 -48.26 -14.76 -32.15
C LEU A 176 -49.24 -13.88 -31.39
N ASN A 177 -50.35 -14.47 -30.98
CA ASN A 177 -51.33 -13.80 -30.13
C ASN A 177 -50.98 -13.97 -28.64
N SER A 178 -50.49 -15.16 -28.29
CA SER A 178 -50.13 -15.50 -26.92
C SER A 178 -48.81 -14.87 -26.51
N ASN A 179 -48.39 -13.86 -27.26
CA ASN A 179 -47.16 -13.13 -26.98
C ASN A 179 -47.39 -11.65 -27.26
N ALA A 180 -48.63 -11.32 -27.64
CA ALA A 180 -48.95 -9.95 -28.02
C ALA A 180 -50.03 -9.32 -27.12
N VAL A 181 -50.14 -7.99 -27.20
CA VAL A 181 -51.21 -7.24 -26.54
C VAL A 181 -51.63 -6.05 -27.42
N VAL A 182 -52.93 -5.89 -27.65
CA VAL A 182 -53.42 -4.75 -28.40
C VAL A 182 -53.70 -3.58 -27.46
N VAL A 183 -53.24 -2.40 -27.86
CA VAL A 183 -53.34 -1.21 -27.01
C VAL A 183 -54.23 -0.13 -27.58
N GLY A 184 -54.91 0.58 -26.68
CA GLY A 184 -55.73 1.71 -27.04
C GLY A 184 -55.40 2.89 -26.15
N THR A 185 -54.80 3.91 -26.74
CA THR A 185 -54.32 5.07 -25.99
C THR A 185 -54.88 6.34 -26.56
N GLY A 186 -54.94 7.38 -25.73
CA GLY A 186 -55.38 8.69 -26.18
C GLY A 186 -56.86 8.94 -25.98
N ASN A 187 -57.57 9.20 -27.08
CA ASN A 187 -58.96 9.64 -27.02
C ASN A 187 -59.97 8.60 -27.49
N ILE A 188 -59.91 7.39 -26.93
CA ILE A 188 -60.88 6.35 -27.27
C ILE A 188 -61.33 5.55 -26.05
N LYS A 189 -62.47 4.85 -26.20
CA LYS A 189 -63.04 4.06 -25.12
C LYS A 189 -62.60 2.61 -25.21
N HIS A 190 -62.79 1.89 -24.10
CA HIS A 190 -62.54 0.46 -24.06
C HIS A 190 -63.61 -0.28 -24.85
N GLU A 191 -64.84 0.24 -24.81
CA GLU A 191 -65.98 -0.35 -25.50
C GLU A 191 -66.07 0.08 -26.97
N ASP A 192 -65.07 0.83 -27.43
CA ASP A 192 -64.98 1.17 -28.84
C ASP A 192 -64.05 0.19 -29.55
N LEU A 193 -62.98 -0.20 -28.88
CA LEU A 193 -61.97 -1.07 -29.47
C LEU A 193 -62.33 -2.55 -29.36
N VAL A 194 -62.58 -3.04 -28.15
CA VAL A 194 -62.87 -4.45 -27.91
C VAL A 194 -64.18 -4.89 -28.58
N ASN A 195 -64.99 -3.91 -28.98
CA ASN A 195 -66.14 -4.17 -29.85
C ASN A 195 -65.68 -4.39 -31.28
N SER A 196 -64.89 -3.44 -31.78
CA SER A 196 -64.40 -3.47 -33.16
C SER A 196 -63.36 -4.57 -33.39
N ILE A 197 -62.99 -5.25 -32.31
CA ILE A 197 -62.02 -6.35 -32.35
C ILE A 197 -62.70 -7.72 -32.42
N GLU A 198 -63.79 -7.87 -31.67
CA GLU A 198 -64.57 -9.10 -31.69
C GLU A 198 -65.51 -9.09 -32.89
N SER A 199 -65.43 -8.01 -33.66
CA SER A 199 -66.14 -7.86 -34.91
C SER A 199 -65.48 -8.69 -36.01
N LYS A 200 -64.19 -8.96 -35.86
CA LYS A 200 -63.40 -9.65 -36.89
C LYS A 200 -63.04 -11.09 -36.51
N ASN A 201 -63.15 -11.99 -37.47
CA ASN A 201 -62.94 -13.42 -37.23
C ASN A 201 -61.48 -13.86 -37.36
N LEU A 202 -61.30 -15.11 -37.79
CA LEU A 202 -59.98 -15.70 -38.07
C LEU A 202 -59.10 -15.86 -36.82
N SER A 203 -58.07 -16.70 -36.96
CA SER A 203 -57.10 -16.94 -35.90
C SER A 203 -55.79 -17.41 -36.51
N LEU A 204 -54.69 -16.71 -36.21
CA LEU A 204 -53.40 -17.09 -36.77
C LEU A 204 -52.59 -17.99 -35.84
N GLN A 205 -52.33 -19.21 -36.30
CA GLN A 205 -51.51 -20.17 -35.58
C GLN A 205 -51.90 -20.29 -34.10
N THR A 206 -53.15 -20.65 -33.85
CA THR A 206 -53.67 -20.72 -32.50
C THR A 206 -53.05 -21.87 -31.70
N GLY A 207 -52.92 -21.68 -30.40
CA GLY A 207 -52.33 -22.67 -29.51
C GLY A 207 -50.83 -22.52 -29.43
N THR A 208 -50.27 -21.79 -30.38
CA THR A 208 -48.83 -21.66 -30.50
C THR A 208 -48.24 -20.71 -29.47
N LYS A 209 -47.22 -21.19 -28.75
CA LYS A 209 -46.41 -20.34 -27.92
C LYS A 209 -45.16 -19.96 -28.71
N PRO A 210 -44.55 -18.81 -28.38
CA PRO A 210 -43.22 -18.49 -28.89
C PRO A 210 -42.17 -19.21 -28.04
N VAL A 211 -40.95 -19.38 -28.56
CA VAL A 211 -39.95 -20.20 -27.88
C VAL A 211 -39.08 -19.46 -26.86
N LEU A 212 -38.18 -20.21 -26.23
CA LEU A 212 -37.40 -19.70 -25.10
C LEU A 212 -35.91 -19.92 -25.33
N LYS A 213 -35.09 -19.23 -24.54
CA LYS A 213 -33.65 -19.44 -24.58
C LYS A 213 -33.10 -19.48 -23.16
N LYS A 214 -31.79 -19.72 -23.05
CA LYS A 214 -31.11 -19.68 -21.76
C LYS A 214 -31.29 -18.30 -21.14
N LYS A 215 -31.79 -18.26 -19.92
CA LYS A 215 -32.03 -17.00 -19.21
C LYS A 215 -30.75 -16.18 -19.10
N ALA A 216 -30.89 -14.85 -19.17
CA ALA A 216 -29.73 -13.98 -19.22
C ALA A 216 -28.90 -14.02 -17.93
N ALA A 217 -27.66 -13.54 -18.01
CA ALA A 217 -26.75 -13.50 -16.87
C ALA A 217 -25.69 -12.39 -17.04
N PHE A 218 -24.97 -12.10 -15.94
CA PHE A 218 -24.10 -10.92 -15.85
C PHE A 218 -22.72 -11.27 -15.29
N LEU A 219 -21.70 -10.57 -15.77
CA LEU A 219 -20.30 -10.91 -15.45
C LEU A 219 -19.43 -9.66 -15.61
N GLY A 220 -18.54 -9.43 -14.65
CA GLY A 220 -17.76 -8.22 -14.65
C GLY A 220 -16.76 -8.21 -15.78
N SER A 221 -16.84 -7.21 -16.64
CA SER A 221 -16.02 -7.22 -17.85
C SER A 221 -15.93 -5.87 -18.55
N GLU A 222 -14.95 -5.73 -19.45
CA GLU A 222 -14.78 -4.49 -20.20
C GLU A 222 -14.81 -4.70 -21.72
N VAL A 223 -14.94 -3.60 -22.45
CA VAL A 223 -14.73 -3.57 -23.88
C VAL A 223 -14.44 -2.14 -24.35
N ARG A 224 -13.32 -1.93 -25.02
CA ARG A 224 -12.82 -0.57 -25.15
C ARG A 224 -12.52 -0.23 -26.60
N LEU A 225 -13.12 0.85 -27.07
CA LEU A 225 -13.05 1.13 -28.48
C LEU A 225 -12.26 2.40 -28.73
N ARG A 226 -10.99 2.35 -28.37
CA ARG A 226 -10.19 3.57 -28.35
C ARG A 226 -10.23 4.24 -29.70
N ASP A 227 -10.37 5.56 -29.73
CA ASP A 227 -10.30 6.26 -30.99
C ASP A 227 -9.77 7.67 -30.79
N ASP A 228 -8.46 7.85 -30.96
CA ASP A 228 -7.81 9.11 -30.60
C ASP A 228 -8.06 10.22 -31.62
N THR A 229 -8.98 9.99 -32.54
CA THR A 229 -9.30 10.96 -33.58
C THR A 229 -10.62 11.65 -33.30
N LEU A 230 -11.28 11.16 -32.25
CA LEU A 230 -12.58 11.67 -31.80
C LEU A 230 -12.41 12.62 -30.62
N PRO A 231 -12.55 13.94 -30.86
CA PRO A 231 -12.53 15.07 -29.92
C PRO A 231 -12.99 14.87 -28.45
N LYS A 232 -13.74 13.81 -28.13
CA LYS A 232 -14.15 13.57 -26.75
C LYS A 232 -13.87 12.15 -26.32
N ALA A 233 -14.44 11.80 -25.18
CA ALA A 233 -14.28 10.48 -24.61
C ALA A 233 -15.60 10.08 -23.99
N TRP A 234 -16.12 8.93 -24.40
CA TRP A 234 -17.43 8.49 -23.94
C TRP A 234 -17.26 7.22 -23.13
N ILE A 235 -17.91 7.16 -21.96
CA ILE A 235 -17.75 6.02 -21.07
C ILE A 235 -19.10 5.75 -20.45
N SER A 236 -19.42 4.47 -20.26
CA SER A 236 -20.61 4.06 -19.52
C SER A 236 -20.21 2.89 -18.60
N LEU A 237 -20.72 2.87 -17.36
CA LEU A 237 -20.26 1.90 -16.35
C LEU A 237 -21.46 1.43 -15.56
N ALA A 238 -21.43 0.20 -15.01
CA ALA A 238 -22.58 -0.27 -14.23
C ALA A 238 -22.31 -1.57 -13.51
N VAL A 239 -23.23 -1.93 -12.61
CA VAL A 239 -23.24 -3.23 -11.92
C VAL A 239 -24.49 -4.01 -12.33
N GLU A 240 -24.55 -5.29 -11.95
CA GLU A 240 -25.78 -6.08 -12.11
C GLU A 240 -26.92 -5.38 -11.38
N GLY A 241 -27.80 -4.71 -12.13
CA GLY A 241 -28.85 -3.88 -11.56
C GLY A 241 -30.06 -4.60 -10.95
N GLU A 242 -31.27 -4.18 -11.34
CA GLU A 242 -32.50 -4.81 -10.85
C GLU A 242 -33.55 -5.00 -11.97
N PRO A 243 -34.24 -6.15 -11.99
CA PRO A 243 -35.21 -6.38 -13.07
C PRO A 243 -36.51 -5.58 -12.91
N VAL A 244 -37.33 -5.59 -13.97
CA VAL A 244 -38.72 -5.13 -13.84
C VAL A 244 -39.46 -6.13 -12.97
N ASN A 245 -40.26 -5.61 -12.03
CA ASN A 245 -40.83 -6.42 -10.96
C ASN A 245 -39.74 -7.08 -10.09
N SER A 246 -38.86 -6.23 -9.56
CA SER A 246 -37.95 -6.62 -8.49
C SER A 246 -38.29 -5.82 -7.26
N PRO A 247 -38.19 -6.44 -6.07
CA PRO A 247 -38.46 -5.78 -4.79
C PRO A 247 -37.85 -4.38 -4.69
N ASN A 248 -36.68 -4.17 -5.30
CA ASN A 248 -36.00 -2.89 -5.20
C ASN A 248 -36.06 -2.05 -6.45
N TYR A 249 -37.04 -2.35 -7.30
CA TYR A 249 -37.21 -1.66 -8.57
C TYR A 249 -37.18 -0.15 -8.34
N PHE A 250 -37.83 0.29 -7.29
CA PHE A 250 -37.94 1.73 -7.05
C PHE A 250 -36.78 2.21 -6.20
N VAL A 251 -36.38 1.36 -5.24
CA VAL A 251 -35.24 1.63 -4.37
C VAL A 251 -34.03 2.01 -5.22
N ALA A 252 -33.89 1.28 -6.33
CA ALA A 252 -32.77 1.43 -7.25
C ALA A 252 -32.89 2.62 -8.17
N LYS A 253 -34.13 3.02 -8.46
CA LYS A 253 -34.37 4.16 -9.34
C LYS A 253 -34.19 5.44 -8.55
N LEU A 254 -34.40 5.32 -7.24
CA LEU A 254 -34.18 6.42 -6.31
C LEU A 254 -32.68 6.69 -6.19
N ALA A 255 -31.89 5.62 -6.13
CA ALA A 255 -30.45 5.78 -6.04
C ALA A 255 -29.95 6.52 -7.28
N ALA A 256 -30.43 6.11 -8.45
CA ALA A 256 -29.94 6.71 -9.68
C ALA A 256 -30.23 8.20 -9.62
N GLN A 257 -31.37 8.50 -9.00
CA GLN A 257 -31.96 9.82 -8.98
C GLN A 257 -31.06 10.80 -8.25
N ILE A 258 -30.40 10.28 -7.22
CA ILE A 258 -29.55 11.08 -6.33
C ILE A 258 -28.46 11.83 -7.11
N PHE A 259 -27.59 11.05 -7.77
CA PHE A 259 -26.49 11.60 -8.55
C PHE A 259 -26.98 12.12 -9.91
N GLY A 260 -27.91 11.41 -10.54
CA GLY A 260 -28.77 12.04 -11.52
C GLY A 260 -28.20 12.27 -12.91
N SER A 261 -27.98 13.53 -13.27
CA SER A 261 -27.66 13.85 -14.65
C SER A 261 -27.13 15.26 -14.80
N TYR A 262 -25.95 15.40 -15.39
CA TYR A 262 -25.31 16.72 -15.44
C TYR A 262 -25.18 17.26 -16.87
N ASN A 263 -25.23 18.57 -17.02
CA ASN A 263 -24.81 19.21 -18.26
C ASN A 263 -24.05 20.49 -17.97
N ALA A 264 -22.73 20.39 -18.01
CA ALA A 264 -21.83 21.47 -17.62
C ALA A 264 -22.06 22.81 -18.30
N PHE A 265 -23.09 22.91 -19.13
CA PHE A 265 -23.27 24.10 -19.92
C PHE A 265 -24.45 24.88 -19.43
N GLU A 266 -25.57 24.17 -19.22
CA GLU A 266 -26.78 24.76 -18.66
C GLU A 266 -26.55 25.17 -17.19
N PRO A 267 -26.41 26.48 -16.93
CA PRO A 267 -26.11 26.97 -15.57
C PRO A 267 -27.05 26.38 -14.53
N ALA A 268 -28.25 26.00 -14.96
CA ALA A 268 -29.21 25.33 -14.08
C ALA A 268 -28.61 24.05 -13.53
N SER A 269 -27.89 23.34 -14.40
CA SER A 269 -27.39 22.01 -14.06
C SER A 269 -26.30 22.14 -13.00
N ARG A 270 -25.43 23.14 -13.18
CA ARG A 270 -24.33 23.45 -12.27
C ARG A 270 -24.73 23.64 -10.80
N LEU A 271 -26.01 23.97 -10.57
CA LEU A 271 -26.48 24.27 -9.22
C LEU A 271 -27.24 23.13 -8.56
N GLN A 272 -27.36 21.99 -9.21
CA GLN A 272 -28.16 20.92 -8.62
C GLN A 272 -27.56 20.52 -7.28
N GLY A 273 -28.43 20.09 -6.37
CA GLY A 273 -28.02 19.64 -5.07
C GLY A 273 -27.55 18.21 -5.17
N ILE A 274 -26.43 18.03 -5.85
CA ILE A 274 -25.77 16.72 -5.97
C ILE A 274 -24.41 16.81 -5.34
N LYS A 275 -24.10 15.91 -4.43
CA LYS A 275 -22.79 15.97 -3.79
C LYS A 275 -21.62 15.80 -4.77
N LEU A 276 -21.64 14.72 -5.56
CA LEU A 276 -20.61 14.45 -6.56
C LEU A 276 -20.23 15.71 -7.31
N LEU A 277 -21.22 16.55 -7.58
CA LEU A 277 -21.03 17.74 -8.40
C LEU A 277 -20.00 18.68 -7.81
N ASP A 278 -19.84 18.62 -6.49
CA ASP A 278 -18.85 19.45 -5.80
C ASP A 278 -17.47 19.21 -6.38
N ASN A 279 -17.12 17.94 -6.46
CA ASN A 279 -15.87 17.51 -7.05
C ASN A 279 -15.81 17.89 -8.53
N ILE A 280 -16.52 17.15 -9.38
CA ILE A 280 -16.34 17.22 -10.82
C ILE A 280 -16.12 18.64 -11.38
N GLN A 281 -16.69 19.65 -10.76
CA GLN A 281 -16.73 20.95 -11.41
C GLN A 281 -15.46 21.77 -11.30
N GLU A 282 -14.58 21.38 -10.38
CA GLU A 282 -13.42 22.20 -9.99
C GLU A 282 -12.56 22.49 -11.19
N TYR A 283 -12.27 21.44 -11.95
CA TYR A 283 -11.36 21.53 -13.06
C TYR A 283 -12.10 21.28 -14.41
N GLN A 284 -13.41 21.12 -14.30
CA GLN A 284 -14.24 20.74 -15.41
C GLN A 284 -13.83 19.36 -15.96
N LEU A 285 -14.03 18.35 -15.12
CA LEU A 285 -13.68 16.97 -15.37
C LEU A 285 -14.48 16.33 -16.49
N CYS A 286 -15.57 16.97 -16.87
CA CYS A 286 -16.41 16.45 -17.94
C CYS A 286 -17.41 17.47 -18.46
N ASP A 287 -18.05 17.09 -19.57
CA ASP A 287 -19.03 17.92 -20.26
C ASP A 287 -20.43 17.55 -19.83
N ASN A 288 -20.64 16.28 -19.52
CA ASN A 288 -21.92 15.88 -18.97
C ASN A 288 -21.87 14.48 -18.45
N PHE A 289 -22.84 14.13 -17.61
CA PHE A 289 -23.10 12.73 -17.32
C PHE A 289 -24.57 12.54 -17.03
N ASN A 290 -24.93 11.31 -16.68
CA ASN A 290 -26.28 10.96 -16.28
C ASN A 290 -26.29 9.54 -15.74
N HIS A 291 -27.22 9.23 -14.87
CA HIS A 291 -27.26 7.89 -14.30
C HIS A 291 -28.37 7.08 -14.90
N PHE A 292 -28.71 5.96 -14.25
CA PHE A 292 -29.81 5.07 -14.67
C PHE A 292 -29.91 3.78 -13.88
N SER A 293 -31.10 3.18 -13.92
CA SER A 293 -31.31 1.81 -13.44
C SER A 293 -32.15 1.07 -14.46
N LEU A 294 -31.53 0.66 -15.57
CA LEU A 294 -32.24 -0.01 -16.66
C LEU A 294 -32.75 -1.38 -16.20
N SER A 295 -34.06 -1.57 -16.27
CA SER A 295 -34.67 -2.82 -15.80
C SER A 295 -35.26 -3.61 -16.95
N TYR A 296 -34.94 -4.91 -16.95
CA TYR A 296 -35.38 -5.85 -17.97
C TYR A 296 -35.94 -7.09 -17.28
N LYS A 297 -36.61 -7.94 -18.03
CA LYS A 297 -37.33 -9.08 -17.44
C LYS A 297 -36.47 -9.95 -16.54
N ASP A 298 -35.23 -10.21 -16.96
CA ASP A 298 -34.38 -11.18 -16.27
C ASP A 298 -33.23 -10.57 -15.46
N SER A 299 -32.75 -9.39 -15.87
CA SER A 299 -31.60 -8.74 -15.22
C SER A 299 -31.56 -7.23 -15.48
N GLY A 300 -30.72 -6.51 -14.74
CA GLY A 300 -30.67 -5.06 -14.83
C GLY A 300 -29.29 -4.42 -14.79
N LEU A 301 -29.23 -3.12 -15.08
CA LEU A 301 -27.95 -2.41 -15.14
C LEU A 301 -27.95 -1.04 -14.43
N TRP A 302 -27.55 -1.04 -13.17
CA TRP A 302 -27.35 0.22 -12.45
C TRP A 302 -25.94 0.75 -12.66
N GLY A 303 -25.85 1.98 -13.17
CA GLY A 303 -24.59 2.63 -13.41
C GLY A 303 -24.78 4.04 -13.90
N PHE A 304 -23.91 4.48 -14.81
CA PHE A 304 -24.00 5.84 -15.34
C PHE A 304 -23.24 5.99 -16.66
N SER A 305 -23.35 7.15 -17.27
CA SER A 305 -22.81 7.36 -18.60
C SER A 305 -22.20 8.74 -18.70
N THR A 306 -20.97 8.85 -19.21
CA THR A 306 -20.41 10.19 -19.35
C THR A 306 -19.62 10.46 -20.61
N ALA A 307 -19.73 11.71 -21.05
CA ALA A 307 -18.89 12.24 -22.11
C ALA A 307 -18.00 13.32 -21.50
N THR A 308 -16.79 13.49 -22.07
CA THR A 308 -15.78 14.45 -21.57
C THR A 308 -14.71 14.80 -22.62
N ARG A 309 -14.43 16.09 -22.80
CA ARG A 309 -13.28 16.55 -23.57
C ARG A 309 -12.04 16.62 -22.69
N ASN A 310 -12.12 16.10 -21.46
CA ASN A 310 -11.01 16.24 -20.50
C ASN A 310 -10.28 14.93 -20.30
N VAL A 311 -9.15 14.81 -20.99
CA VAL A 311 -8.58 13.51 -21.26
C VAL A 311 -7.55 13.12 -20.23
N THR A 312 -6.86 14.12 -19.70
CA THR A 312 -5.77 13.86 -18.78
C THR A 312 -6.31 13.54 -17.37
N MET A 313 -7.59 13.88 -17.16
CA MET A 313 -8.22 13.83 -15.83
C MET A 313 -9.48 12.97 -15.76
N ILE A 314 -9.76 12.19 -16.80
CA ILE A 314 -10.77 11.15 -16.73
C ILE A 314 -10.56 10.25 -15.49
N ASP A 315 -9.31 10.08 -15.04
CA ASP A 315 -9.03 9.06 -14.03
C ASP A 315 -9.66 9.42 -12.69
N ASP A 316 -9.80 10.74 -12.47
CA ASP A 316 -10.52 11.32 -11.32
C ASP A 316 -12.01 11.23 -11.54
N LEU A 317 -12.42 11.64 -12.74
CA LEU A 317 -13.81 11.56 -13.18
C LEU A 317 -14.42 10.28 -12.63
N ILE A 318 -14.05 9.14 -13.20
CA ILE A 318 -14.50 7.83 -12.73
C ILE A 318 -14.34 7.60 -11.22
N HIS A 319 -13.32 8.21 -10.63
CA HIS A 319 -12.98 8.02 -9.21
C HIS A 319 -13.95 8.68 -8.22
N PHE A 320 -14.17 9.99 -8.40
CA PHE A 320 -15.04 10.79 -7.56
C PHE A 320 -16.43 10.15 -7.54
N THR A 321 -16.91 9.87 -8.75
CA THR A 321 -18.19 9.20 -9.00
C THR A 321 -18.34 7.84 -8.30
N LEU A 322 -17.39 6.93 -8.50
CA LEU A 322 -17.56 5.62 -7.91
C LEU A 322 -17.43 5.62 -6.38
N LYS A 323 -16.77 6.65 -5.86
CA LYS A 323 -16.64 6.87 -4.42
C LYS A 323 -17.96 7.37 -3.82
N GLN A 324 -18.54 8.38 -4.45
CA GLN A 324 -19.91 8.79 -4.15
C GLN A 324 -20.81 7.57 -4.02
N TRP A 325 -20.79 6.71 -5.03
CA TRP A 325 -21.58 5.48 -5.01
C TRP A 325 -21.35 4.66 -3.73
N ASN A 326 -20.22 4.88 -3.06
CA ASN A 326 -19.97 4.09 -1.88
C ASN A 326 -20.83 4.63 -0.75
N ARG A 327 -21.10 5.93 -0.80
CA ARG A 327 -21.79 6.57 0.32
C ARG A 327 -23.12 5.88 0.44
N LEU A 328 -23.74 5.61 -0.71
CA LEU A 328 -25.06 4.98 -0.78
C LEU A 328 -25.17 3.79 0.16
N THR A 329 -24.03 3.22 0.52
CA THR A 329 -23.98 2.07 1.40
C THR A 329 -23.69 2.45 2.84
N ILE A 330 -22.86 3.48 3.02
CA ILE A 330 -22.28 3.77 4.33
C ILE A 330 -22.61 5.13 4.98
N SER A 331 -23.06 6.10 4.19
CA SER A 331 -23.16 7.47 4.69
C SER A 331 -24.08 8.38 3.88
N VAL A 332 -25.16 7.85 3.30
CA VAL A 332 -26.03 8.72 2.50
C VAL A 332 -26.89 9.57 3.41
N THR A 333 -26.94 10.86 3.12
CA THR A 333 -27.75 11.79 3.89
C THR A 333 -29.23 11.54 3.59
N ASP A 334 -30.03 11.41 4.65
CA ASP A 334 -31.48 11.33 4.53
C ASP A 334 -32.05 12.48 3.70
N THR A 335 -31.58 13.69 3.97
CA THR A 335 -32.07 14.85 3.21
C THR A 335 -31.71 14.81 1.74
N GLU A 336 -30.76 13.95 1.37
CA GLU A 336 -30.44 13.69 -0.04
C GLU A 336 -31.55 12.81 -0.61
N VAL A 337 -31.84 11.74 0.12
CA VAL A 337 -32.91 10.80 -0.22
C VAL A 337 -34.25 11.48 -0.55
N GLU A 338 -34.64 12.50 0.22
CA GLU A 338 -35.90 13.22 -0.05
C GLU A 338 -35.88 13.95 -1.38
N ARG A 339 -34.81 14.71 -1.63
CA ARG A 339 -34.58 15.35 -2.93
C ARG A 339 -34.61 14.31 -4.07
N ALA A 340 -34.30 13.06 -3.72
CA ALA A 340 -34.41 11.97 -4.68
C ALA A 340 -35.88 11.63 -4.92
N LYS A 341 -36.53 11.06 -3.91
CA LYS A 341 -37.98 10.78 -3.91
C LYS A 341 -38.76 11.86 -4.63
N SER A 342 -38.47 13.09 -4.26
CA SER A 342 -39.05 14.25 -4.91
C SER A 342 -38.80 14.23 -6.43
N LEU A 343 -37.52 14.23 -6.83
CA LEU A 343 -37.19 14.37 -8.25
C LEU A 343 -37.56 13.15 -9.10
N LEU A 344 -37.48 11.95 -8.50
CA LEU A 344 -37.92 10.71 -9.14
C LEU A 344 -39.31 10.91 -9.67
N LYS A 345 -40.20 11.32 -8.77
CA LYS A 345 -41.59 11.60 -9.09
C LYS A 345 -41.77 12.51 -10.31
N LEU A 346 -41.13 13.68 -10.30
CA LEU A 346 -41.17 14.58 -11.46
C LEU A 346 -40.71 13.86 -12.76
N GLN A 347 -39.62 13.11 -12.67
CA GLN A 347 -39.14 12.38 -13.86
C GLN A 347 -40.12 11.28 -14.25
N LEU A 348 -40.43 10.40 -13.29
CA LEU A 348 -41.37 9.30 -13.50
C LEU A 348 -42.71 9.78 -14.06
N GLY A 349 -42.99 11.07 -13.86
CA GLY A 349 -44.16 11.70 -14.43
C GLY A 349 -44.05 11.88 -15.93
N GLN A 350 -43.30 12.91 -16.36
CA GLN A 350 -43.05 13.20 -17.78
C GLN A 350 -42.76 11.96 -18.65
N LEU A 351 -42.36 10.89 -17.97
CA LEU A 351 -42.34 9.56 -18.53
C LEU A 351 -43.77 9.14 -18.83
N TYR A 352 -44.51 8.85 -17.75
CA TYR A 352 -45.86 8.29 -17.82
C TYR A 352 -46.97 9.25 -18.26
N GLU A 353 -46.87 10.52 -17.85
CA GLU A 353 -47.89 11.52 -18.17
C GLU A 353 -47.46 12.52 -19.24
N SER A 354 -47.01 12.03 -20.37
CA SER A 354 -46.77 12.91 -21.52
C SER A 354 -48.00 12.89 -22.42
N GLY A 355 -48.28 14.03 -23.05
CA GLY A 355 -49.47 14.20 -23.86
C GLY A 355 -49.35 13.61 -25.25
N ASN A 356 -48.68 12.45 -25.32
CA ASN A 356 -48.36 11.77 -26.56
C ASN A 356 -48.71 10.28 -26.46
N PRO A 357 -49.81 9.88 -27.12
CA PRO A 357 -50.38 8.53 -27.04
C PRO A 357 -49.41 7.38 -27.36
N VAL A 358 -48.52 7.57 -28.34
CA VAL A 358 -47.62 6.50 -28.77
C VAL A 358 -46.76 5.93 -27.64
N ASN A 359 -46.38 6.79 -26.71
CA ASN A 359 -45.56 6.40 -25.57
C ASN A 359 -46.40 5.58 -24.59
N ASP A 360 -47.60 6.08 -24.30
CA ASP A 360 -48.52 5.41 -23.38
C ASP A 360 -48.91 4.02 -23.87
N ALA A 361 -48.60 3.76 -25.14
CA ALA A 361 -48.81 2.46 -25.76
C ALA A 361 -47.76 1.43 -25.32
N ASN A 362 -46.51 1.65 -25.76
CA ASN A 362 -45.38 0.76 -25.46
C ASN A 362 -45.26 0.49 -23.98
N LEU A 363 -45.44 1.57 -23.21
CA LEU A 363 -45.47 1.54 -21.75
C LEU A 363 -46.49 0.52 -21.27
N LEU A 364 -47.71 0.68 -21.78
CA LEU A 364 -48.83 -0.19 -21.44
C LEU A 364 -48.54 -1.61 -21.94
N GLY A 365 -48.34 -1.72 -23.25
CA GLY A 365 -48.10 -3.01 -23.90
C GLY A 365 -47.04 -3.88 -23.26
N ALA A 366 -45.92 -3.27 -22.87
CA ALA A 366 -44.83 -4.01 -22.27
C ALA A 366 -45.17 -4.47 -20.85
N GLU A 367 -45.74 -3.56 -20.07
CA GLU A 367 -46.02 -3.84 -18.67
C GLU A 367 -47.17 -4.82 -18.50
N VAL A 368 -48.25 -4.62 -19.24
CA VAL A 368 -49.39 -5.53 -19.16
C VAL A 368 -49.05 -6.89 -19.78
N LEU A 369 -47.85 -7.01 -20.34
CA LEU A 369 -47.36 -8.29 -20.80
C LEU A 369 -46.65 -9.03 -19.67
N ILE A 370 -45.70 -8.34 -19.02
CA ILE A 370 -44.78 -8.99 -18.07
C ILE A 370 -45.41 -9.32 -16.71
N LYS A 371 -46.21 -8.42 -16.19
CA LYS A 371 -46.88 -8.62 -14.90
C LYS A 371 -48.38 -8.80 -15.08
N GLY A 372 -48.85 -8.55 -16.30
CA GLY A 372 -50.26 -8.71 -16.63
C GLY A 372 -51.00 -7.38 -16.74
N SER A 373 -50.80 -6.51 -15.75
CA SER A 373 -51.48 -5.23 -15.72
C SER A 373 -50.48 -4.09 -15.76
N LYS A 374 -50.99 -2.86 -15.70
CA LYS A 374 -50.14 -1.69 -15.47
C LYS A 374 -50.18 -1.31 -13.99
N LEU A 375 -49.22 -0.50 -13.55
CA LEU A 375 -49.23 0.01 -12.19
C LEU A 375 -49.45 1.52 -12.23
N SER A 376 -50.41 1.99 -11.43
CA SER A 376 -50.80 3.39 -11.39
C SER A 376 -49.76 4.27 -10.72
N LEU A 377 -49.74 5.55 -11.10
CA LEU A 377 -48.79 6.51 -10.56
C LEU A 377 -48.91 6.60 -9.04
N GLY A 378 -50.14 6.61 -8.54
CA GLY A 378 -50.36 6.60 -7.12
C GLY A 378 -49.80 5.35 -6.46
N GLU A 379 -49.82 4.24 -7.19
CA GLU A 379 -49.21 3.01 -6.69
C GLU A 379 -47.70 3.16 -6.57
N ALA A 380 -47.10 3.68 -7.65
CA ALA A 380 -45.67 3.92 -7.71
C ALA A 380 -45.20 4.86 -6.60
N PHE A 381 -45.85 6.02 -6.52
CA PHE A 381 -45.54 7.03 -5.50
C PHE A 381 -45.70 6.49 -4.09
N LYS A 382 -46.66 5.60 -3.88
CA LYS A 382 -46.92 5.10 -2.54
C LYS A 382 -45.73 4.25 -2.12
N LYS A 383 -45.03 3.71 -3.11
CA LYS A 383 -43.83 2.89 -2.90
C LYS A 383 -42.56 3.74 -2.73
N ILE A 384 -42.32 4.64 -3.70
CA ILE A 384 -41.21 5.60 -3.66
C ILE A 384 -41.03 6.24 -2.29
N ASP A 385 -42.15 6.63 -1.69
CA ASP A 385 -42.16 7.37 -0.43
C ASP A 385 -41.90 6.49 0.78
N ALA A 386 -42.34 5.24 0.71
CA ALA A 386 -42.13 4.29 1.80
C ALA A 386 -40.65 4.19 2.10
N ILE A 387 -39.86 4.36 1.03
CA ILE A 387 -38.42 4.16 1.01
C ILE A 387 -37.66 4.98 2.06
N THR A 388 -37.02 4.28 2.99
CA THR A 388 -36.19 4.95 3.98
C THR A 388 -34.79 5.14 3.42
N VAL A 389 -33.87 5.55 4.30
CA VAL A 389 -32.47 5.56 3.96
C VAL A 389 -32.03 4.11 4.01
N LYS A 390 -32.28 3.42 5.13
CA LYS A 390 -32.03 1.98 5.24
C LYS A 390 -32.43 1.17 3.98
N ASP A 391 -33.43 1.65 3.26
CA ASP A 391 -33.80 1.10 1.96
C ASP A 391 -32.61 1.14 1.01
N VAL A 392 -32.00 2.34 0.94
CA VAL A 392 -30.90 2.63 0.04
C VAL A 392 -29.56 2.10 0.55
N LYS A 393 -29.45 1.90 1.87
CA LYS A 393 -28.20 1.47 2.46
C LYS A 393 -28.04 -0.05 2.45
N ALA A 394 -29.13 -0.77 2.17
CA ALA A 394 -29.05 -2.21 2.09
C ALA A 394 -29.08 -2.65 0.62
N TRP A 395 -29.57 -1.75 -0.24
CA TRP A 395 -29.60 -2.08 -1.64
C TRP A 395 -28.21 -1.88 -2.23
N ALA A 396 -27.57 -0.76 -1.89
CA ALA A 396 -26.19 -0.52 -2.27
C ALA A 396 -25.27 -1.57 -1.63
N GLY A 397 -25.59 -1.92 -0.39
CA GLY A 397 -24.84 -2.88 0.40
C GLY A 397 -24.72 -4.27 -0.20
N LYS A 398 -25.63 -4.60 -1.11
CA LYS A 398 -25.56 -5.87 -1.83
C LYS A 398 -25.20 -5.61 -3.29
N ARG A 399 -25.84 -4.61 -3.88
CA ARG A 399 -25.77 -4.40 -5.31
C ARG A 399 -24.53 -3.61 -5.74
N LEU A 400 -24.13 -2.65 -4.89
CA LEU A 400 -23.15 -1.64 -5.29
C LEU A 400 -21.72 -1.88 -4.75
N TRP A 401 -21.65 -2.18 -3.46
CA TRP A 401 -20.39 -2.24 -2.73
C TRP A 401 -19.66 -3.49 -3.12
N ASP A 402 -18.43 -3.30 -3.61
CA ASP A 402 -17.51 -4.40 -3.93
C ASP A 402 -18.12 -5.46 -4.88
N GLN A 403 -18.73 -4.98 -5.97
CA GLN A 403 -19.32 -5.88 -6.94
C GLN A 403 -18.75 -5.60 -8.31
N ASP A 404 -18.77 -6.62 -9.17
CA ASP A 404 -18.20 -6.46 -10.51
C ASP A 404 -18.91 -5.43 -11.38
N ILE A 405 -18.11 -4.66 -12.08
CA ILE A 405 -18.66 -3.65 -12.97
C ILE A 405 -18.47 -4.01 -14.44
N ALA A 406 -18.83 -3.08 -15.31
CA ALA A 406 -19.01 -3.37 -16.71
C ALA A 406 -18.76 -2.10 -17.48
N ILE A 407 -17.51 -1.83 -17.83
CA ILE A 407 -17.19 -0.55 -18.49
C ILE A 407 -17.15 -0.72 -19.99
N ALA A 408 -17.43 0.35 -20.71
CA ALA A 408 -17.28 0.39 -22.16
C ALA A 408 -17.08 1.82 -22.63
N GLY A 409 -16.47 2.01 -23.79
CA GLY A 409 -16.18 3.37 -24.21
C GLY A 409 -15.40 3.53 -25.50
N THR A 410 -15.23 4.79 -25.91
CA THR A 410 -14.58 5.10 -27.17
C THR A 410 -14.22 6.58 -27.21
N GLY A 411 -13.34 6.95 -28.13
CA GLY A 411 -12.76 8.28 -28.13
C GLY A 411 -11.39 8.23 -27.45
N GLN A 412 -10.98 9.35 -26.85
CA GLN A 412 -9.68 9.43 -26.20
C GLN A 412 -9.71 8.78 -24.82
N ILE A 413 -9.83 7.46 -24.78
CA ILE A 413 -9.88 6.78 -23.50
C ILE A 413 -8.59 6.04 -23.12
N GLU A 414 -7.44 6.63 -23.47
CA GLU A 414 -6.17 6.09 -22.99
C GLU A 414 -6.10 6.41 -21.50
N GLY A 415 -6.60 7.59 -21.13
CA GLY A 415 -6.61 8.03 -19.75
C GLY A 415 -7.56 7.23 -18.90
N LEU A 416 -8.54 6.59 -19.52
CA LEU A 416 -9.48 5.79 -18.74
C LEU A 416 -8.71 4.61 -18.21
N LEU A 417 -8.72 4.42 -16.90
CA LEU A 417 -7.70 3.55 -16.31
C LEU A 417 -7.99 2.05 -16.50
N ASP A 418 -7.57 1.20 -15.58
CA ASP A 418 -7.70 -0.22 -15.84
C ASP A 418 -8.81 -0.82 -15.02
N TYR A 419 -8.92 -2.13 -15.07
CA TYR A 419 -10.04 -2.79 -14.43
C TYR A 419 -9.81 -3.07 -12.94
N MET A 420 -8.57 -3.19 -12.51
CA MET A 420 -8.36 -3.49 -11.11
C MET A 420 -8.33 -2.23 -10.26
N ARG A 421 -8.18 -1.09 -10.95
CA ARG A 421 -8.38 0.20 -10.32
C ARG A 421 -9.87 0.29 -10.23
N ILE A 422 -10.48 0.77 -11.32
CA ILE A 422 -11.92 1.04 -11.39
C ILE A 422 -12.71 0.09 -10.48
N ARG A 423 -12.77 -1.19 -10.81
CA ARG A 423 -13.44 -2.16 -9.93
C ARG A 423 -13.12 -1.99 -8.45
N SER A 424 -11.89 -1.61 -8.12
CA SER A 424 -11.50 -1.58 -6.71
C SER A 424 -12.18 -0.43 -5.97
N ASP A 425 -12.42 0.68 -6.67
CA ASP A 425 -13.16 1.84 -6.15
C ASP A 425 -14.63 1.56 -5.83
N MET A 426 -15.03 0.30 -5.77
CA MET A 426 -16.38 -0.06 -5.43
C MET A 426 -16.51 -0.04 -3.92
N SER A 427 -15.37 -0.14 -3.25
CA SER A 427 -15.31 -0.11 -1.78
C SER A 427 -14.41 1.01 -1.26
N MET A 428 -14.28 1.04 0.07
CA MET A 428 -13.44 1.99 0.78
C MET A 428 -12.81 1.22 1.92
N MET A 429 -11.61 1.62 2.32
CA MET A 429 -10.90 0.94 3.39
C MET A 429 -11.55 1.21 4.75
N ARG A 430 -11.72 0.14 5.53
CA ARG A 430 -12.35 0.22 6.86
C ARG A 430 -11.41 -0.31 7.95
N TRP A 431 -11.59 0.11 9.20
CA TRP A 431 -10.83 -0.51 10.29
C TRP A 431 -11.37 -1.91 10.64
N LEU B 1 -52.41 39.77 -20.88
CA LEU B 1 -52.34 39.11 -19.58
C LEU B 1 -53.33 37.94 -19.50
N THR B 2 -53.61 37.36 -20.67
CA THR B 2 -54.47 36.18 -20.83
C THR B 2 -54.14 35.05 -19.85
N VAL B 3 -55.10 34.19 -19.55
CA VAL B 3 -54.90 33.13 -18.55
C VAL B 3 -55.78 31.91 -18.82
N SER B 4 -55.21 30.81 -19.29
CA SER B 4 -55.98 29.56 -19.38
C SER B 4 -55.34 28.46 -18.55
N ALA B 5 -56.01 27.29 -18.48
CA ALA B 5 -55.47 26.11 -17.79
C ALA B 5 -56.35 24.87 -17.91
N ARG B 6 -56.01 23.94 -18.79
CA ARG B 6 -56.81 22.74 -18.95
C ARG B 6 -56.53 21.69 -17.88
N ASP B 7 -57.41 21.60 -16.88
CA ASP B 7 -57.24 20.60 -15.84
C ASP B 7 -57.31 19.15 -16.38
N ALA B 8 -56.97 18.20 -15.51
CA ALA B 8 -56.99 16.77 -15.80
C ALA B 8 -56.67 16.02 -14.49
N PRO B 9 -56.98 14.71 -14.41
CA PRO B 9 -56.70 13.91 -13.20
C PRO B 9 -55.26 13.38 -13.10
N THR B 10 -54.27 14.21 -13.41
CA THR B 10 -52.87 13.77 -13.52
C THR B 10 -52.01 14.13 -12.30
N LYS B 11 -50.78 13.62 -12.31
CA LYS B 11 -49.79 13.82 -11.22
C LYS B 11 -48.87 15.03 -11.47
N ILE B 12 -48.49 15.23 -12.72
CA ILE B 12 -47.56 16.30 -13.06
C ILE B 12 -48.29 17.50 -13.61
N SER B 13 -48.31 18.57 -12.84
CA SER B 13 -48.85 19.82 -13.34
C SER B 13 -47.78 20.46 -14.19
N THR B 14 -48.19 21.42 -15.02
CA THR B 14 -47.23 22.23 -15.74
C THR B 14 -47.67 23.67 -15.66
N LEU B 15 -47.19 24.49 -16.59
CA LEU B 15 -47.33 25.94 -16.51
C LEU B 15 -46.58 26.57 -17.66
N ALA B 16 -46.66 27.89 -17.76
CA ALA B 16 -45.85 28.68 -18.68
C ALA B 16 -46.11 30.17 -18.49
N VAL B 17 -45.34 30.99 -19.20
CA VAL B 17 -45.55 32.43 -19.29
C VAL B 17 -45.19 32.85 -20.71
N LYS B 18 -46.01 32.45 -21.68
CA LYS B 18 -45.72 32.74 -23.08
C LYS B 18 -45.63 34.25 -23.40
N VAL B 19 -44.41 34.76 -23.58
CA VAL B 19 -44.18 36.18 -23.84
C VAL B 19 -43.88 36.46 -25.32
N HIS B 20 -44.05 37.71 -25.75
CA HIS B 20 -43.83 38.10 -27.14
C HIS B 20 -42.53 38.90 -27.31
N GLY B 21 -41.40 38.20 -27.26
CA GLY B 21 -40.11 38.86 -27.40
C GLY B 21 -39.02 38.03 -28.03
N GLY B 22 -39.38 37.18 -28.98
CA GLY B 22 -38.38 36.44 -29.73
C GLY B 22 -37.51 37.32 -30.61
N SER B 23 -36.95 36.72 -31.65
CA SER B 23 -36.03 37.42 -32.54
C SER B 23 -36.72 38.63 -33.16
N ARG B 24 -37.96 38.41 -33.59
CA ARG B 24 -38.73 39.40 -34.35
C ARG B 24 -38.84 40.72 -33.60
N TYR B 25 -38.86 40.63 -32.28
CA TYR B 25 -39.01 41.79 -31.42
C TYR B 25 -37.68 42.25 -30.84
N ALA B 26 -36.59 41.54 -31.16
CA ALA B 26 -35.25 41.87 -30.67
C ALA B 26 -34.76 43.27 -31.04
N THR B 27 -34.36 44.05 -30.04
CA THR B 27 -33.82 45.40 -30.26
C THR B 27 -32.59 45.36 -31.15
N LYS B 28 -31.57 44.65 -30.65
CA LYS B 28 -30.33 44.40 -31.37
C LYS B 28 -30.19 42.89 -31.61
N ASP B 29 -29.21 42.51 -32.42
CA ASP B 29 -29.06 41.13 -32.85
C ASP B 29 -28.91 40.12 -31.69
N GLY B 30 -30.03 39.48 -31.34
CA GLY B 30 -30.05 38.40 -30.36
C GLY B 30 -30.13 38.79 -28.89
N VAL B 31 -30.81 39.90 -28.60
CA VAL B 31 -30.95 40.37 -27.22
C VAL B 31 -31.99 39.56 -26.45
N ALA B 32 -32.85 38.88 -27.19
CA ALA B 32 -33.71 37.87 -26.58
C ALA B 32 -32.88 36.70 -26.07
N HIS B 33 -31.88 36.30 -26.87
CA HIS B 33 -30.97 35.19 -26.55
C HIS B 33 -30.24 35.42 -25.24
N LEU B 34 -29.83 36.66 -25.00
CA LEU B 34 -29.20 37.05 -23.76
C LEU B 34 -30.22 37.15 -22.63
N LEU B 35 -31.48 37.32 -22.99
CA LEU B 35 -32.52 37.45 -21.98
C LEU B 35 -33.19 36.11 -21.77
N ASN B 36 -33.28 35.30 -22.81
CA ASN B 36 -33.76 33.96 -22.63
C ASN B 36 -32.82 33.24 -21.67
N ARG B 37 -31.54 33.58 -21.80
CA ARG B 37 -30.45 32.96 -21.05
C ARG B 37 -30.05 33.77 -19.80
N PHE B 38 -31.03 34.50 -19.26
CA PHE B 38 -30.82 35.32 -18.08
C PHE B 38 -31.96 35.03 -17.15
N ASN B 39 -32.90 34.23 -17.64
CA ASN B 39 -34.08 33.87 -16.87
C ASN B 39 -33.69 32.82 -15.86
N PHE B 40 -34.43 32.77 -14.76
CA PHE B 40 -34.15 31.84 -13.68
C PHE B 40 -32.73 32.00 -13.14
N GLN B 41 -32.17 33.17 -13.42
CA GLN B 41 -30.97 33.64 -12.73
C GLN B 41 -31.45 34.23 -11.43
N ASN B 42 -30.55 34.92 -10.74
CA ASN B 42 -30.92 35.51 -9.46
C ASN B 42 -31.90 36.67 -9.61
N THR B 43 -32.99 36.59 -8.85
CA THR B 43 -33.90 37.71 -8.64
C THR B 43 -33.27 38.61 -7.59
N ASN B 44 -33.96 39.67 -7.18
CA ASN B 44 -33.42 40.56 -6.15
C ASN B 44 -33.74 40.12 -4.73
N THR B 45 -34.55 39.07 -4.61
CA THR B 45 -34.88 38.50 -3.30
C THR B 45 -34.65 36.98 -3.25
N ARG B 46 -34.44 36.37 -4.42
CA ARG B 46 -34.23 34.92 -4.54
C ARG B 46 -32.93 34.59 -5.29
N SER B 47 -32.17 33.60 -4.81
CA SER B 47 -30.93 33.19 -5.49
C SER B 47 -31.13 31.98 -6.40
N ALA B 48 -30.59 32.06 -7.61
CA ALA B 48 -30.78 31.01 -8.60
C ALA B 48 -30.37 29.66 -8.05
N LEU B 49 -29.36 29.63 -7.17
CA LEU B 49 -29.03 28.39 -6.45
C LEU B 49 -30.21 27.92 -5.57
N LYS B 50 -30.80 28.85 -4.81
CA LYS B 50 -31.91 28.54 -3.93
C LYS B 50 -33.16 28.21 -4.72
N LEU B 51 -33.32 28.91 -5.84
CA LEU B 51 -34.42 28.66 -6.76
C LEU B 51 -34.34 27.21 -7.29
N VAL B 52 -33.15 26.79 -7.71
CA VAL B 52 -32.90 25.42 -8.14
C VAL B 52 -32.97 24.41 -6.98
N ARG B 53 -32.31 24.77 -5.87
CA ARG B 53 -32.21 23.91 -4.69
C ARG B 53 -33.57 23.52 -4.15
N GLU B 54 -34.39 24.53 -3.86
CA GLU B 54 -35.73 24.34 -3.29
C GLU B 54 -36.65 23.56 -4.26
N SER B 55 -36.51 23.86 -5.55
CA SER B 55 -37.37 23.29 -6.57
C SER B 55 -37.30 21.78 -6.57
N GLU B 56 -36.09 21.23 -6.46
CA GLU B 56 -35.90 19.79 -6.49
C GLU B 56 -36.58 19.17 -5.29
N LEU B 57 -36.47 19.85 -4.16
CA LEU B 57 -37.03 19.35 -2.91
C LEU B 57 -38.55 19.25 -3.01
N LEU B 58 -39.14 20.21 -3.73
CA LEU B 58 -40.57 20.21 -4.04
C LEU B 58 -40.84 19.31 -5.23
N GLY B 59 -39.79 19.07 -6.02
CA GLY B 59 -39.85 18.19 -7.18
C GLY B 59 -40.27 18.81 -8.49
N GLY B 60 -39.71 19.96 -8.86
CA GLY B 60 -40.11 20.62 -10.09
C GLY B 60 -39.00 21.41 -10.78
N THR B 61 -39.13 21.61 -12.09
CA THR B 61 -38.05 22.26 -12.85
C THR B 61 -38.53 23.34 -13.82
N PHE B 62 -37.65 24.29 -14.12
CA PHE B 62 -37.98 25.47 -14.91
C PHE B 62 -37.16 25.48 -16.18
N LYS B 63 -37.60 26.23 -17.18
CA LYS B 63 -36.96 26.22 -18.50
C LYS B 63 -37.36 27.43 -19.33
N SER B 64 -36.43 28.35 -19.55
CA SER B 64 -36.64 29.44 -20.51
C SER B 64 -36.36 28.98 -21.95
N THR B 65 -37.40 29.01 -22.79
CA THR B 65 -37.35 28.61 -24.20
C THR B 65 -37.42 29.82 -25.13
N LEU B 66 -36.55 29.86 -26.14
CA LEU B 66 -36.58 30.93 -27.14
C LEU B 66 -37.10 30.42 -28.48
N ASP B 67 -37.73 31.32 -29.25
CA ASP B 67 -37.95 31.15 -30.69
C ASP B 67 -38.23 32.50 -31.34
N ARG B 68 -38.54 32.51 -32.65
CA ARG B 68 -38.80 33.73 -33.40
C ARG B 68 -39.85 34.63 -32.75
N GLU B 69 -40.81 34.02 -32.07
CA GLU B 69 -41.92 34.79 -31.49
C GLU B 69 -41.89 34.88 -29.96
N TYR B 70 -41.56 33.76 -29.30
CA TYR B 70 -41.73 33.65 -27.85
C TYR B 70 -40.44 33.74 -27.03
N ILE B 71 -40.63 33.89 -25.73
CA ILE B 71 -39.63 33.61 -24.72
C ILE B 71 -40.43 32.88 -23.63
N THR B 72 -40.85 31.66 -23.92
CA THR B 72 -41.76 30.92 -23.03
C THR B 72 -41.16 30.45 -21.68
N LEU B 73 -41.39 31.20 -20.61
CA LEU B 73 -40.84 30.87 -19.29
C LEU B 73 -41.52 29.68 -18.57
N LYS B 74 -41.72 28.57 -19.29
CA LYS B 74 -42.40 27.38 -18.76
C LYS B 74 -41.84 26.82 -17.44
N ALA B 75 -42.71 26.27 -16.58
CA ALA B 75 -42.25 25.41 -15.50
C ALA B 75 -42.87 24.02 -15.61
N THR B 76 -42.61 23.15 -14.64
CA THR B 76 -43.16 21.79 -14.64
C THR B 76 -42.97 21.17 -13.29
N PHE B 77 -44.05 20.68 -12.69
CA PHE B 77 -43.99 20.26 -11.28
C PHE B 77 -44.99 19.17 -10.90
N LEU B 78 -44.99 18.84 -9.60
CA LEU B 78 -46.05 18.05 -9.01
C LEU B 78 -47.18 19.03 -8.70
N LYS B 79 -48.42 18.55 -8.74
CA LYS B 79 -49.60 19.43 -8.81
C LYS B 79 -49.80 20.37 -7.62
N ASP B 80 -49.76 19.79 -6.43
CA ASP B 80 -50.12 20.49 -5.21
C ASP B 80 -49.31 21.77 -4.93
N ASP B 81 -48.41 22.14 -5.83
CA ASP B 81 -47.45 23.21 -5.52
C ASP B 81 -47.52 24.41 -6.45
N LEU B 82 -48.50 24.40 -7.36
CA LEU B 82 -48.65 25.43 -8.40
C LEU B 82 -48.28 26.90 -8.06
N PRO B 83 -48.69 27.41 -6.90
CA PRO B 83 -48.35 28.82 -6.65
C PRO B 83 -46.86 29.12 -6.55
N TYR B 84 -46.07 28.13 -6.12
CA TYR B 84 -44.63 28.32 -5.97
C TYR B 84 -44.01 28.70 -7.32
N TYR B 85 -44.24 27.83 -8.30
CA TYR B 85 -43.71 28.01 -9.64
C TYR B 85 -44.42 29.15 -10.36
N VAL B 86 -45.67 29.42 -9.94
CA VAL B 86 -46.44 30.55 -10.42
C VAL B 86 -45.79 31.86 -10.00
N ASN B 87 -45.61 32.03 -8.69
CA ASN B 87 -44.92 33.21 -8.17
C ASN B 87 -43.48 33.29 -8.63
N ALA B 88 -42.85 32.12 -8.78
CA ALA B 88 -41.51 32.00 -9.31
C ALA B 88 -41.40 32.75 -10.64
N LEU B 89 -42.16 32.28 -11.63
CA LEU B 89 -42.09 32.85 -12.98
C LEU B 89 -42.31 34.35 -12.92
N ALA B 90 -43.31 34.73 -12.15
CA ALA B 90 -43.63 36.13 -11.88
C ALA B 90 -42.42 36.91 -11.32
N ASP B 91 -41.85 36.37 -10.25
CA ASP B 91 -40.68 36.96 -9.60
C ASP B 91 -39.50 37.13 -10.57
N VAL B 92 -39.36 36.21 -11.53
CA VAL B 92 -38.31 36.32 -12.55
C VAL B 92 -38.59 37.51 -13.45
N LEU B 93 -39.86 37.68 -13.83
CA LEU B 93 -40.29 38.71 -14.78
C LEU B 93 -40.11 40.13 -14.25
N TYR B 94 -40.33 40.28 -12.95
CA TYR B 94 -40.30 41.58 -12.33
C TYR B 94 -38.88 42.00 -11.93
N LYS B 95 -38.15 41.10 -11.25
CA LYS B 95 -37.00 41.55 -10.47
C LYS B 95 -35.71 40.73 -10.60
N THR B 96 -35.45 40.09 -11.74
CA THR B 96 -34.19 39.36 -11.88
C THR B 96 -33.00 40.32 -11.77
N ALA B 97 -32.07 39.97 -10.88
CA ALA B 97 -30.96 40.83 -10.43
C ALA B 97 -30.22 41.58 -11.53
N PHE B 98 -30.03 40.90 -12.67
CA PHE B 98 -29.27 41.44 -13.80
C PHE B 98 -27.97 42.11 -13.33
N LYS B 99 -27.16 41.31 -12.63
CA LYS B 99 -25.86 41.76 -12.13
C LYS B 99 -24.82 41.65 -13.24
N PRO B 100 -23.81 42.53 -13.22
CA PRO B 100 -22.72 42.49 -14.21
C PRO B 100 -22.06 41.10 -14.27
N HIS B 101 -21.74 40.52 -13.11
CA HIS B 101 -21.07 39.25 -13.09
C HIS B 101 -21.93 38.09 -13.56
N GLU B 102 -23.22 38.12 -13.26
CA GLU B 102 -24.09 37.03 -13.69
C GLU B 102 -24.04 36.90 -15.19
N LEU B 103 -23.77 38.02 -15.86
CA LEU B 103 -23.59 38.05 -17.31
C LEU B 103 -22.32 37.31 -17.75
N THR B 104 -21.17 37.82 -17.29
CA THR B 104 -19.88 37.34 -17.77
C THR B 104 -19.60 35.89 -17.37
N GLU B 105 -20.26 35.42 -16.33
CA GLU B 105 -19.95 34.10 -15.82
C GLU B 105 -21.09 33.13 -16.04
N SER B 106 -22.20 33.57 -16.60
CA SER B 106 -23.31 32.63 -16.75
C SER B 106 -24.20 32.91 -17.95
N VAL B 107 -24.34 34.18 -18.32
CA VAL B 107 -25.19 34.55 -19.46
C VAL B 107 -24.43 34.47 -20.78
N LEU B 108 -23.45 35.37 -20.94
CA LEU B 108 -22.58 35.33 -22.14
C LEU B 108 -22.03 33.91 -22.43
N PRO B 109 -21.34 33.26 -21.45
CA PRO B 109 -21.01 31.85 -21.58
C PRO B 109 -22.12 30.98 -22.16
N ALA B 110 -23.21 30.83 -21.43
CA ALA B 110 -24.30 29.96 -21.88
C ALA B 110 -24.76 30.35 -23.29
N ALA B 111 -24.58 31.63 -23.63
CA ALA B 111 -25.01 32.15 -24.91
C ALA B 111 -24.09 31.64 -26.01
N ARG B 112 -22.78 31.77 -25.75
CA ARG B 112 -21.72 31.29 -26.64
C ARG B 112 -21.89 29.82 -27.07
N TYR B 113 -22.30 28.96 -26.15
CA TYR B 113 -22.45 27.53 -26.41
C TYR B 113 -23.62 27.20 -27.33
N ASP B 114 -24.71 27.95 -27.18
CA ASP B 114 -25.89 27.74 -28.02
C ASP B 114 -25.50 27.95 -29.49
N TYR B 115 -24.86 29.09 -29.74
CA TYR B 115 -24.34 29.44 -31.04
C TYR B 115 -23.29 28.43 -31.54
N ALA B 116 -22.62 27.75 -30.61
CA ALA B 116 -21.62 26.76 -30.97
C ALA B 116 -22.26 25.58 -31.68
N VAL B 117 -23.32 25.03 -31.09
CA VAL B 117 -24.06 23.91 -31.66
C VAL B 117 -24.82 24.36 -32.91
N ALA B 118 -25.03 25.67 -33.00
CA ALA B 118 -25.63 26.29 -34.17
C ALA B 118 -24.68 26.20 -35.36
N GLU B 119 -23.46 26.71 -35.17
CA GLU B 119 -22.47 26.77 -36.27
C GLU B 119 -22.06 25.40 -36.79
N GLN B 120 -22.57 24.33 -36.17
CA GLN B 120 -22.36 22.98 -36.68
C GLN B 120 -23.67 22.31 -37.15
N CYS B 121 -24.63 23.14 -37.56
CA CYS B 121 -25.83 22.65 -38.23
C CYS B 121 -26.23 23.66 -39.29
N PRO B 122 -25.97 23.33 -40.57
CA PRO B 122 -26.19 24.23 -41.72
C PRO B 122 -27.67 24.48 -42.07
N VAL B 123 -28.55 23.53 -41.78
CA VAL B 123 -29.99 23.73 -41.98
C VAL B 123 -30.46 24.98 -41.23
N LYS B 124 -30.02 25.10 -39.98
CA LYS B 124 -30.31 26.27 -39.17
C LYS B 124 -29.54 27.49 -39.65
N SER B 125 -28.29 27.27 -40.08
CA SER B 125 -27.44 28.34 -40.61
C SER B 125 -28.21 29.11 -41.69
N ALA B 126 -28.95 28.35 -42.52
CA ALA B 126 -29.74 28.90 -43.62
C ALA B 126 -31.15 29.34 -43.24
N GLU B 127 -31.77 28.69 -42.25
CA GLU B 127 -33.09 29.09 -41.78
C GLU B 127 -33.06 30.49 -41.13
N ASP B 128 -31.87 31.01 -40.90
CA ASP B 128 -31.70 32.39 -40.46
C ASP B 128 -31.37 33.23 -41.68
N GLN B 129 -31.00 32.54 -42.75
CA GLN B 129 -30.69 33.21 -44.00
C GLN B 129 -31.99 33.52 -44.76
N LEU B 130 -32.94 32.57 -44.75
CA LEU B 130 -34.28 32.79 -45.26
C LEU B 130 -34.89 34.07 -44.70
N TYR B 131 -35.19 34.04 -43.40
CA TYR B 131 -35.84 35.13 -42.71
C TYR B 131 -35.18 36.50 -42.92
N ALA B 132 -33.86 36.54 -42.85
CA ALA B 132 -33.13 37.82 -42.90
C ALA B 132 -32.97 38.40 -44.30
N ILE B 133 -33.42 37.66 -45.32
CA ILE B 133 -33.42 38.16 -46.69
C ILE B 133 -34.85 38.31 -47.22
N THR B 134 -35.76 37.45 -46.75
CA THR B 134 -37.17 37.58 -47.08
C THR B 134 -37.82 38.71 -46.24
N PHE B 135 -38.16 38.43 -44.98
CA PHE B 135 -38.85 39.43 -44.15
C PHE B 135 -37.96 40.62 -43.78
N ARG B 136 -36.66 40.39 -43.65
CA ARG B 136 -35.70 41.41 -43.20
C ARG B 136 -35.95 41.92 -41.76
N LYS B 137 -35.40 43.09 -41.43
CA LYS B 137 -35.31 43.62 -40.05
C LYS B 137 -36.39 43.21 -39.01
N GLY B 138 -37.56 42.77 -39.48
CA GLY B 138 -38.59 42.26 -38.60
C GLY B 138 -38.29 40.84 -38.19
N LEU B 139 -39.08 39.89 -38.69
CA LEU B 139 -38.87 38.48 -38.38
C LEU B 139 -37.57 37.95 -39.02
N GLY B 140 -36.91 38.80 -39.79
CA GLY B 140 -35.62 38.46 -40.38
C GLY B 140 -34.47 38.88 -39.50
N ASN B 141 -34.68 38.76 -38.19
CA ASN B 141 -33.69 39.04 -37.18
C ASN B 141 -32.89 37.80 -36.81
N PRO B 142 -31.62 38.00 -36.42
CA PRO B 142 -30.77 36.89 -35.93
C PRO B 142 -31.40 36.26 -34.68
N LEU B 143 -31.72 34.96 -34.73
CA LEU B 143 -32.33 34.28 -33.59
C LEU B 143 -31.45 34.34 -32.31
N LEU B 144 -30.29 33.68 -32.36
CA LEU B 144 -29.33 33.66 -31.25
C LEU B 144 -28.15 34.64 -31.43
N TYR B 145 -27.60 35.13 -30.32
CA TYR B 145 -26.52 36.13 -30.27
C TYR B 145 -25.29 35.73 -31.12
N ASP B 146 -24.48 36.71 -31.53
CA ASP B 146 -23.24 36.40 -32.25
C ASP B 146 -22.19 37.48 -32.18
N GLY B 147 -22.22 38.32 -31.15
CA GLY B 147 -21.17 39.30 -30.92
C GLY B 147 -20.88 40.31 -32.02
N VAL B 148 -21.49 40.18 -33.21
CA VAL B 148 -21.29 41.14 -34.30
C VAL B 148 -21.82 42.52 -33.93
N GLU B 149 -22.81 42.53 -33.04
CA GLU B 149 -23.39 43.75 -32.50
C GLU B 149 -23.28 43.71 -30.98
N ARG B 150 -22.49 44.62 -30.42
CA ARG B 150 -22.13 44.56 -29.01
C ARG B 150 -23.29 44.86 -28.08
N VAL B 151 -24.09 43.83 -27.78
CA VAL B 151 -25.18 43.99 -26.82
C VAL B 151 -24.64 44.07 -25.40
N SER B 152 -24.46 45.30 -24.90
CA SER B 152 -24.08 45.50 -23.52
C SER B 152 -25.17 44.96 -22.56
N LEU B 153 -24.92 45.05 -21.25
CA LEU B 153 -25.85 44.56 -20.21
C LEU B 153 -27.01 45.53 -20.03
N GLN B 154 -26.78 46.79 -20.41
CA GLN B 154 -27.81 47.80 -20.48
C GLN B 154 -28.86 47.40 -21.51
N ASP B 155 -28.40 47.06 -22.71
CA ASP B 155 -29.25 46.64 -23.82
C ASP B 155 -30.03 45.36 -23.52
N ILE B 156 -29.59 44.60 -22.53
CA ILE B 156 -30.29 43.37 -22.14
C ILE B 156 -31.39 43.73 -21.17
N LYS B 157 -31.13 44.80 -20.41
CA LYS B 157 -32.07 45.29 -19.39
C LYS B 157 -33.25 46.08 -19.99
N ASP B 158 -32.96 46.97 -20.94
CA ASP B 158 -34.00 47.67 -21.66
C ASP B 158 -35.00 46.68 -22.25
N PHE B 159 -34.47 45.66 -22.92
CA PHE B 159 -35.29 44.64 -23.57
C PHE B 159 -36.13 43.84 -22.56
N ALA B 160 -35.76 43.93 -21.28
CA ALA B 160 -36.50 43.23 -20.24
C ALA B 160 -37.65 44.12 -19.78
N ASP B 161 -37.38 45.42 -19.70
CA ASP B 161 -38.41 46.41 -19.42
C ASP B 161 -39.45 46.40 -20.55
N LYS B 162 -38.98 46.23 -21.77
CA LYS B 162 -39.84 46.22 -22.94
C LYS B 162 -40.80 45.04 -22.92
N VAL B 163 -40.26 43.85 -23.08
CA VAL B 163 -41.05 42.66 -23.41
C VAL B 163 -41.78 42.08 -22.22
N TYR B 164 -41.37 42.48 -21.02
CA TYR B 164 -42.01 42.01 -19.80
C TYR B 164 -43.13 42.97 -19.32
N THR B 165 -44.27 42.91 -20.02
CA THR B 165 -45.44 43.75 -19.76
C THR B 165 -46.76 42.95 -19.79
N LYS B 166 -47.78 43.44 -19.06
CA LYS B 166 -49.07 42.76 -18.94
C LYS B 166 -49.72 42.52 -20.30
N GLU B 167 -49.74 43.60 -21.10
CA GLU B 167 -50.36 43.57 -22.40
C GLU B 167 -49.47 42.87 -23.43
N ASN B 168 -48.43 42.19 -22.96
CA ASN B 168 -47.48 41.50 -23.83
C ASN B 168 -47.15 40.06 -23.43
N LEU B 169 -47.97 39.48 -22.56
CA LEU B 169 -47.78 38.08 -22.17
C LEU B 169 -49.06 37.26 -22.23
N GLU B 170 -48.92 35.95 -22.14
CA GLU B 170 -50.06 35.04 -22.11
C GLU B 170 -49.77 33.80 -21.25
N VAL B 171 -50.13 33.84 -19.98
CA VAL B 171 -50.11 32.66 -19.11
C VAL B 171 -50.84 31.47 -19.74
N SER B 172 -50.25 30.28 -19.62
CA SER B 172 -50.94 29.06 -20.05
C SER B 172 -51.08 28.12 -18.86
N GLY B 173 -51.32 26.84 -19.13
CA GLY B 173 -51.52 25.88 -18.06
C GLY B 173 -52.11 24.58 -18.55
N GLU B 174 -51.59 23.48 -18.02
CA GLU B 174 -52.04 22.15 -18.37
C GLU B 174 -52.05 21.35 -17.08
N ASN B 175 -53.14 20.64 -16.82
CA ASN B 175 -53.36 20.02 -15.52
C ASN B 175 -53.34 21.04 -14.38
N VAL B 176 -53.59 22.30 -14.73
CA VAL B 176 -53.80 23.39 -13.77
C VAL B 176 -55.30 23.72 -13.74
N VAL B 177 -55.81 24.08 -12.55
CA VAL B 177 -57.20 24.50 -12.41
C VAL B 177 -57.33 26.01 -12.59
N GLU B 178 -58.03 26.40 -13.66
CA GLU B 178 -58.10 27.77 -14.16
C GLU B 178 -58.34 28.88 -13.12
N ALA B 179 -59.22 28.60 -12.15
CA ALA B 179 -59.51 29.57 -11.11
C ALA B 179 -58.28 29.73 -10.22
N ASP B 180 -57.62 28.62 -9.94
CA ASP B 180 -56.44 28.64 -9.09
C ASP B 180 -55.36 29.50 -9.76
N LEU B 181 -55.24 29.37 -11.07
CA LEU B 181 -54.24 30.13 -11.82
C LEU B 181 -54.51 31.64 -11.76
N LYS B 182 -55.68 32.05 -12.24
CA LYS B 182 -56.12 33.45 -12.21
C LYS B 182 -55.94 34.16 -10.86
N ARG B 183 -56.21 33.43 -9.77
CA ARG B 183 -56.06 33.99 -8.42
C ARG B 183 -54.61 34.22 -8.05
N PHE B 184 -53.82 33.16 -8.17
CA PHE B 184 -52.42 33.19 -7.83
C PHE B 184 -51.65 34.06 -8.82
N VAL B 185 -52.12 34.10 -10.06
CA VAL B 185 -51.61 35.03 -11.07
C VAL B 185 -51.80 36.48 -10.60
N ASP B 186 -52.99 36.76 -10.07
CA ASP B 186 -53.34 38.10 -9.61
C ASP B 186 -52.65 38.50 -8.29
N GLU B 187 -52.53 37.54 -7.37
CA GLU B 187 -51.80 37.75 -6.11
C GLU B 187 -50.27 37.76 -6.30
N SER B 188 -49.81 37.34 -7.48
CA SER B 188 -48.40 37.33 -7.80
C SER B 188 -47.92 38.68 -8.33
N LEU B 189 -46.60 38.88 -8.34
CA LEU B 189 -45.97 40.10 -8.87
C LEU B 189 -46.34 40.36 -10.33
N LEU B 190 -46.86 39.33 -10.99
CA LEU B 190 -47.32 39.41 -12.38
C LEU B 190 -48.21 40.64 -12.59
N SER B 191 -49.26 40.76 -11.78
CA SER B 191 -50.21 41.87 -11.89
C SER B 191 -49.57 43.23 -11.62
N THR B 192 -48.47 43.25 -10.86
CA THR B 192 -47.79 44.51 -10.53
C THR B 192 -46.85 44.94 -11.66
N LEU B 193 -46.58 44.02 -12.59
CA LEU B 193 -45.76 44.32 -13.76
C LEU B 193 -46.36 45.48 -14.56
N PRO B 194 -45.56 46.54 -14.80
CA PRO B 194 -45.92 47.62 -15.72
C PRO B 194 -46.60 47.10 -16.99
N ALA B 195 -47.88 47.43 -17.14
CA ALA B 195 -48.73 46.87 -18.18
C ALA B 195 -48.24 47.17 -19.59
N GLY B 196 -47.79 48.41 -19.80
CA GLY B 196 -47.32 48.85 -21.11
C GLY B 196 -48.35 48.58 -22.19
N LYS B 197 -47.89 48.04 -23.32
CA LYS B 197 -48.76 47.74 -24.45
C LYS B 197 -48.21 46.50 -25.16
N SER B 198 -48.92 46.04 -26.20
CA SER B 198 -48.47 44.86 -26.94
C SER B 198 -47.49 45.23 -28.05
N LEU B 199 -46.95 44.21 -28.70
CA LEU B 199 -46.05 44.37 -29.84
C LEU B 199 -46.49 43.37 -30.88
N VAL B 200 -47.49 42.58 -30.52
CA VAL B 200 -48.07 41.58 -31.39
C VAL B 200 -48.52 42.24 -32.69
N SER B 201 -48.14 41.64 -33.82
CA SER B 201 -48.40 42.23 -35.12
C SER B 201 -49.69 41.66 -35.73
N LYS B 202 -50.71 42.51 -35.83
CA LYS B 202 -51.96 42.18 -36.51
C LYS B 202 -51.85 42.57 -37.98
N SER B 203 -51.22 43.72 -38.22
CA SER B 203 -50.90 44.17 -39.58
C SER B 203 -49.76 43.35 -40.20
N GLU B 204 -50.08 42.64 -41.27
CA GLU B 204 -49.15 41.72 -41.92
C GLU B 204 -47.79 42.35 -42.27
N PRO B 205 -46.74 41.51 -42.34
CA PRO B 205 -45.34 41.96 -42.49
C PRO B 205 -44.89 42.21 -43.93
N LYS B 206 -44.13 43.29 -44.15
CA LYS B 206 -43.47 43.54 -45.44
C LYS B 206 -42.54 42.38 -45.75
N PHE B 207 -42.67 41.82 -46.94
CA PHE B 207 -41.82 40.70 -47.33
C PHE B 207 -41.10 40.96 -48.65
N PHE B 208 -40.28 39.99 -49.05
CA PHE B 208 -39.54 40.08 -50.29
C PHE B 208 -39.60 38.73 -51.00
N LEU B 209 -39.37 38.75 -52.31
CA LEU B 209 -39.56 37.59 -53.16
C LEU B 209 -38.58 37.55 -54.32
N GLY B 210 -37.77 36.49 -54.38
CA GLY B 210 -36.76 36.33 -55.41
C GLY B 210 -35.37 36.68 -54.91
N GLU B 211 -35.29 37.02 -53.62
CA GLU B 211 -34.03 37.39 -52.96
C GLU B 211 -33.14 36.16 -52.74
N GLU B 212 -31.84 36.31 -52.95
CA GLU B 212 -30.94 35.21 -52.70
C GLU B 212 -29.61 35.62 -52.07
N ASN B 213 -29.13 34.73 -51.20
CA ASN B 213 -27.88 34.88 -50.46
C ASN B 213 -27.23 33.50 -50.22
N ARG B 214 -25.90 33.45 -50.29
CA ARG B 214 -25.18 32.18 -50.19
C ARG B 214 -24.11 32.19 -49.07
N VAL B 215 -23.78 31.01 -48.52
CA VAL B 215 -22.83 30.95 -47.39
C VAL B 215 -21.66 29.99 -47.58
N ARG B 216 -20.46 30.47 -47.24
CA ARG B 216 -19.26 29.63 -47.22
C ARG B 216 -19.22 28.78 -45.94
N PHE B 217 -19.48 27.49 -46.06
CA PHE B 217 -19.55 26.64 -44.88
C PHE B 217 -18.73 25.35 -44.99
N ILE B 218 -18.07 24.96 -43.90
CA ILE B 218 -17.43 23.65 -43.88
C ILE B 218 -18.31 22.65 -43.14
N GLY B 219 -18.98 21.79 -43.90
CA GLY B 219 -19.84 20.79 -43.32
C GLY B 219 -20.64 20.11 -44.40
N ASP B 220 -21.82 19.61 -44.05
CA ASP B 220 -22.76 19.11 -45.05
C ASP B 220 -23.15 20.28 -45.94
N SER B 221 -23.62 19.96 -47.15
CA SER B 221 -24.09 20.96 -48.08
C SER B 221 -25.61 21.00 -47.96
N VAL B 222 -26.17 22.21 -47.94
CA VAL B 222 -27.62 22.39 -47.86
C VAL B 222 -28.07 23.62 -48.67
N ALA B 223 -29.19 23.50 -49.39
CA ALA B 223 -29.83 24.63 -50.06
C ALA B 223 -31.27 24.82 -49.56
N ALA B 224 -31.72 26.06 -49.47
CA ALA B 224 -33.01 26.38 -48.83
C ALA B 224 -33.85 27.52 -49.44
N ILE B 225 -35.17 27.31 -49.52
CA ILE B 225 -36.10 28.31 -50.07
C ILE B 225 -36.96 28.99 -49.00
N GLY B 226 -37.56 30.13 -49.36
CA GLY B 226 -38.36 30.90 -48.42
C GLY B 226 -39.55 31.60 -49.05
N ILE B 227 -40.74 31.33 -48.49
CA ILE B 227 -42.00 31.79 -49.08
C ILE B 227 -42.87 32.56 -48.09
N PRO B 228 -42.99 33.89 -48.29
CA PRO B 228 -43.83 34.82 -47.52
C PRO B 228 -45.33 34.54 -47.57
N VAL B 229 -45.78 33.37 -47.10
CA VAL B 229 -47.19 32.98 -47.21
C VAL B 229 -48.11 33.90 -46.38
N ASN B 230 -49.41 33.82 -46.62
CA ASN B 230 -50.38 34.73 -46.00
C ASN B 230 -51.05 34.18 -44.73
N LYS B 231 -51.98 34.96 -44.17
CA LYS B 231 -52.83 34.47 -43.08
C LYS B 231 -53.84 33.49 -43.67
N ALA B 232 -54.00 33.58 -44.99
CA ALA B 232 -54.85 32.67 -45.75
C ALA B 232 -54.08 31.40 -46.13
N SER B 233 -52.97 31.58 -46.86
CA SER B 233 -52.11 30.49 -47.36
C SER B 233 -51.59 29.54 -46.27
N LEU B 234 -52.02 29.78 -45.03
CA LEU B 234 -51.60 28.99 -43.88
C LEU B 234 -51.86 27.49 -44.06
N ALA B 235 -53.13 27.11 -44.11
CA ALA B 235 -53.48 25.69 -44.15
C ALA B 235 -53.08 24.99 -45.45
N GLN B 236 -52.76 25.77 -46.48
CA GLN B 236 -52.31 25.23 -47.77
C GLN B 236 -50.93 24.60 -47.66
N TYR B 237 -49.97 25.41 -47.21
CA TYR B 237 -48.60 24.93 -47.06
C TYR B 237 -48.46 23.93 -45.90
N GLU B 238 -49.51 23.82 -45.08
CA GLU B 238 -49.57 22.82 -44.03
C GLU B 238 -49.88 21.44 -44.58
N VAL B 239 -50.78 21.38 -45.55
CA VAL B 239 -51.08 20.12 -46.23
C VAL B 239 -50.04 19.83 -47.30
N LEU B 240 -49.17 20.81 -47.55
CA LEU B 240 -48.07 20.66 -48.51
C LEU B 240 -46.86 20.02 -47.85
N ALA B 241 -46.38 20.66 -46.79
CA ALA B 241 -45.24 20.18 -46.02
C ALA B 241 -45.46 18.77 -45.47
N ASN B 242 -46.70 18.48 -45.07
CA ASN B 242 -47.04 17.18 -44.53
C ASN B 242 -47.16 16.12 -45.62
N TYR B 243 -47.31 16.56 -46.87
CA TYR B 243 -47.32 15.67 -48.02
C TYR B 243 -45.88 15.44 -48.49
N LEU B 244 -45.10 16.51 -48.50
CA LEU B 244 -43.71 16.43 -48.92
C LEU B 244 -42.88 15.58 -47.95
N THR B 245 -43.33 15.52 -46.69
CA THR B 245 -42.65 14.79 -45.62
C THR B 245 -43.26 13.38 -45.44
N SER B 246 -44.16 13.02 -46.36
CA SER B 246 -44.88 11.76 -46.25
C SER B 246 -44.66 10.83 -47.45
N ALA B 247 -45.23 9.63 -47.35
CA ALA B 247 -45.00 8.56 -48.32
C ALA B 247 -45.81 8.73 -49.61
N LEU B 248 -46.63 9.76 -49.64
CA LEU B 248 -47.43 10.08 -50.82
C LEU B 248 -46.54 10.73 -51.86
N SER B 249 -45.96 11.87 -51.50
CA SER B 249 -45.04 12.56 -52.40
C SER B 249 -43.81 11.69 -52.68
N GLU B 250 -43.60 11.37 -53.95
CA GLU B 250 -42.48 10.52 -54.36
C GLU B 250 -41.15 11.18 -54.02
N LEU B 251 -41.16 12.50 -53.89
CA LEU B 251 -39.94 13.24 -53.59
C LEU B 251 -39.81 13.65 -52.12
N SER B 252 -40.21 12.75 -51.21
CA SER B 252 -39.95 12.94 -49.79
C SER B 252 -38.53 12.46 -49.49
N GLY B 253 -38.00 11.64 -50.38
CA GLY B 253 -36.64 11.14 -50.27
C GLY B 253 -35.69 11.90 -51.19
N LEU B 254 -36.03 13.15 -51.45
CA LEU B 254 -35.16 14.06 -52.18
C LEU B 254 -35.09 15.39 -51.45
N ILE B 255 -35.90 15.50 -50.40
CA ILE B 255 -35.89 16.66 -49.52
C ILE B 255 -35.60 16.25 -48.08
N SER B 256 -34.53 16.80 -47.51
CA SER B 256 -34.17 16.47 -46.15
C SER B 256 -35.14 17.12 -45.16
N SER B 257 -35.53 18.35 -45.42
CA SER B 257 -36.45 19.06 -44.52
C SER B 257 -37.44 19.95 -45.24
N ALA B 258 -38.63 20.10 -44.66
CA ALA B 258 -39.70 20.96 -45.20
C ALA B 258 -40.81 21.15 -44.18
N LYS B 259 -41.07 22.40 -43.82
CA LYS B 259 -42.15 22.71 -42.88
C LYS B 259 -42.56 24.18 -42.93
N LEU B 260 -43.79 24.47 -42.52
CA LEU B 260 -44.31 25.84 -42.45
C LEU B 260 -44.47 26.36 -41.03
N ASP B 261 -43.91 27.55 -40.78
CA ASP B 261 -44.04 28.19 -39.49
C ASP B 261 -45.37 28.93 -39.42
N LYS B 262 -45.87 29.16 -38.22
CA LYS B 262 -47.15 29.85 -38.03
C LYS B 262 -47.00 31.03 -37.08
N PHE B 263 -47.16 32.24 -37.62
CA PHE B 263 -47.30 33.44 -36.81
C PHE B 263 -48.76 33.88 -36.83
N THR B 264 -49.09 34.87 -36.01
CA THR B 264 -50.45 35.41 -35.95
C THR B 264 -50.64 36.49 -37.02
N ASP B 265 -49.71 36.56 -37.96
CA ASP B 265 -49.81 37.50 -39.07
C ASP B 265 -48.97 37.05 -40.27
N GLY B 266 -48.52 35.80 -40.24
CA GLY B 266 -47.72 35.27 -41.34
C GLY B 266 -47.25 33.85 -41.15
N GLY B 267 -46.19 33.48 -41.88
CA GLY B 267 -45.58 32.17 -41.76
C GLY B 267 -44.28 32.15 -42.55
N LEU B 268 -43.71 30.97 -42.76
CA LEU B 268 -42.62 30.83 -43.74
C LEU B 268 -42.44 29.39 -44.16
N PHE B 269 -42.51 29.15 -45.47
CA PHE B 269 -42.36 27.81 -46.00
C PHE B 269 -40.97 27.55 -46.56
N THR B 270 -40.16 26.91 -45.73
CA THR B 270 -38.79 26.61 -46.07
C THR B 270 -38.64 25.12 -46.33
N LEU B 271 -37.97 24.82 -47.45
CA LEU B 271 -37.58 23.46 -47.78
C LEU B 271 -36.06 23.34 -47.81
N PHE B 272 -35.54 22.41 -47.03
CA PHE B 272 -34.10 22.18 -46.95
C PHE B 272 -33.74 20.87 -47.62
N VAL B 273 -32.88 20.93 -48.64
CA VAL B 273 -32.22 19.73 -49.16
C VAL B 273 -30.76 19.74 -48.71
N ARG B 274 -30.42 18.83 -47.80
CA ARG B 274 -29.08 18.78 -47.22
C ARG B 274 -28.40 17.43 -47.42
N ASP B 275 -27.11 17.45 -47.77
CA ASP B 275 -26.28 16.25 -47.87
C ASP B 275 -24.79 16.61 -47.94
N GLN B 276 -23.92 15.66 -47.59
CA GLN B 276 -22.47 15.85 -47.70
C GLN B 276 -22.06 16.18 -49.14
N ASP B 277 -22.46 15.31 -50.07
CA ASP B 277 -22.17 15.52 -51.48
C ASP B 277 -22.77 16.84 -51.93
N SER B 278 -21.91 17.72 -52.45
CA SER B 278 -22.34 18.96 -53.05
C SER B 278 -23.09 18.69 -54.36
N ALA B 279 -22.93 17.48 -54.87
CA ALA B 279 -23.77 17.02 -55.99
C ALA B 279 -25.23 16.97 -55.55
N VAL B 280 -25.59 15.94 -54.77
CA VAL B 280 -26.98 15.64 -54.37
C VAL B 280 -27.84 16.88 -54.08
N VAL B 281 -27.20 18.01 -53.82
CA VAL B 281 -27.92 19.27 -53.68
C VAL B 281 -28.30 19.84 -55.05
N SER B 282 -27.41 19.73 -56.03
CA SER B 282 -27.73 20.16 -57.39
C SER B 282 -28.71 19.18 -58.07
N SER B 283 -28.69 17.92 -57.61
CA SER B 283 -29.47 16.84 -58.23
C SER B 283 -30.87 16.69 -57.64
N ASN B 284 -31.07 17.19 -56.42
CA ASN B 284 -32.38 17.11 -55.78
C ASN B 284 -32.96 18.48 -55.51
N ILE B 285 -32.49 19.47 -56.25
CA ILE B 285 -33.08 20.79 -56.17
C ILE B 285 -33.46 21.27 -57.58
N LYS B 286 -32.77 20.74 -58.58
CA LYS B 286 -33.16 21.02 -59.96
C LYS B 286 -34.47 20.30 -60.26
N LYS B 287 -34.75 19.26 -59.49
CA LYS B 287 -35.96 18.47 -59.67
C LYS B 287 -37.10 18.96 -58.80
N ILE B 288 -36.81 19.23 -57.53
CA ILE B 288 -37.83 19.63 -56.55
C ILE B 288 -38.58 20.91 -56.93
N VAL B 289 -37.83 21.94 -57.33
CA VAL B 289 -38.41 23.19 -57.80
C VAL B 289 -39.29 22.97 -59.05
N ALA B 290 -38.94 21.97 -59.84
CA ALA B 290 -39.73 21.63 -61.03
C ALA B 290 -41.07 20.98 -60.66
N ASP B 291 -41.00 19.76 -60.11
CA ASP B 291 -42.18 18.95 -59.77
C ASP B 291 -43.33 19.72 -59.09
N LEU B 292 -42.98 20.81 -58.40
CA LEU B 292 -43.97 21.63 -57.69
C LEU B 292 -44.64 22.65 -58.61
N LYS B 293 -43.82 23.36 -59.40
CA LYS B 293 -44.32 24.32 -60.39
C LYS B 293 -45.23 23.63 -61.39
N LYS B 294 -44.86 22.40 -61.75
CA LYS B 294 -45.67 21.54 -62.60
C LYS B 294 -47.09 21.46 -62.08
N GLY B 295 -47.22 21.33 -60.77
CA GLY B 295 -48.50 21.31 -60.11
C GLY B 295 -48.66 20.13 -59.16
N LYS B 296 -49.05 20.41 -57.93
CA LYS B 296 -49.23 19.33 -56.96
C LYS B 296 -50.62 19.37 -56.32
N ASP B 297 -51.43 18.37 -56.64
CA ASP B 297 -52.73 18.22 -56.01
C ASP B 297 -52.55 17.80 -54.55
N LEU B 298 -52.55 18.79 -53.67
CA LEU B 298 -52.24 18.57 -52.25
C LEU B 298 -53.38 17.91 -51.47
N SER B 299 -54.48 17.61 -52.16
CA SER B 299 -55.67 17.14 -51.47
C SER B 299 -55.62 15.74 -50.82
N PRO B 300 -55.02 14.73 -51.48
CA PRO B 300 -54.94 13.40 -50.83
C PRO B 300 -54.28 13.42 -49.44
N ALA B 301 -53.54 14.48 -49.14
CA ALA B 301 -52.93 14.66 -47.83
C ALA B 301 -53.69 15.71 -47.01
N ILE B 302 -54.99 15.48 -46.86
CA ILE B 302 -55.85 16.33 -46.04
C ILE B 302 -56.41 15.48 -44.88
N ASN B 303 -56.28 14.16 -45.02
CA ASN B 303 -56.58 13.24 -43.93
C ASN B 303 -55.35 13.13 -43.05
N TYR B 304 -54.19 13.17 -43.68
CA TYR B 304 -52.91 13.20 -42.98
C TYR B 304 -52.79 14.50 -42.20
N THR B 305 -52.61 15.59 -42.94
CA THR B 305 -52.30 16.92 -42.40
C THR B 305 -53.05 17.32 -41.13
N LYS B 306 -54.31 16.93 -41.05
CA LYS B 306 -55.10 17.21 -39.86
C LYS B 306 -54.53 16.47 -38.65
N LEU B 307 -54.28 15.18 -38.81
CA LEU B 307 -53.67 14.35 -37.77
C LEU B 307 -52.31 14.89 -37.34
N LYS B 308 -51.53 15.35 -38.32
CA LYS B 308 -50.19 15.86 -38.08
C LYS B 308 -50.22 17.33 -37.64
N ASN B 309 -51.40 17.81 -37.25
CA ASN B 309 -51.53 19.13 -36.63
C ASN B 309 -52.48 19.13 -35.43
N ALA B 310 -53.07 17.98 -35.16
CA ALA B 310 -53.86 17.78 -33.94
C ALA B 310 -53.03 17.00 -32.91
N VAL B 311 -51.86 16.53 -33.34
CA VAL B 311 -50.84 15.97 -32.43
C VAL B 311 -49.72 16.98 -32.19
N GLN B 312 -49.45 17.80 -33.19
CA GLN B 312 -48.44 18.85 -33.09
C GLN B 312 -48.84 19.90 -32.06
N ASN B 313 -50.11 20.27 -32.06
CA ASN B 313 -50.63 21.20 -31.08
C ASN B 313 -50.85 20.54 -29.72
N GLU B 314 -50.22 21.10 -28.70
CA GLU B 314 -50.40 20.64 -27.32
C GLU B 314 -50.27 21.87 -26.43
N SER B 315 -49.81 22.96 -27.02
CA SER B 315 -49.88 24.25 -26.35
C SER B 315 -51.33 24.71 -26.43
N VAL B 316 -51.91 25.11 -25.30
CA VAL B 316 -53.31 25.57 -25.27
C VAL B 316 -53.57 26.78 -26.18
N SER B 317 -52.49 27.35 -26.73
CA SER B 317 -52.58 28.47 -27.65
C SER B 317 -52.13 28.05 -29.07
N SER B 318 -53.04 28.12 -30.03
CA SER B 318 -52.74 27.68 -31.41
C SER B 318 -53.20 28.72 -32.44
N PRO B 319 -52.87 28.48 -33.74
CA PRO B 319 -53.47 29.30 -34.81
C PRO B 319 -54.69 28.64 -35.46
N ILE B 320 -55.08 29.15 -36.64
CA ILE B 320 -56.33 28.78 -37.32
C ILE B 320 -56.56 27.27 -37.53
N GLU B 321 -57.34 26.69 -36.61
CA GLU B 321 -57.70 25.27 -36.63
C GLU B 321 -58.48 24.88 -37.90
N LEU B 322 -59.76 25.23 -37.95
CA LEU B 322 -60.61 24.90 -39.09
C LEU B 322 -60.31 25.83 -40.27
N ASN B 323 -59.67 25.27 -41.29
CA ASN B 323 -59.23 26.01 -42.46
C ASN B 323 -58.73 24.97 -43.46
N PHE B 324 -58.73 23.72 -43.00
CA PHE B 324 -58.11 22.61 -43.71
C PHE B 324 -58.86 22.13 -44.95
N ASP B 325 -60.16 21.93 -44.81
CA ASP B 325 -60.95 21.23 -45.82
C ASP B 325 -61.03 21.94 -47.18
N ALA B 326 -60.63 23.21 -47.22
CA ALA B 326 -60.75 24.02 -48.44
C ALA B 326 -59.45 24.09 -49.26
N VAL B 327 -58.75 22.96 -49.37
CA VAL B 327 -57.51 22.91 -50.14
C VAL B 327 -57.66 22.02 -51.37
N LYS B 328 -56.78 22.22 -52.36
CA LYS B 328 -56.83 21.42 -53.57
C LYS B 328 -55.47 21.24 -54.27
N ASP B 329 -55.08 22.21 -55.07
CA ASP B 329 -53.92 22.07 -55.94
C ASP B 329 -52.81 23.06 -55.56
N PHE B 330 -51.56 22.70 -55.84
CA PHE B 330 -50.47 23.64 -55.61
C PHE B 330 -49.57 23.93 -56.83
N LYS B 331 -49.06 25.17 -56.85
CA LYS B 331 -48.18 25.67 -57.90
C LYS B 331 -47.22 26.70 -57.29
N LEU B 332 -45.92 26.47 -57.46
CA LEU B 332 -44.88 27.34 -56.91
C LEU B 332 -44.64 28.59 -57.77
N GLY B 333 -45.16 29.73 -57.31
CA GLY B 333 -45.08 30.97 -58.06
C GLY B 333 -43.71 31.64 -58.01
N LYS B 334 -43.48 32.40 -56.95
CA LYS B 334 -42.20 33.06 -56.74
C LYS B 334 -41.59 32.60 -55.41
N PHE B 335 -40.28 32.79 -55.23
CA PHE B 335 -39.59 32.28 -54.05
C PHE B 335 -38.18 32.85 -53.82
N ASN B 336 -37.70 32.76 -52.58
CA ASN B 336 -36.34 33.18 -52.22
C ASN B 336 -35.42 31.98 -51.99
N TYR B 337 -34.11 32.21 -52.06
CA TYR B 337 -33.14 31.09 -52.11
C TYR B 337 -31.86 31.31 -51.30
N VAL B 338 -31.52 30.33 -50.46
CA VAL B 338 -30.22 30.33 -49.79
C VAL B 338 -29.45 29.01 -49.96
N ALA B 339 -28.20 29.12 -50.41
CA ALA B 339 -27.36 27.94 -50.67
C ALA B 339 -26.20 27.92 -49.68
N VAL B 340 -25.98 26.75 -49.05
CA VAL B 340 -25.03 26.64 -47.94
C VAL B 340 -24.16 25.39 -48.05
N GLY B 341 -22.86 25.58 -47.87
CA GLY B 341 -21.91 24.50 -48.03
C GLY B 341 -20.95 24.84 -49.15
N ASP B 342 -20.88 23.98 -50.15
CA ASP B 342 -19.98 24.18 -51.28
C ASP B 342 -20.64 25.11 -52.30
N VAL B 343 -20.33 26.41 -52.22
CA VAL B 343 -20.97 27.42 -53.06
C VAL B 343 -20.57 27.38 -54.54
N SER B 344 -19.29 27.14 -54.82
CA SER B 344 -18.83 27.01 -56.19
C SER B 344 -19.30 25.72 -56.89
N ASN B 345 -19.97 24.85 -56.14
CA ASN B 345 -20.56 23.64 -56.74
C ASN B 345 -21.97 23.36 -56.24
N LEU B 346 -22.72 24.43 -55.99
CA LEU B 346 -24.14 24.36 -55.66
C LEU B 346 -24.95 25.32 -56.55
N PRO B 347 -26.20 24.94 -56.88
CA PRO B 347 -27.09 25.69 -57.77
C PRO B 347 -27.17 27.18 -57.50
N TYR B 348 -27.58 27.94 -58.51
CA TYR B 348 -27.94 29.32 -58.32
C TYR B 348 -29.43 29.47 -58.57
N LEU B 349 -29.99 30.59 -58.16
CA LEU B 349 -31.41 30.84 -58.36
C LEU B 349 -31.73 31.00 -59.84
N ASP B 350 -30.79 31.61 -60.56
CA ASP B 350 -30.96 31.86 -61.98
C ASP B 350 -31.13 30.58 -62.79
N GLU B 351 -30.78 29.44 -62.18
CA GLU B 351 -31.05 28.14 -62.80
C GLU B 351 -32.07 27.38 -61.97
N LEU B 352 -32.89 28.12 -61.24
CA LEU B 352 -33.93 27.54 -60.38
C LEU B 352 -35.22 28.37 -60.35
N MET C 1 -9.46 17.45 -8.75
CA MET C 1 -8.55 16.29 -8.73
C MET C 1 -8.48 15.54 -7.40
N ALA C 2 -7.85 14.38 -7.37
CA ALA C 2 -7.75 13.61 -6.13
C ALA C 2 -6.67 14.24 -5.26
N PHE C 3 -6.71 13.94 -3.96
CA PHE C 3 -5.77 14.55 -3.00
C PHE C 3 -4.33 14.10 -3.20
N ARG C 4 -4.14 12.79 -3.43
CA ARG C 4 -2.80 12.21 -3.58
C ARG C 4 -2.11 12.84 -4.78
N LYS C 5 -2.90 13.29 -5.75
CA LYS C 5 -2.35 14.00 -6.89
C LYS C 5 -2.08 15.45 -6.50
N SER C 6 -2.88 15.99 -5.61
CA SER C 6 -2.84 17.43 -5.37
C SER C 6 -1.78 17.81 -4.36
N ASN C 7 -1.59 16.94 -3.37
CA ASN C 7 -0.68 17.28 -2.29
C ASN C 7 0.76 17.45 -2.72
N VAL C 8 1.53 18.28 -2.04
CA VAL C 8 2.88 18.53 -2.50
C VAL C 8 3.71 17.25 -2.33
N TYR C 9 3.40 16.50 -1.28
CA TYR C 9 4.17 15.32 -0.91
C TYR C 9 3.57 14.13 -1.56
N LEU C 10 2.35 13.78 -1.22
CA LEU C 10 1.74 12.63 -1.87
C LEU C 10 1.72 12.63 -3.42
N SER C 11 1.96 13.75 -4.11
CA SER C 11 1.93 13.73 -5.55
C SER C 11 3.14 12.98 -6.08
N LEU C 12 4.26 13.10 -5.38
CA LEU C 12 5.46 12.37 -5.77
C LEU C 12 5.17 10.95 -5.51
N VAL C 13 4.78 10.64 -4.27
CA VAL C 13 4.44 9.28 -3.92
C VAL C 13 3.60 8.63 -4.97
N ASN C 14 2.59 9.35 -5.48
CA ASN C 14 1.66 8.81 -6.47
C ASN C 14 2.35 8.60 -7.78
N SER C 15 3.11 9.59 -8.18
CA SER C 15 3.67 9.63 -9.52
C SER C 15 4.95 8.78 -9.69
N TYR C 16 5.26 7.91 -8.73
CA TYR C 16 6.50 7.19 -8.82
C TYR C 16 6.22 5.85 -8.27
N ILE C 17 5.00 5.59 -7.82
CA ILE C 17 4.76 4.36 -7.07
C ILE C 17 3.30 3.92 -7.18
N ILE C 18 2.39 4.83 -7.55
CA ILE C 18 0.99 4.47 -7.69
C ILE C 18 0.40 4.63 -9.12
N ASP C 19 0.67 5.78 -9.73
CA ASP C 19 0.02 6.20 -10.96
C ASP C 19 0.99 6.15 -12.14
N SER C 20 2.21 5.72 -11.85
CA SER C 20 3.26 5.62 -12.85
C SER C 20 2.81 4.66 -13.93
N PRO C 21 2.90 5.09 -15.20
CA PRO C 21 2.58 4.27 -16.37
C PRO C 21 3.78 3.41 -16.88
N GLN C 22 3.69 2.12 -16.54
CA GLN C 22 4.71 1.15 -16.91
C GLN C 22 4.36 0.41 -18.22
N PRO C 23 5.39 -0.03 -18.99
CA PRO C 23 5.10 -0.92 -20.11
C PRO C 23 4.38 -2.18 -19.63
N SER C 24 3.41 -2.67 -20.39
CA SER C 24 2.51 -3.69 -19.89
C SER C 24 3.20 -5.03 -19.80
N SER C 25 4.36 -5.09 -20.45
CA SER C 25 5.00 -6.36 -20.86
C SER C 25 6.24 -6.74 -20.07
N ILE C 26 6.66 -5.88 -19.14
CA ILE C 26 7.93 -6.09 -18.41
C ILE C 26 7.83 -7.23 -17.41
N ASN C 27 8.92 -7.99 -17.28
CA ASN C 27 8.94 -9.24 -16.50
C ASN C 27 9.76 -9.13 -15.21
N TYR C 28 9.90 -10.25 -14.51
CA TYR C 28 10.54 -10.26 -13.20
C TYR C 28 11.96 -9.75 -13.16
N TRP C 29 12.55 -9.48 -14.32
CA TRP C 29 13.93 -8.94 -14.32
C TRP C 29 13.93 -7.55 -13.72
N TRP C 30 12.91 -6.79 -14.12
CA TRP C 30 12.64 -5.42 -13.71
C TRP C 30 12.37 -5.23 -12.21
N ASN C 31 12.01 -6.31 -11.52
CA ASN C 31 11.90 -6.28 -10.06
C ASN C 31 13.22 -6.04 -9.29
N MET C 32 14.31 -5.73 -10.00
CA MET C 32 15.62 -5.68 -9.35
C MET C 32 15.89 -4.34 -8.62
N GLY C 33 15.60 -3.22 -9.28
CA GLY C 33 15.72 -1.91 -8.64
C GLY C 33 14.85 -1.75 -7.40
N SER C 34 13.60 -2.17 -7.51
CA SER C 34 12.78 -2.33 -6.33
C SER C 34 13.59 -3.07 -5.27
N LEU C 35 14.05 -4.29 -5.58
CA LEU C 35 14.75 -5.10 -4.57
C LEU C 35 16.09 -4.49 -4.24
N LEU C 36 16.51 -3.56 -5.09
CA LEU C 36 17.71 -2.83 -4.78
C LEU C 36 17.50 -1.84 -3.67
N GLY C 37 16.45 -1.02 -3.81
CA GLY C 37 16.04 -0.08 -2.76
C GLY C 37 15.78 -0.76 -1.43
N LEU C 38 15.23 -1.97 -1.48
CA LEU C 38 15.03 -2.74 -0.26
C LEU C 38 16.34 -3.08 0.42
N CYS C 39 17.39 -3.45 -0.30
CA CYS C 39 18.63 -3.75 0.41
C CYS C 39 19.17 -2.49 1.07
N LEU C 40 19.28 -1.42 0.29
CA LEU C 40 19.81 -0.16 0.81
C LEU C 40 19.14 0.21 2.12
N VAL C 41 17.82 -0.02 2.22
CA VAL C 41 17.09 0.19 3.47
C VAL C 41 17.49 -0.81 4.55
N ILE C 42 17.68 -2.08 4.19
CA ILE C 42 18.19 -3.09 5.15
C ILE C 42 19.60 -2.77 5.60
N GLN C 43 20.38 -2.19 4.70
CA GLN C 43 21.72 -1.85 5.09
C GLN C 43 21.70 -0.74 6.13
N ILE C 44 20.89 0.28 5.87
CA ILE C 44 20.92 1.46 6.70
C ILE C 44 20.28 1.23 8.07
N VAL C 45 19.18 0.47 8.11
CA VAL C 45 18.53 0.24 9.41
C VAL C 45 19.48 -0.55 10.33
N THR C 46 19.83 -1.77 9.92
CA THR C 46 20.64 -2.67 10.70
C THR C 46 22.01 -2.08 11.01
N GLY C 47 22.50 -1.25 10.12
CA GLY C 47 23.79 -0.61 10.35
C GLY C 47 23.74 0.31 11.57
N ILE C 48 22.78 1.23 11.56
CA ILE C 48 22.65 2.23 12.61
C ILE C 48 22.45 1.55 13.97
N PHE C 49 21.56 0.56 13.96
CA PHE C 49 21.22 -0.17 15.17
C PHE C 49 22.40 -0.89 15.70
N MET C 50 23.32 -1.27 14.85
CA MET C 50 24.55 -1.92 15.26
C MET C 50 25.56 -0.87 15.70
N ALA C 51 25.53 0.31 15.09
CA ALA C 51 26.59 1.25 15.37
C ALA C 51 26.54 1.66 16.81
N MET C 52 25.31 1.59 17.38
CA MET C 52 24.96 1.95 18.78
C MET C 52 25.81 1.16 19.79
N HIS C 53 26.30 0.01 19.35
CA HIS C 53 27.17 -0.83 20.16
C HIS C 53 28.56 -1.05 19.54
N TYR C 54 28.89 -0.32 18.49
CA TYR C 54 30.18 -0.49 17.86
C TYR C 54 31.23 0.50 18.35
N SER C 55 32.49 0.08 18.45
CA SER C 55 33.60 0.99 18.73
C SER C 55 34.65 0.91 17.64
N SER C 56 35.08 2.06 17.14
CA SER C 56 35.89 2.11 15.93
C SER C 56 37.32 2.33 16.28
N ASN C 57 37.64 2.15 17.55
CA ASN C 57 39.04 2.19 17.99
C ASN C 57 39.70 0.88 17.65
N ILE C 58 40.92 0.95 17.14
CA ILE C 58 41.58 -0.24 16.61
C ILE C 58 41.68 -1.43 17.60
N GLU C 59 41.80 -1.14 18.90
CA GLU C 59 41.66 -2.16 19.95
C GLU C 59 40.25 -2.74 20.03
N LEU C 60 39.28 -1.87 20.29
CA LEU C 60 38.00 -2.40 20.69
C LEU C 60 37.26 -2.91 19.50
N ALA C 61 37.58 -2.34 18.35
CA ALA C 61 36.99 -2.68 17.05
C ALA C 61 36.63 -4.15 16.84
N PHE C 62 37.64 -5.03 16.79
CA PHE C 62 37.39 -6.44 16.47
C PHE C 62 36.48 -7.03 17.52
N SER C 63 36.76 -6.65 18.76
CA SER C 63 36.04 -7.19 19.88
C SER C 63 34.58 -6.71 19.90
N SER C 64 34.38 -5.39 19.94
CA SER C 64 33.04 -4.84 19.81
C SER C 64 32.14 -5.52 18.79
N VAL C 65 32.68 -6.01 17.67
CA VAL C 65 31.79 -6.72 16.76
C VAL C 65 31.45 -8.08 17.39
N GLU C 66 32.39 -8.62 18.16
CA GLU C 66 32.12 -9.90 18.83
C GLU C 66 31.09 -9.63 19.91
N HIS C 67 31.24 -8.46 20.54
CA HIS C 67 30.27 -7.90 21.48
C HIS C 67 28.89 -7.91 20.84
N ILE C 68 28.74 -7.30 19.67
CA ILE C 68 27.46 -7.31 18.95
C ILE C 68 26.96 -8.73 18.72
N MET C 69 27.91 -9.67 18.72
CA MET C 69 27.60 -11.04 18.39
C MET C 69 27.21 -11.79 19.67
N ARG C 70 28.07 -11.71 20.68
CA ARG C 70 27.86 -12.44 21.91
C ARG C 70 26.85 -11.80 22.88
N ASP C 71 26.62 -10.50 22.76
CA ASP C 71 26.01 -9.78 23.88
C ASP C 71 24.72 -9.02 23.57
N VAL C 72 24.77 -8.11 22.59
CA VAL C 72 23.64 -7.34 22.17
C VAL C 72 22.45 -8.21 21.82
N HIS C 73 21.26 -7.87 22.27
CA HIS C 73 20.12 -8.73 22.06
C HIS C 73 19.71 -8.71 20.60
N ASN C 74 19.54 -9.89 20.03
CA ASN C 74 19.42 -10.06 18.58
C ASN C 74 20.62 -9.52 17.76
N GLY C 75 21.72 -9.23 18.46
CA GLY C 75 22.87 -8.62 17.83
C GLY C 75 23.48 -9.50 16.75
N TYR C 76 23.53 -10.80 17.00
CA TYR C 76 23.99 -11.67 15.94
C TYR C 76 23.09 -11.49 14.73
N ILE C 77 21.78 -11.39 14.92
CA ILE C 77 20.88 -11.16 13.78
C ILE C 77 21.22 -9.83 13.12
N LEU C 78 21.63 -8.86 13.93
CA LEU C 78 22.06 -7.59 13.36
C LEU C 78 23.25 -7.77 12.41
N ARG C 79 24.30 -8.45 12.87
CA ARG C 79 25.47 -8.71 12.02
C ARG C 79 25.19 -9.59 10.80
N TYR C 80 24.78 -10.84 10.98
CA TYR C 80 24.54 -11.74 9.83
C TYR C 80 23.65 -11.12 8.79
N LEU C 81 22.74 -10.24 9.20
CA LEU C 81 21.88 -9.56 8.23
C LEU C 81 22.62 -8.46 7.50
N HIS C 82 23.50 -7.76 8.21
CA HIS C 82 24.19 -6.63 7.64
C HIS C 82 25.04 -7.22 6.53
N ALA C 83 25.78 -8.26 6.91
CA ALA C 83 26.84 -8.89 6.08
C ALA C 83 26.28 -9.73 4.91
N ASN C 84 25.50 -10.75 5.21
CA ASN C 84 24.83 -11.46 4.14
C ASN C 84 24.06 -10.53 3.20
N GLY C 85 23.33 -9.57 3.77
CA GLY C 85 22.63 -8.55 3.01
C GLY C 85 23.50 -7.78 2.04
N ALA C 86 24.66 -7.33 2.51
CA ALA C 86 25.60 -6.64 1.59
C ALA C 86 25.87 -7.52 0.36
N SER C 87 26.07 -8.83 0.56
CA SER C 87 26.22 -9.72 -0.54
C SER C 87 24.98 -9.67 -1.41
N PHE C 88 23.82 -10.03 -0.87
CA PHE C 88 22.62 -10.04 -1.74
C PHE C 88 22.42 -8.72 -2.47
N PHE C 89 22.86 -7.64 -1.82
CA PHE C 89 22.84 -6.33 -2.42
C PHE C 89 23.61 -6.44 -3.74
N PHE C 90 24.87 -6.86 -3.63
CA PHE C 90 25.74 -7.07 -4.78
C PHE C 90 25.30 -8.08 -5.87
N MET C 91 24.82 -9.26 -5.47
CA MET C 91 24.17 -10.12 -6.45
C MET C 91 23.07 -9.37 -7.23
N VAL C 92 22.06 -8.94 -6.49
CA VAL C 92 20.90 -8.29 -7.07
C VAL C 92 21.33 -7.12 -7.95
N MET C 93 22.32 -6.36 -7.47
CA MET C 93 22.81 -5.25 -8.27
C MET C 93 23.46 -5.72 -9.62
N PHE C 94 24.24 -6.82 -9.61
CA PHE C 94 24.80 -7.42 -10.83
C PHE C 94 23.66 -7.84 -11.75
N MET C 95 22.67 -8.57 -11.20
CA MET C 95 21.52 -8.98 -12.00
C MET C 95 20.77 -7.76 -12.58
N HIS C 96 20.76 -6.67 -11.82
CA HIS C 96 20.12 -5.42 -12.22
C HIS C 96 20.92 -4.83 -13.38
N MET C 97 22.24 -4.77 -13.20
CA MET C 97 23.18 -4.34 -14.26
C MET C 97 23.20 -5.29 -15.44
N ALA C 98 23.06 -6.59 -15.17
CA ALA C 98 22.93 -7.56 -16.25
C ALA C 98 21.79 -7.16 -17.17
N LYS C 99 20.57 -7.37 -16.70
CA LYS C 99 19.32 -6.88 -17.30
C LYS C 99 19.47 -5.61 -18.14
N GLY C 100 20.47 -4.79 -17.85
CA GLY C 100 20.54 -3.48 -18.47
C GLY C 100 21.35 -3.57 -19.73
N LEU C 101 22.25 -4.55 -19.71
CA LEU C 101 23.10 -4.93 -20.83
C LEU C 101 22.25 -5.69 -21.79
N TYR C 102 21.66 -6.78 -21.29
CA TYR C 102 20.90 -7.70 -22.13
C TYR C 102 19.81 -7.01 -22.95
N TYR C 103 19.02 -6.15 -22.32
CA TYR C 103 17.91 -5.48 -22.98
C TYR C 103 18.30 -4.10 -23.42
N GLY C 104 19.54 -3.79 -23.16
CA GLY C 104 20.13 -2.63 -23.78
C GLY C 104 19.45 -1.40 -23.29
N SER C 105 19.32 -1.33 -21.95
CA SER C 105 18.73 -0.21 -21.19
C SER C 105 19.68 0.95 -21.26
N TYR C 106 20.99 0.67 -21.17
CA TYR C 106 22.04 1.70 -21.21
C TYR C 106 21.91 2.63 -22.38
N ARG C 107 20.91 2.40 -23.19
CA ARG C 107 20.86 2.92 -24.55
C ARG C 107 19.90 4.08 -24.55
N SER C 108 20.28 5.18 -25.20
CA SER C 108 19.47 6.39 -25.31
C SER C 108 17.96 6.13 -25.37
N PRO C 109 17.14 6.98 -24.71
CA PRO C 109 17.44 8.26 -24.03
C PRO C 109 18.04 8.05 -22.64
N ARG C 110 18.07 6.79 -22.18
CA ARG C 110 18.53 6.36 -20.86
C ARG C 110 20.01 6.37 -20.54
N VAL C 111 20.81 7.20 -21.17
CA VAL C 111 22.24 7.17 -20.93
C VAL C 111 22.61 7.60 -19.52
N THR C 112 22.07 8.77 -19.13
CA THR C 112 22.25 9.40 -17.81
C THR C 112 21.72 8.49 -16.74
N LEU C 113 20.52 7.96 -16.95
CA LEU C 113 20.00 6.90 -16.11
C LEU C 113 21.10 5.90 -15.87
N TRP C 114 21.58 5.25 -16.94
CA TRP C 114 22.71 4.29 -16.95
C TRP C 114 23.96 4.83 -16.27
N ASN C 115 24.55 5.88 -16.82
CA ASN C 115 25.72 6.49 -16.20
C ASN C 115 25.70 6.65 -14.67
N VAL C 116 24.63 7.25 -14.14
CA VAL C 116 24.43 7.38 -12.70
C VAL C 116 24.52 6.03 -11.96
N GLY C 117 23.91 4.98 -12.48
CA GLY C 117 24.04 3.67 -11.86
C GLY C 117 25.49 3.20 -11.79
N VAL C 118 26.33 3.71 -12.69
CA VAL C 118 27.75 3.35 -12.70
C VAL C 118 28.42 4.03 -11.51
N ILE C 119 27.99 5.27 -11.22
CA ILE C 119 28.34 6.02 -9.99
C ILE C 119 27.85 5.36 -8.72
N ILE C 120 26.64 4.84 -8.74
CA ILE C 120 26.09 4.13 -7.59
C ILE C 120 26.87 2.88 -7.25
N PHE C 121 27.12 2.09 -8.29
CA PHE C 121 27.90 0.86 -8.26
C PHE C 121 29.28 1.15 -7.73
N ILE C 122 29.93 2.16 -8.26
CA ILE C 122 31.15 2.61 -7.61
C ILE C 122 30.95 2.91 -6.12
N LEU C 123 29.96 3.72 -5.74
CA LEU C 123 29.78 4.08 -4.32
C LEU C 123 29.44 2.88 -3.45
N THR C 124 28.69 1.91 -4.00
CA THR C 124 28.42 0.70 -3.24
C THR C 124 29.69 -0.15 -2.96
N ILE C 125 30.60 -0.25 -3.94
CA ILE C 125 31.88 -0.90 -3.66
C ILE C 125 32.62 -0.09 -2.60
N ALA C 126 32.85 1.19 -2.83
CA ALA C 126 33.45 2.03 -1.80
C ALA C 126 32.79 1.81 -0.46
N THR C 127 31.46 1.85 -0.41
CA THR C 127 30.79 1.68 0.90
C THR C 127 31.15 0.34 1.55
N ALA C 128 30.85 -0.77 0.87
CA ALA C 128 30.98 -2.11 1.45
C ALA C 128 32.40 -2.42 1.79
N PHE C 129 33.33 -1.81 1.09
CA PHE C 129 34.70 -2.08 1.44
C PHE C 129 35.01 -1.58 2.85
N LEU C 130 34.58 -0.35 3.13
CA LEU C 130 34.85 0.35 4.39
C LEU C 130 34.22 -0.39 5.52
N GLY C 131 33.01 -0.90 5.28
CA GLY C 131 32.27 -1.67 6.26
C GLY C 131 32.98 -2.95 6.65
N TYR C 132 33.70 -3.53 5.67
CA TYR C 132 34.61 -4.63 5.90
C TYR C 132 35.82 -4.23 6.73
N CYS C 133 36.51 -3.17 6.33
CA CYS C 133 37.62 -2.66 7.12
C CYS C 133 37.26 -2.35 8.56
N CYS C 134 35.97 -2.23 8.86
CA CYS C 134 35.53 -1.95 10.22
C CYS C 134 35.45 -3.18 11.15
N VAL C 135 35.28 -4.40 10.62
CA VAL C 135 35.42 -5.61 11.46
C VAL C 135 36.81 -5.70 12.11
N TYR C 136 37.81 -5.28 11.34
CA TYR C 136 39.22 -5.41 11.71
C TYR C 136 39.67 -6.83 12.05
N GLY C 137 39.29 -7.79 11.22
CA GLY C 137 39.92 -9.10 11.21
C GLY C 137 41.17 -9.14 10.31
N GLN C 138 41.48 -10.26 9.68
CA GLN C 138 42.74 -10.26 8.94
C GLN C 138 42.51 -9.68 7.58
N MET C 139 41.45 -10.17 6.96
CA MET C 139 41.12 -9.80 5.61
C MET C 139 40.89 -8.31 5.59
N SER C 140 40.40 -7.79 6.71
CA SER C 140 40.11 -6.36 6.85
C SER C 140 41.37 -5.50 6.79
N HIS C 141 42.34 -5.80 7.64
CA HIS C 141 43.52 -4.97 7.75
C HIS C 141 44.37 -4.95 6.52
N TRP C 142 44.33 -6.05 5.78
CA TRP C 142 45.10 -6.17 4.54
C TRP C 142 44.28 -5.70 3.33
N GLY C 143 42.97 -5.91 3.37
CA GLY C 143 42.15 -5.29 2.37
C GLY C 143 42.50 -3.82 2.38
N ALA C 144 42.38 -3.21 3.57
CA ALA C 144 42.52 -1.77 3.78
C ALA C 144 43.88 -1.21 3.43
N THR C 145 44.87 -2.08 3.31
CA THR C 145 46.26 -1.72 2.99
C THR C 145 46.48 -1.53 1.51
N VAL C 146 45.85 -2.43 0.76
CA VAL C 146 45.95 -2.52 -0.68
C VAL C 146 45.17 -1.39 -1.35
N ILE C 147 43.96 -1.11 -0.83
CA ILE C 147 43.09 -0.09 -1.41
C ILE C 147 43.66 1.25 -1.11
N THR C 148 44.07 1.46 0.12
CA THR C 148 44.85 2.64 0.40
C THR C 148 46.04 2.68 -0.58
N ASN C 149 46.71 1.54 -0.80
CA ASN C 149 47.90 1.56 -1.67
C ASN C 149 47.63 1.74 -3.18
N LEU C 150 46.41 1.48 -3.65
CA LEU C 150 46.12 1.77 -5.05
C LEU C 150 46.49 3.21 -5.39
N PHE C 151 46.54 4.08 -4.39
CA PHE C 151 46.78 5.50 -4.65
C PHE C 151 48.25 5.79 -4.88
N SER C 152 49.13 4.92 -4.41
CA SER C 152 50.54 5.14 -4.71
C SER C 152 50.73 5.13 -6.23
N ALA C 153 49.93 4.32 -6.93
CA ALA C 153 50.00 4.26 -8.38
C ALA C 153 49.97 5.66 -8.99
N ILE C 154 49.50 6.65 -8.24
CA ILE C 154 49.44 8.03 -8.75
C ILE C 154 50.82 8.62 -8.76
N PRO C 155 51.28 9.11 -9.94
CA PRO C 155 52.61 9.71 -10.14
C PRO C 155 52.99 10.65 -9.00
N PHE C 156 54.25 10.67 -8.62
CA PHE C 156 54.74 11.62 -7.63
C PHE C 156 54.00 11.52 -6.29
N VAL C 157 52.95 12.34 -6.17
CA VAL C 157 52.23 12.55 -4.92
C VAL C 157 51.69 11.26 -4.28
N GLY C 158 51.49 10.23 -5.10
CA GLY C 158 50.88 8.97 -4.71
C GLY C 158 51.19 8.40 -3.36
N ASN C 159 52.46 8.40 -2.95
CA ASN C 159 52.77 7.84 -1.64
C ASN C 159 52.15 8.68 -0.54
N ASP C 160 52.29 9.99 -0.66
CA ASP C 160 51.77 10.93 0.32
C ASP C 160 50.27 10.86 0.52
N ILE C 161 49.56 10.92 -0.60
CA ILE C 161 48.14 10.62 -0.58
C ILE C 161 47.89 9.43 0.38
N VAL C 162 48.59 8.32 0.14
CA VAL C 162 48.45 7.11 0.96
C VAL C 162 48.77 7.35 2.44
N SER C 163 49.81 8.15 2.69
CA SER C 163 50.20 8.45 4.05
C SER C 163 49.11 9.24 4.80
N TRP C 164 48.77 10.41 4.25
CA TRP C 164 47.53 11.13 4.54
C TRP C 164 46.46 10.09 4.81
N LEU C 165 45.76 9.68 3.78
CA LEU C 165 44.76 8.61 3.83
C LEU C 165 44.92 7.52 4.90
N TRP C 166 46.10 7.41 5.48
CA TRP C 166 46.37 6.44 6.51
C TRP C 166 46.33 7.12 7.85
N GLY C 167 46.65 8.41 7.85
CA GLY C 167 46.81 9.21 9.04
C GLY C 167 48.05 8.86 9.87
N GLY C 168 48.99 8.17 9.22
CA GLY C 168 50.22 7.76 9.86
C GLY C 168 51.03 6.73 9.10
N PHE C 169 51.92 6.07 9.84
CA PHE C 169 52.86 5.13 9.22
C PHE C 169 52.13 3.99 8.51
N SER C 170 51.19 3.34 9.18
CA SER C 170 50.47 2.21 8.57
C SER C 170 48.94 2.36 8.62
N VAL C 171 48.20 1.39 8.07
CA VAL C 171 46.78 1.25 8.38
C VAL C 171 46.85 0.94 9.84
N SER C 172 46.52 1.98 10.60
CA SER C 172 46.68 2.08 12.03
C SER C 172 45.32 2.47 12.60
N ASN C 173 45.32 3.13 13.77
CA ASN C 173 44.07 3.57 14.39
C ASN C 173 43.36 4.77 13.73
N PRO C 174 44.10 5.84 13.35
CA PRO C 174 43.37 6.93 12.71
C PRO C 174 42.78 6.44 11.40
N THR C 175 43.11 5.20 11.05
CA THR C 175 42.55 4.67 9.85
C THR C 175 41.21 4.01 10.13
N ILE C 176 41.13 3.01 11.00
CA ILE C 176 39.86 2.33 11.18
C ILE C 176 38.78 3.30 11.62
N GLN C 177 39.17 4.28 12.43
CA GLN C 177 38.24 5.34 12.85
C GLN C 177 37.68 6.22 11.73
N ARG C 178 38.43 6.47 10.65
CA ARG C 178 37.91 7.28 9.54
C ARG C 178 37.15 6.39 8.63
N PHE C 179 37.57 5.15 8.59
CA PHE C 179 36.88 4.15 7.78
C PHE C 179 35.49 3.92 8.40
N PHE C 180 35.38 3.92 9.73
CA PHE C 180 34.02 3.91 10.30
C PHE C 180 33.14 5.13 9.96
N ALA C 181 33.75 6.32 10.01
CA ALA C 181 33.02 7.57 9.83
C ALA C 181 32.56 7.73 8.38
N LEU C 182 33.49 7.50 7.46
CA LEU C 182 33.17 7.38 6.03
C LEU C 182 32.22 6.24 5.70
N HIS C 183 32.26 5.14 6.41
CA HIS C 183 31.21 4.14 6.24
C HIS C 183 29.81 4.73 6.63
N TYR C 184 29.74 5.65 7.59
CA TYR C 184 28.43 6.19 7.97
C TYR C 184 27.90 7.10 6.88
N LEU C 185 28.80 8.01 6.46
CA LEU C 185 28.52 9.07 5.49
C LEU C 185 27.97 8.44 4.27
N VAL C 186 28.76 7.58 3.62
CA VAL C 186 28.50 7.21 2.23
C VAL C 186 27.14 6.63 1.90
N PRO C 187 26.61 5.70 2.69
CA PRO C 187 25.31 5.20 2.28
C PRO C 187 24.29 6.31 2.05
N PHE C 188 24.40 7.46 2.72
CA PHE C 188 23.43 8.51 2.43
C PHE C 188 23.72 9.09 1.07
N ILE C 189 24.98 9.04 0.66
CA ILE C 189 25.34 9.47 -0.70
C ILE C 189 24.75 8.55 -1.75
N ILE C 190 24.60 7.29 -1.43
CA ILE C 190 24.05 6.33 -2.40
C ILE C 190 22.59 6.69 -2.54
N ALA C 191 21.98 7.03 -1.42
CA ALA C 191 20.56 7.25 -1.38
C ALA C 191 20.27 8.57 -2.11
N ALA C 192 21.14 9.54 -1.87
CA ALA C 192 21.09 10.82 -2.55
C ALA C 192 21.04 10.48 -4.02
N MET C 193 22.01 9.68 -4.44
CA MET C 193 22.22 9.27 -5.82
C MET C 193 21.13 8.37 -6.43
N VAL C 194 20.67 7.37 -5.68
CA VAL C 194 19.45 6.64 -6.03
C VAL C 194 18.28 7.55 -6.41
N ILE C 195 18.23 8.77 -5.89
CA ILE C 195 17.14 9.73 -6.17
C ILE C 195 17.27 10.34 -7.56
N MET C 196 18.48 10.74 -7.94
CA MET C 196 18.73 11.23 -9.30
C MET C 196 18.57 10.06 -10.29
N HIS C 197 19.01 8.88 -9.84
CA HIS C 197 18.86 7.69 -10.61
C HIS C 197 17.37 7.49 -10.82
N LEU C 198 16.57 7.52 -9.77
CA LEU C 198 15.15 7.41 -10.04
C LEU C 198 14.54 8.61 -10.80
N MET C 199 15.19 9.77 -10.75
CA MET C 199 14.64 10.91 -11.50
C MET C 199 14.82 10.64 -12.99
N ALA C 200 16.03 10.26 -13.42
CA ALA C 200 16.30 9.88 -14.82
C ALA C 200 15.32 8.81 -15.26
N LEU C 201 15.24 7.72 -14.52
CA LEU C 201 14.25 6.69 -14.77
C LEU C 201 12.89 7.27 -14.99
N HIS C 202 12.59 8.37 -14.34
CA HIS C 202 11.20 8.81 -14.31
C HIS C 202 10.72 9.52 -15.58
N ILE C 203 11.62 10.21 -16.27
CA ILE C 203 11.23 11.15 -17.31
C ILE C 203 11.11 10.48 -18.66
N HIS C 204 11.42 9.17 -18.65
CA HIS C 204 11.47 8.31 -19.83
C HIS C 204 10.73 7.03 -19.48
N GLY C 205 10.67 6.69 -18.20
CA GLY C 205 9.95 5.49 -17.85
C GLY C 205 10.69 4.24 -18.27
N SER C 206 10.24 3.08 -17.80
CA SER C 206 11.05 1.87 -17.89
C SER C 206 11.05 1.36 -19.33
N SER C 207 12.05 0.58 -19.74
CA SER C 207 11.90 -0.06 -21.05
C SER C 207 11.15 -1.39 -20.95
N ASN C 208 11.34 -2.26 -21.94
CA ASN C 208 10.56 -3.50 -22.01
C ASN C 208 11.28 -4.69 -22.65
N PRO C 209 10.81 -5.91 -22.35
CA PRO C 209 11.59 -7.03 -22.85
C PRO C 209 11.29 -7.25 -24.34
N LEU C 210 11.16 -6.13 -25.07
CA LEU C 210 10.82 -6.12 -26.47
C LEU C 210 11.50 -4.93 -27.11
N GLY C 211 12.08 -4.03 -26.32
CA GLY C 211 12.84 -2.92 -26.86
C GLY C 211 12.12 -2.04 -27.87
N ILE C 212 10.79 -2.12 -27.89
CA ILE C 212 9.92 -1.17 -28.60
C ILE C 212 9.27 -0.14 -27.65
N THR C 213 8.53 0.81 -28.23
CA THR C 213 7.86 1.84 -27.44
C THR C 213 6.72 1.35 -26.54
N GLY C 214 6.73 1.89 -25.31
CA GLY C 214 5.78 1.55 -24.28
C GLY C 214 4.50 2.30 -24.53
N ASN C 215 4.60 3.49 -25.13
CA ASN C 215 3.47 4.42 -25.12
C ASN C 215 2.15 4.00 -25.78
N LEU C 216 1.90 2.71 -25.93
CA LEU C 216 0.67 2.27 -26.58
C LEU C 216 -0.08 1.31 -25.67
N ASP C 217 0.63 0.81 -24.67
CA ASP C 217 -0.01 -0.09 -23.76
C ASP C 217 0.67 -0.03 -22.38
N ARG C 218 0.37 1.07 -21.67
CA ARG C 218 0.87 1.39 -20.33
C ARG C 218 -0.15 0.82 -19.37
N ILE C 219 0.28 0.36 -18.20
CA ILE C 219 -0.62 0.18 -17.04
C ILE C 219 0.05 0.76 -15.77
N PRO C 220 -0.77 1.13 -14.74
CA PRO C 220 -0.25 1.87 -13.58
C PRO C 220 0.41 0.97 -12.51
N MET C 221 1.57 1.40 -12.02
CA MET C 221 2.31 0.57 -11.08
C MET C 221 1.49 0.01 -9.91
N HIS C 222 0.51 0.79 -9.43
CA HIS C 222 -0.48 0.28 -8.48
C HIS C 222 -1.77 -0.12 -9.22
N SER C 223 -2.21 -1.36 -9.06
CA SER C 223 -1.64 -2.26 -8.06
C SER C 223 -0.81 -3.45 -8.61
N TYR C 224 -0.59 -3.52 -9.93
CA TYR C 224 0.10 -4.65 -10.56
C TYR C 224 1.51 -4.86 -10.02
N PHE C 225 2.39 -3.96 -10.38
CA PHE C 225 3.78 -4.15 -10.06
C PHE C 225 4.05 -4.05 -8.57
N ILE C 226 3.35 -3.14 -7.88
CA ILE C 226 3.41 -3.10 -6.40
C ILE C 226 3.21 -4.52 -5.87
N PHE C 227 2.19 -5.21 -6.36
CA PHE C 227 2.00 -6.60 -6.01
C PHE C 227 3.03 -7.54 -6.66
N LYS C 228 3.34 -7.36 -7.95
CA LYS C 228 4.41 -8.13 -8.60
C LYS C 228 5.73 -8.04 -7.82
N ASP C 229 6.09 -6.81 -7.44
CA ASP C 229 7.34 -6.55 -6.75
C ASP C 229 7.32 -7.20 -5.40
N LEU C 230 6.13 -7.52 -4.92
CA LEU C 230 6.05 -8.05 -3.57
C LEU C 230 6.49 -9.50 -3.58
N VAL C 231 6.34 -10.15 -4.75
CA VAL C 231 6.75 -11.57 -4.95
C VAL C 231 8.26 -11.81 -4.94
N THR C 232 8.96 -10.98 -5.68
CA THR C 232 10.39 -11.00 -5.63
C THR C 232 10.90 -10.63 -4.23
N VAL C 233 10.25 -9.67 -3.58
CA VAL C 233 10.62 -9.24 -2.22
C VAL C 233 10.71 -10.38 -1.18
N PHE C 234 9.59 -11.10 -1.04
CA PHE C 234 9.50 -12.19 -0.07
C PHE C 234 10.52 -13.27 -0.42
N LEU C 235 10.57 -13.60 -1.71
CA LEU C 235 11.53 -14.57 -2.20
C LEU C 235 12.96 -14.15 -1.83
N PHE C 236 13.29 -12.91 -2.14
CA PHE C 236 14.53 -12.30 -1.67
C PHE C 236 14.75 -12.55 -0.17
N MET C 237 13.79 -12.20 0.66
CA MET C 237 13.97 -12.38 2.10
C MET C 237 14.18 -13.84 2.49
N LEU C 238 13.46 -14.74 1.83
CA LEU C 238 13.57 -16.17 2.07
C LEU C 238 15.02 -16.66 1.92
N ILE C 239 15.62 -16.47 0.76
CA ILE C 239 17.00 -16.93 0.57
C ILE C 239 17.94 -16.23 1.57
N LEU C 240 17.70 -14.94 1.77
CA LEU C 240 18.43 -14.20 2.77
C LEU C 240 18.20 -14.75 4.18
N ALA C 241 17.01 -15.28 4.44
CA ALA C 241 16.73 -15.85 5.75
C ALA C 241 17.56 -17.10 5.85
N LEU C 242 17.58 -17.82 4.73
CA LEU C 242 18.28 -19.11 4.63
C LEU C 242 19.74 -18.95 5.00
N PHE C 243 20.42 -18.03 4.32
CA PHE C 243 21.79 -17.75 4.69
C PHE C 243 21.92 -17.29 6.12
N VAL C 244 21.10 -16.32 6.50
CA VAL C 244 21.32 -15.59 7.75
C VAL C 244 21.27 -16.45 9.02
N PHE C 245 20.43 -17.49 8.98
CA PHE C 245 20.14 -18.32 10.15
C PHE C 245 20.84 -19.67 10.04
N TYR C 246 21.02 -20.13 8.81
CA TYR C 246 21.60 -21.43 8.56
C TYR C 246 23.02 -21.41 7.93
N SER C 247 23.23 -20.53 6.98
CA SER C 247 24.56 -20.39 6.39
C SER C 247 25.23 -19.02 6.57
N PRO C 248 25.26 -18.47 7.82
CA PRO C 248 25.81 -17.12 8.04
C PRO C 248 27.21 -16.83 7.53
N ASN C 249 28.04 -17.83 7.26
CA ASN C 249 29.37 -17.52 6.78
C ASN C 249 29.77 -18.28 5.52
N THR C 250 28.83 -19.06 5.00
CA THR C 250 28.99 -19.66 3.71
C THR C 250 29.29 -18.59 2.65
N LEU C 251 29.47 -17.34 3.07
CA LEU C 251 29.80 -16.26 2.13
C LEU C 251 30.95 -15.36 2.60
N GLY C 252 31.56 -15.68 3.74
CA GLY C 252 32.60 -14.84 4.29
C GLY C 252 33.89 -15.62 4.39
N HIS C 253 35.02 -14.92 4.60
CA HIS C 253 36.33 -15.56 4.75
C HIS C 253 36.76 -15.65 6.22
N PRO C 254 36.77 -16.88 6.80
CA PRO C 254 37.31 -17.28 8.09
C PRO C 254 38.55 -16.57 8.54
N ASP C 255 39.29 -15.97 7.63
CA ASP C 255 40.48 -15.27 8.06
C ASP C 255 40.10 -14.06 8.84
N ASN C 256 38.81 -13.69 8.78
CA ASN C 256 38.29 -12.45 9.39
C ASN C 256 37.79 -12.53 10.81
N TYR C 257 37.56 -13.75 11.30
CA TYR C 257 37.45 -14.00 12.73
C TYR C 257 38.82 -13.98 13.39
N ILE C 258 39.87 -13.70 12.64
CA ILE C 258 41.18 -13.52 13.28
C ILE C 258 41.43 -12.05 13.40
N PRO C 259 41.71 -11.60 14.61
CA PRO C 259 42.12 -10.20 14.79
C PRO C 259 43.23 -9.80 13.82
N GLY C 260 42.97 -8.85 12.93
CA GLY C 260 44.02 -8.16 12.21
C GLY C 260 45.37 -7.99 12.92
N ASN C 261 46.43 -8.21 12.14
CA ASN C 261 47.82 -8.20 12.57
C ASN C 261 48.64 -7.62 11.44
N PRO C 262 49.25 -6.44 11.68
CA PRO C 262 49.98 -5.59 10.74
C PRO C 262 51.35 -6.15 10.31
N LEU C 263 51.82 -7.22 10.97
CA LEU C 263 53.13 -7.79 10.64
C LEU C 263 53.06 -9.04 9.74
N VAL C 264 51.86 -9.60 9.58
CA VAL C 264 51.72 -10.95 9.08
C VAL C 264 50.50 -11.07 8.15
N THR C 265 50.71 -11.05 6.85
CA THR C 265 49.59 -11.20 5.92
C THR C 265 49.31 -12.69 5.88
N PRO C 266 48.04 -13.09 5.68
CA PRO C 266 47.82 -14.54 5.60
C PRO C 266 48.37 -15.06 4.31
N ALA C 267 48.07 -16.31 4.01
CA ALA C 267 48.58 -16.89 2.77
C ALA C 267 47.45 -17.42 1.93
N SER C 268 46.23 -17.17 2.38
CA SER C 268 45.04 -17.36 1.55
C SER C 268 44.34 -15.99 1.44
N ILE C 269 44.71 -15.27 0.39
CA ILE C 269 44.10 -13.97 0.15
C ILE C 269 43.04 -14.14 -0.92
N VAL C 270 41.90 -14.67 -0.50
CA VAL C 270 40.68 -14.53 -1.27
C VAL C 270 39.90 -13.34 -0.70
N PRO C 271 39.62 -12.34 -1.55
CA PRO C 271 38.75 -11.21 -1.21
C PRO C 271 37.30 -11.55 -1.47
N GLU C 272 36.42 -10.64 -1.11
CA GLU C 272 34.99 -10.86 -1.26
C GLU C 272 34.63 -11.34 -2.66
N TRP C 273 33.62 -12.19 -2.72
CA TRP C 273 33.19 -12.72 -3.98
C TRP C 273 32.80 -11.61 -4.95
N TYR C 274 31.85 -10.73 -4.64
CA TYR C 274 31.39 -9.71 -5.61
C TYR C 274 32.57 -8.85 -6.09
N LEU C 275 33.68 -8.89 -5.33
CA LEU C 275 34.89 -8.19 -5.71
C LEU C 275 35.85 -9.01 -6.62
N LEU C 276 35.85 -10.34 -6.46
CA LEU C 276 36.79 -11.28 -7.14
C LEU C 276 37.10 -10.93 -8.59
N PRO C 277 36.07 -10.88 -9.48
CA PRO C 277 36.34 -10.59 -10.90
C PRO C 277 37.24 -9.37 -11.10
N PHE C 278 37.34 -8.49 -10.11
CA PHE C 278 38.20 -7.32 -10.30
C PHE C 278 39.57 -7.68 -9.82
N TYR C 279 39.65 -8.42 -8.72
CA TYR C 279 40.92 -8.95 -8.20
C TYR C 279 41.71 -9.70 -9.32
N ALA C 280 41.08 -10.71 -9.88
CA ALA C 280 41.45 -11.28 -11.16
C ALA C 280 41.98 -10.23 -12.15
N ILE C 281 41.12 -9.36 -12.68
CA ILE C 281 41.59 -8.37 -13.65
C ILE C 281 42.83 -7.61 -13.13
N LEU C 282 42.86 -7.30 -11.85
CA LEU C 282 43.96 -6.50 -11.33
C LEU C 282 45.28 -7.29 -11.53
N ARG C 283 45.30 -8.49 -10.92
CA ARG C 283 46.40 -9.44 -10.99
C ARG C 283 46.87 -9.72 -12.42
N SER C 284 45.92 -9.92 -13.33
CA SER C 284 46.26 -10.17 -14.71
C SER C 284 47.33 -9.24 -15.31
N ILE C 285 47.70 -8.16 -14.64
CA ILE C 285 48.60 -7.20 -15.26
C ILE C 285 49.96 -7.12 -14.56
N PRO C 286 51.00 -7.71 -15.14
CA PRO C 286 52.31 -7.54 -14.50
C PRO C 286 52.88 -6.14 -14.56
N ASP C 287 52.12 -5.11 -14.23
CA ASP C 287 52.74 -3.79 -14.06
C ASP C 287 51.89 -3.13 -12.99
N LYS C 288 52.50 -2.39 -12.06
CA LYS C 288 51.66 -1.79 -10.98
C LYS C 288 50.71 -0.70 -11.50
N LEU C 289 51.25 0.37 -12.08
CA LEU C 289 50.42 1.48 -12.52
C LEU C 289 49.35 1.00 -13.49
N LEU C 290 49.75 0.21 -14.47
CA LEU C 290 48.82 -0.25 -15.49
C LEU C 290 47.75 -1.13 -14.88
N GLY C 291 48.16 -1.95 -13.91
CA GLY C 291 47.24 -2.91 -13.32
C GLY C 291 46.08 -2.22 -12.62
N VAL C 292 46.43 -1.32 -11.71
CA VAL C 292 45.45 -0.39 -11.12
C VAL C 292 44.49 0.18 -12.18
N ILE C 293 45.04 0.91 -13.15
CA ILE C 293 44.28 1.55 -14.22
C ILE C 293 43.31 0.59 -14.85
N THR C 294 43.79 -0.60 -15.13
CA THR C 294 42.97 -1.59 -15.81
C THR C 294 41.87 -2.10 -14.88
N MET C 295 42.10 -2.05 -13.58
CA MET C 295 41.05 -2.51 -12.69
C MET C 295 39.87 -1.53 -12.69
N PHE C 296 40.22 -0.25 -12.65
CA PHE C 296 39.26 0.82 -12.64
C PHE C 296 38.59 0.89 -13.99
N ALA C 297 39.40 0.64 -15.02
CA ALA C 297 38.90 0.69 -16.38
C ALA C 297 37.86 -0.42 -16.58
N ALA C 298 37.99 -1.50 -15.83
CA ALA C 298 37.02 -2.61 -15.88
C ALA C 298 35.60 -2.21 -15.59
N ILE C 299 35.43 -1.04 -14.95
CA ILE C 299 34.14 -0.51 -14.52
C ILE C 299 33.74 0.68 -15.38
N LEU C 300 34.68 1.59 -15.59
CA LEU C 300 34.47 2.74 -16.47
C LEU C 300 34.01 2.36 -17.87
N VAL C 301 34.71 1.40 -18.49
CA VAL C 301 34.44 0.91 -19.85
C VAL C 301 32.96 0.73 -20.12
N LEU C 302 32.23 0.38 -19.05
CA LEU C 302 30.78 0.36 -18.97
C LEU C 302 30.07 1.60 -19.46
N LEU C 303 30.81 2.70 -19.64
CA LEU C 303 30.25 3.98 -20.09
C LEU C 303 30.28 4.19 -21.62
N VAL C 304 31.01 3.34 -22.33
CA VAL C 304 31.14 3.39 -23.79
C VAL C 304 30.00 2.60 -24.42
N LEU C 305 29.41 1.74 -23.60
CA LEU C 305 28.45 0.77 -24.06
C LEU C 305 27.34 1.37 -24.93
N PRO C 306 26.92 2.62 -24.66
CA PRO C 306 25.93 3.21 -25.57
C PRO C 306 26.47 3.74 -26.92
N PHE C 307 27.78 3.72 -27.10
CA PHE C 307 28.35 4.24 -28.33
C PHE C 307 28.74 3.03 -29.23
N THR C 308 29.58 2.14 -28.68
CA THR C 308 29.88 0.84 -29.25
C THR C 308 28.66 -0.03 -29.59
N ASP C 309 27.57 -0.01 -28.85
CA ASP C 309 26.40 -0.70 -29.39
C ASP C 309 25.99 0.04 -30.66
N ARG C 310 26.22 -0.60 -31.81
CA ARG C 310 25.95 0.05 -33.08
C ARG C 310 24.56 -0.21 -33.62
N SER C 311 23.89 -1.20 -33.03
CA SER C 311 22.59 -1.63 -33.48
C SER C 311 21.53 -0.56 -33.77
N VAL C 312 20.37 -1.04 -34.14
CA VAL C 312 19.35 -0.17 -34.65
C VAL C 312 18.12 -0.51 -33.80
N VAL C 313 18.28 -1.58 -33.02
CA VAL C 313 17.31 -2.01 -32.03
C VAL C 313 17.88 -2.21 -30.60
N ARG C 314 17.08 -1.84 -29.59
CA ARG C 314 17.52 -2.07 -28.23
C ARG C 314 17.07 -3.47 -27.82
N GLY C 315 18.03 -4.30 -27.43
CA GLY C 315 17.68 -5.63 -26.96
C GLY C 315 18.29 -6.84 -27.68
N ASN C 316 18.93 -7.66 -26.88
CA ASN C 316 19.33 -8.94 -27.34
C ASN C 316 18.10 -9.83 -27.61
N THR C 317 16.89 -9.44 -27.24
CA THR C 317 15.76 -10.39 -27.35
C THR C 317 15.57 -11.04 -28.75
N PHE C 318 15.66 -10.22 -29.81
CA PHE C 318 15.53 -10.70 -31.17
C PHE C 318 16.92 -10.84 -31.82
N LYS C 319 17.91 -11.16 -30.98
CA LYS C 319 19.31 -11.04 -31.36
C LYS C 319 20.16 -12.24 -30.92
N VAL C 320 20.29 -13.19 -31.86
CA VAL C 320 20.89 -14.51 -31.65
C VAL C 320 22.37 -14.42 -31.42
N LEU C 321 23.00 -13.59 -32.25
CA LEU C 321 24.45 -13.43 -32.23
C LEU C 321 24.82 -12.56 -31.07
N SER C 322 23.90 -11.65 -30.76
CA SER C 322 24.03 -10.81 -29.57
C SER C 322 23.79 -11.61 -28.28
N LYS C 323 22.75 -12.45 -28.24
CA LYS C 323 22.47 -13.23 -27.04
C LYS C 323 23.72 -13.99 -26.69
N PHE C 324 24.23 -14.68 -27.70
CA PHE C 324 25.31 -15.64 -27.58
C PHE C 324 26.51 -15.05 -26.89
N PHE C 325 27.06 -14.00 -27.45
CA PHE C 325 28.20 -13.35 -26.82
C PHE C 325 27.86 -12.71 -25.44
N PHE C 326 26.61 -12.20 -25.33
CA PHE C 326 26.15 -11.67 -24.08
C PHE C 326 26.34 -12.73 -22.98
N PHE C 327 26.00 -13.99 -23.26
CA PHE C 327 26.27 -15.03 -22.24
C PHE C 327 27.75 -15.50 -22.17
N ILE C 328 28.54 -15.28 -23.24
CA ILE C 328 29.97 -15.46 -23.11
C ILE C 328 30.46 -14.44 -22.09
N PHE C 329 30.02 -13.19 -22.29
CA PHE C 329 30.32 -12.13 -21.32
C PHE C 329 29.97 -12.41 -19.88
N VAL C 330 28.75 -12.90 -19.65
CA VAL C 330 28.33 -13.25 -18.30
C VAL C 330 29.27 -14.31 -17.73
N PHE C 331 29.56 -15.29 -18.59
CA PHE C 331 30.22 -16.53 -18.16
C PHE C 331 31.71 -16.34 -18.03
N ASN C 332 32.28 -15.54 -18.93
CA ASN C 332 33.62 -15.02 -18.74
C ASN C 332 33.72 -14.45 -17.34
N PHE C 333 32.84 -13.48 -17.06
CA PHE C 333 32.84 -12.67 -15.83
C PHE C 333 32.83 -13.55 -14.59
N VAL C 334 31.91 -14.51 -14.53
CA VAL C 334 32.02 -15.58 -13.52
C VAL C 334 33.38 -16.33 -13.50
N LEU C 335 33.89 -16.77 -14.66
CA LEU C 335 35.21 -17.45 -14.68
C LEU C 335 36.28 -16.55 -14.06
N LEU C 336 36.31 -15.32 -14.56
CA LEU C 336 37.22 -14.31 -14.08
C LEU C 336 37.19 -14.37 -12.59
N GLY C 337 36.00 -14.58 -12.05
CA GLY C 337 35.82 -14.67 -10.62
C GLY C 337 36.40 -15.91 -10.00
N GLN C 338 36.20 -17.03 -10.67
CA GLN C 338 36.86 -18.25 -10.22
C GLN C 338 38.41 -18.06 -10.18
N ILE C 339 38.96 -17.49 -11.25
CA ILE C 339 40.39 -17.11 -11.30
C ILE C 339 40.86 -16.30 -10.07
N GLY C 340 39.97 -15.45 -9.54
CA GLY C 340 40.30 -14.60 -8.40
C GLY C 340 40.50 -15.43 -7.16
N ALA C 341 39.80 -16.55 -7.09
CA ALA C 341 39.88 -17.37 -5.89
C ALA C 341 41.14 -18.22 -5.84
N CYS C 342 41.54 -18.76 -7.01
CA CYS C 342 42.75 -19.58 -7.14
C CYS C 342 44.05 -18.79 -7.02
N HIS C 343 45.15 -19.51 -6.71
CA HIS C 343 46.49 -18.88 -6.54
C HIS C 343 47.05 -18.43 -7.85
N VAL C 344 47.99 -17.47 -7.79
CA VAL C 344 48.66 -17.07 -9.01
C VAL C 344 49.59 -18.22 -9.40
N GLU C 345 48.96 -19.29 -9.90
CA GLU C 345 49.60 -20.50 -10.35
C GLU C 345 49.24 -20.62 -11.82
N VAL C 346 49.81 -21.63 -12.49
CA VAL C 346 49.53 -21.89 -13.91
C VAL C 346 48.46 -22.98 -14.02
N PRO C 347 47.67 -22.97 -15.10
CA PRO C 347 47.62 -22.02 -16.22
C PRO C 347 46.79 -20.79 -15.84
N TYR C 348 46.34 -20.79 -14.60
CA TYR C 348 45.40 -19.81 -14.07
C TYR C 348 45.72 -18.36 -14.44
N VAL C 349 46.97 -17.95 -14.23
CA VAL C 349 47.42 -16.64 -14.64
C VAL C 349 47.09 -16.43 -16.11
N LEU C 350 47.54 -17.34 -16.96
CA LEU C 350 47.28 -17.16 -18.39
C LEU C 350 45.79 -17.26 -18.71
N MET C 351 45.03 -18.07 -17.96
CA MET C 351 43.57 -18.09 -18.15
C MET C 351 42.98 -16.73 -17.75
N GLY C 352 43.38 -16.27 -16.58
CA GLY C 352 43.03 -14.94 -16.10
C GLY C 352 43.26 -13.93 -17.21
N GLN C 353 44.47 -13.92 -17.77
CA GLN C 353 44.79 -12.94 -18.78
C GLN C 353 43.80 -12.99 -19.93
N ILE C 354 43.46 -14.18 -20.40
CA ILE C 354 42.60 -14.30 -21.57
C ILE C 354 41.17 -13.78 -21.34
N ALA C 355 40.63 -14.09 -20.16
CA ALA C 355 39.31 -13.61 -19.75
C ALA C 355 39.24 -12.08 -19.71
N THR C 356 40.18 -11.49 -18.97
CA THR C 356 40.38 -10.07 -19.00
C THR C 356 40.33 -9.56 -20.42
N PHE C 357 41.12 -10.08 -21.33
CA PHE C 357 40.98 -9.62 -22.71
C PHE C 357 39.52 -9.72 -23.20
N ILE C 358 38.92 -10.89 -23.03
CA ILE C 358 37.58 -11.15 -23.50
C ILE C 358 36.62 -10.11 -22.95
N TYR C 359 36.82 -9.83 -21.65
CA TYR C 359 36.06 -8.81 -20.92
C TYR C 359 36.02 -7.51 -21.69
N PHE C 360 37.09 -6.71 -21.67
CA PHE C 360 37.06 -5.44 -22.39
C PHE C 360 36.75 -5.55 -23.87
N ALA C 361 37.04 -6.71 -24.47
CA ALA C 361 36.88 -6.86 -25.91
C ALA C 361 35.40 -6.93 -26.18
N TYR C 362 34.67 -7.47 -25.22
CA TYR C 362 33.22 -7.54 -25.39
C TYR C 362 32.57 -6.15 -25.54
N PHE C 363 32.96 -5.17 -24.74
CA PHE C 363 32.42 -3.84 -24.91
C PHE C 363 33.01 -3.22 -26.15
N LEU C 364 34.32 -3.28 -26.23
CA LEU C 364 35.04 -2.45 -27.16
C LEU C 364 35.06 -3.01 -28.60
N ILE C 365 34.95 -4.35 -28.72
CA ILE C 365 35.19 -5.05 -29.98
C ILE C 365 34.04 -5.93 -30.47
N ILE C 366 33.81 -7.07 -29.81
CA ILE C 366 32.66 -7.93 -30.13
C ILE C 366 31.36 -7.15 -30.42
N VAL C 367 30.86 -6.41 -29.44
CA VAL C 367 29.60 -5.65 -29.54
C VAL C 367 29.46 -4.72 -30.77
N PRO C 368 30.38 -3.77 -30.96
CA PRO C 368 30.14 -2.91 -32.13
C PRO C 368 30.25 -3.70 -33.42
N VAL C 369 31.18 -4.66 -33.48
CA VAL C 369 31.28 -5.58 -34.61
C VAL C 369 29.95 -6.33 -34.83
N ILE C 370 29.69 -7.30 -33.97
CA ILE C 370 28.47 -8.09 -34.03
C ILE C 370 27.24 -7.24 -34.40
N SER C 371 26.95 -6.22 -33.59
CA SER C 371 25.80 -5.31 -33.85
C SER C 371 25.82 -4.68 -35.24
N THR C 372 26.98 -4.46 -35.82
CA THR C 372 27.00 -3.84 -37.15
C THR C 372 26.61 -4.90 -38.20
N ILE C 373 27.30 -6.05 -38.16
CA ILE C 373 26.86 -7.29 -38.85
C ILE C 373 25.35 -7.48 -38.71
N GLU C 374 24.84 -7.30 -37.48
CA GLU C 374 23.51 -7.78 -37.19
C GLU C 374 22.50 -6.84 -37.84
N ASN C 375 22.91 -5.59 -38.01
CA ASN C 375 22.14 -4.63 -38.79
C ASN C 375 21.94 -5.15 -40.23
N VAL C 376 23.05 -5.63 -40.83
CA VAL C 376 23.12 -6.08 -42.23
C VAL C 376 22.42 -7.40 -42.48
N LEU C 377 22.52 -8.35 -41.55
CA LEU C 377 21.65 -9.53 -41.59
C LEU C 377 20.16 -9.13 -41.65
N PHE C 378 19.78 -8.12 -40.86
CA PHE C 378 18.40 -7.62 -40.82
C PHE C 378 17.89 -7.00 -42.15
N TYR C 379 18.81 -6.49 -42.97
CA TYR C 379 18.48 -5.88 -44.28
C TYR C 379 18.32 -6.94 -45.38
N ILE C 380 19.44 -7.54 -45.76
CA ILE C 380 19.49 -8.57 -46.79
C ILE C 380 18.65 -9.81 -46.43
N GLY C 381 18.41 -10.05 -45.14
CA GLY C 381 17.60 -11.20 -44.75
C GLY C 381 16.12 -11.08 -45.08
N ARG C 382 15.75 -10.03 -45.82
CA ARG C 382 14.37 -9.88 -46.31
C ARG C 382 14.34 -9.33 -47.75
N VAL C 383 14.57 -8.01 -47.86
CA VAL C 383 14.39 -7.22 -49.09
C VAL C 383 14.90 -7.82 -50.42
N ASN C 384 14.28 -7.36 -51.52
CA ASN C 384 14.48 -7.86 -52.89
C ASN C 384 15.80 -7.46 -53.55
N LYS C 385 16.06 -6.17 -53.65
CA LYS C 385 17.31 -5.67 -54.24
C LYS C 385 17.47 -4.17 -54.03
N MET D 1 49.03 -25.87 -6.30
CA MET D 1 49.56 -25.94 -4.93
C MET D 1 49.80 -27.40 -4.48
N THR D 2 51.01 -27.70 -4.06
CA THR D 2 51.30 -29.05 -3.61
C THR D 2 50.39 -29.46 -2.45
N ALA D 3 49.89 -30.70 -2.48
CA ALA D 3 48.94 -31.15 -1.47
C ALA D 3 49.54 -31.13 -0.08
N ALA D 4 50.84 -30.84 0.00
CA ALA D 4 51.53 -30.76 1.26
C ALA D 4 51.41 -29.37 1.88
N GLU D 5 51.45 -28.33 1.03
CA GLU D 5 51.30 -26.94 1.50
C GLU D 5 49.84 -26.68 1.88
N HIS D 6 48.93 -27.32 1.15
CA HIS D 6 47.50 -27.12 1.38
C HIS D 6 47.06 -27.73 2.71
N GLY D 7 47.50 -28.96 2.96
CA GLY D 7 47.05 -29.76 4.09
C GLY D 7 45.97 -30.70 3.59
N LEU D 8 45.83 -31.87 4.19
CA LEU D 8 44.85 -32.83 3.68
C LEU D 8 43.45 -32.42 4.09
N HIS D 9 42.53 -32.49 3.14
CA HIS D 9 41.13 -32.23 3.41
C HIS D 9 40.47 -33.11 4.48
N ALA D 10 40.13 -32.50 5.63
CA ALA D 10 39.42 -33.18 6.72
C ALA D 10 38.07 -33.69 6.23
N PRO D 11 37.68 -34.88 6.70
CA PRO D 11 36.48 -35.50 6.12
C PRO D 11 35.19 -35.13 6.85
N ALA D 12 34.07 -35.44 6.20
CA ALA D 12 32.77 -35.06 6.71
C ALA D 12 32.24 -36.00 7.79
N TYR D 13 32.86 -35.98 8.96
CA TYR D 13 32.29 -36.65 10.14
C TYR D 13 30.82 -36.22 10.30
N ALA D 14 30.02 -37.01 11.01
CA ALA D 14 28.59 -36.66 11.15
C ALA D 14 28.18 -36.16 12.54
N TRP D 15 28.38 -34.87 12.77
CA TRP D 15 28.20 -34.26 14.07
C TRP D 15 26.75 -34.15 14.56
N SER D 16 26.59 -34.11 15.88
CA SER D 16 25.28 -34.05 16.51
C SER D 16 24.47 -32.87 15.95
N HIS D 17 25.16 -31.76 15.69
CA HIS D 17 24.49 -30.52 15.32
C HIS D 17 24.35 -30.24 13.83
N ASN D 18 25.10 -30.97 12.98
CA ASN D 18 24.95 -30.78 11.54
C ASN D 18 23.50 -30.98 11.15
N GLY D 19 22.99 -30.07 10.33
CA GLY D 19 21.60 -30.10 9.93
C GLY D 19 20.86 -28.86 10.41
N PRO D 20 19.75 -28.54 9.73
CA PRO D 20 18.92 -27.35 9.95
C PRO D 20 18.08 -27.38 11.22
N PHE D 21 17.98 -28.54 11.85
CA PHE D 21 17.08 -28.71 12.99
C PHE D 21 17.83 -29.18 14.23
N GLU D 22 19.14 -28.93 14.30
CA GLU D 22 19.94 -29.65 15.28
C GLU D 22 20.58 -28.77 16.32
N THR D 23 20.12 -28.90 17.55
CA THR D 23 20.73 -28.17 18.65
C THR D 23 22.03 -28.88 18.93
N PHE D 24 22.97 -28.20 19.58
CA PHE D 24 24.16 -28.88 20.07
C PHE D 24 23.81 -30.05 20.99
N ASP D 25 24.81 -30.88 21.26
CA ASP D 25 24.71 -31.92 22.27
C ASP D 25 25.30 -31.28 23.52
N HIS D 26 24.45 -30.86 24.44
CA HIS D 26 24.93 -30.12 25.60
C HIS D 26 25.71 -31.00 26.55
N ALA D 27 25.31 -32.26 26.61
CA ALA D 27 26.07 -33.26 27.33
C ALA D 27 27.50 -33.29 26.76
N SER D 28 27.59 -33.28 25.43
CA SER D 28 28.89 -33.26 24.76
C SER D 28 29.67 -32.00 25.12
N ILE D 29 29.00 -30.86 25.06
CA ILE D 29 29.63 -29.60 25.43
C ILE D 29 30.21 -29.70 26.84
N ARG D 30 29.40 -30.23 27.76
CA ARG D 30 29.81 -30.42 29.14
C ARG D 30 31.15 -31.19 29.24
N ARG D 31 31.29 -32.23 28.44
CA ARG D 31 32.54 -33.01 28.40
C ARG D 31 33.73 -32.20 27.89
N GLY D 32 33.56 -31.56 26.72
CA GLY D 32 34.58 -30.69 26.16
C GLY D 32 35.15 -29.68 27.16
N TYR D 33 34.31 -29.16 28.07
CA TYR D 33 34.81 -28.18 29.00
C TYR D 33 35.85 -28.81 29.91
N GLN D 34 35.60 -30.06 30.30
CA GLN D 34 36.54 -30.79 31.13
C GLN D 34 37.79 -31.10 30.32
N VAL D 35 37.57 -31.66 29.13
CA VAL D 35 38.66 -31.85 28.19
C VAL D 35 39.37 -30.51 27.95
N TYR D 36 38.63 -29.40 27.97
CA TYR D 36 39.27 -28.08 27.89
C TYR D 36 40.08 -27.79 29.15
N ARG D 37 39.41 -27.91 30.30
CA ARG D 37 39.96 -27.49 31.59
C ARG D 37 41.24 -28.22 31.93
N GLU D 38 41.22 -29.54 31.77
CA GLU D 38 42.33 -30.35 32.23
C GLU D 38 43.51 -30.35 31.24
N VAL D 39 43.21 -30.31 29.94
CA VAL D 39 44.23 -30.46 28.91
C VAL D 39 44.82 -29.15 28.36
N CYS D 40 44.02 -28.40 27.60
CA CYS D 40 44.49 -27.30 26.72
C CYS D 40 44.52 -25.96 27.40
N ALA D 41 43.87 -25.88 28.54
CA ALA D 41 43.87 -24.64 29.29
C ALA D 41 45.31 -24.29 29.64
N ALA D 42 46.19 -25.30 29.65
CA ALA D 42 47.57 -25.10 30.04
C ALA D 42 48.27 -24.04 29.20
N CYS D 43 47.75 -23.86 27.98
CA CYS D 43 48.39 -23.00 26.98
C CYS D 43 47.46 -21.99 26.30
N HIS D 44 46.15 -22.30 26.28
CA HIS D 44 45.19 -21.60 25.43
C HIS D 44 44.17 -20.69 26.14
N SER D 45 44.17 -19.42 25.75
CA SER D 45 43.18 -18.50 26.26
C SER D 45 41.81 -18.79 25.64
N LEU D 46 40.74 -18.46 26.36
CA LEU D 46 39.38 -18.56 25.85
C LEU D 46 38.69 -17.29 26.34
N ASP D 47 39.24 -16.14 25.93
CA ASP D 47 38.93 -14.83 26.53
C ASP D 47 37.57 -14.18 26.25
N ARG D 48 36.98 -14.49 25.10
CA ARG D 48 35.68 -13.90 24.78
C ARG D 48 34.50 -14.76 25.24
N VAL D 49 34.75 -15.65 26.19
CA VAL D 49 33.66 -16.44 26.77
C VAL D 49 33.61 -16.13 28.26
N ALA D 50 32.40 -15.93 28.78
CA ALA D 50 32.25 -15.46 30.17
C ALA D 50 31.64 -16.54 31.04
N TRP D 51 31.99 -16.56 32.32
CA TRP D 51 31.56 -17.69 33.15
C TRP D 51 30.04 -17.89 33.06
N ARG D 52 29.28 -16.80 33.22
CA ARG D 52 27.82 -16.86 33.22
C ARG D 52 27.24 -17.58 32.00
N THR D 53 27.94 -17.43 30.87
CA THR D 53 27.48 -17.89 29.56
C THR D 53 27.40 -19.43 29.51
N LEU D 54 28.20 -20.06 30.39
CA LEU D 54 28.21 -21.52 30.61
C LEU D 54 26.91 -22.03 31.28
N VAL D 55 26.55 -21.38 32.39
CA VAL D 55 25.27 -21.58 33.09
C VAL D 55 24.09 -21.82 32.15
N GLY D 56 23.30 -22.85 32.40
CA GLY D 56 22.21 -23.18 31.50
C GLY D 56 22.59 -23.87 30.20
N VAL D 57 23.89 -24.06 29.93
CA VAL D 57 24.33 -24.72 28.68
C VAL D 57 25.10 -26.00 28.93
N SER D 58 26.19 -25.87 29.68
CA SER D 58 27.03 -26.98 30.08
C SER D 58 26.90 -27.25 31.59
N HIS D 59 26.41 -26.28 32.34
CA HIS D 59 26.40 -26.42 33.79
C HIS D 59 25.16 -25.85 34.48
N THR D 60 25.29 -25.67 35.79
CA THR D 60 24.23 -25.10 36.58
C THR D 60 24.83 -23.95 37.34
N ASN D 61 23.98 -23.06 37.83
CA ASN D 61 24.43 -21.78 38.37
C ASN D 61 25.64 -21.85 39.34
N GLU D 62 25.55 -22.68 40.38
CA GLU D 62 26.67 -22.85 41.30
C GLU D 62 27.83 -23.52 40.59
N GLU D 63 27.52 -24.53 39.76
CA GLU D 63 28.54 -25.31 39.09
C GLU D 63 29.51 -24.36 38.43
N VAL D 64 28.98 -23.25 37.92
CA VAL D 64 29.79 -22.23 37.29
C VAL D 64 30.30 -21.16 38.25
N ARG D 65 29.58 -20.97 39.35
CA ARG D 65 30.05 -20.12 40.43
C ARG D 65 31.29 -20.74 41.06
N ASN D 66 31.27 -22.07 41.16
CA ASN D 66 32.40 -22.81 41.73
C ASN D 66 33.65 -22.57 40.91
N MET D 67 33.58 -22.95 39.62
CA MET D 67 34.68 -22.77 38.69
C MET D 67 35.20 -21.35 38.73
N ALA D 68 34.27 -20.40 38.64
CA ALA D 68 34.53 -18.95 38.65
C ALA D 68 35.49 -18.48 39.73
N GLU D 69 35.23 -18.90 40.96
CA GLU D 69 35.96 -18.33 42.08
C GLU D 69 37.31 -19.04 42.32
N GLU D 70 37.56 -20.09 41.55
CA GLU D 70 38.85 -20.76 41.65
C GLU D 70 40.00 -19.88 41.12
N PHE D 71 39.68 -18.64 40.72
CA PHE D 71 40.68 -17.73 40.16
C PHE D 71 40.52 -16.31 40.73
N GLU D 72 41.64 -15.64 41.00
CA GLU D 72 41.65 -14.30 41.58
C GLU D 72 41.80 -13.15 40.57
N TYR D 73 40.69 -12.56 40.16
CA TYR D 73 40.77 -11.40 39.27
C TYR D 73 41.22 -10.15 40.03
N ASP D 74 41.71 -9.15 39.29
CA ASP D 74 42.08 -7.87 39.89
C ASP D 74 40.85 -7.18 40.45
N ASP D 75 41.03 -6.37 41.48
CA ASP D 75 39.89 -5.67 42.09
C ASP D 75 40.24 -4.29 42.66
N GLU D 76 39.26 -3.38 42.59
CA GLU D 76 39.47 -1.97 42.90
C GLU D 76 40.23 -1.77 44.20
N PRO D 77 41.16 -0.80 44.20
CA PRO D 77 42.05 -0.55 45.33
C PRO D 77 41.33 -0.18 46.63
N ASP D 78 41.91 -0.63 47.74
CA ASP D 78 41.46 -0.27 49.09
C ASP D 78 41.47 1.23 49.30
N GLU D 79 41.18 1.66 50.51
CA GLU D 79 41.12 3.09 50.82
C GLU D 79 42.48 3.78 50.72
N GLN D 80 43.55 3.00 50.79
CA GLN D 80 44.91 3.55 50.79
C GLN D 80 45.42 3.86 49.39
N GLY D 81 44.99 3.06 48.41
CA GLY D 81 45.51 3.16 47.05
C GLY D 81 46.49 2.03 46.76
N ASN D 82 46.11 0.83 47.18
CA ASN D 82 46.96 -0.32 46.96
C ASN D 82 46.09 -1.47 46.47
N PRO D 83 46.62 -2.27 45.55
CA PRO D 83 45.89 -3.31 44.84
C PRO D 83 45.16 -4.29 45.74
N LYS D 84 44.47 -5.24 45.13
CA LYS D 84 43.94 -6.42 45.81
C LYS D 84 43.36 -7.41 44.81
N LYS D 85 43.30 -8.67 45.21
CA LYS D 85 42.65 -9.68 44.38
C LYS D 85 41.24 -9.83 44.86
N ARG D 86 40.59 -10.91 44.44
CA ARG D 86 39.24 -11.27 44.85
C ARG D 86 38.91 -12.46 44.02
N PRO D 87 38.01 -13.33 44.48
CA PRO D 87 37.64 -14.42 43.57
C PRO D 87 36.85 -13.89 42.37
N GLY D 88 36.40 -14.79 41.52
CA GLY D 88 35.69 -14.34 40.35
C GLY D 88 34.24 -14.17 40.64
N LYS D 89 33.52 -13.60 39.66
CA LYS D 89 32.06 -13.62 39.68
C LYS D 89 31.59 -14.27 38.38
N LEU D 90 30.30 -14.55 38.25
CA LEU D 90 29.75 -15.05 36.99
C LEU D 90 29.87 -14.02 35.87
N SER D 91 30.25 -12.81 36.26
CA SER D 91 30.32 -11.66 35.38
C SER D 91 31.62 -11.63 34.62
N ASP D 92 32.41 -12.68 34.75
CA ASP D 92 33.79 -12.66 34.30
C ASP D 92 34.14 -13.51 33.07
N TYR D 93 35.31 -13.21 32.52
CA TYR D 93 35.80 -13.92 31.35
C TYR D 93 36.99 -14.86 31.68
N ILE D 94 36.79 -16.13 31.35
CA ILE D 94 37.70 -17.21 31.70
C ILE D 94 39.15 -16.93 31.35
N PRO D 95 40.00 -16.78 32.38
CA PRO D 95 41.32 -16.15 32.28
C PRO D 95 42.32 -16.98 31.49
N GLY D 96 43.21 -16.30 30.79
CA GLY D 96 44.20 -16.97 29.95
C GLY D 96 45.28 -17.57 30.81
N PRO D 97 45.99 -18.57 30.26
CA PRO D 97 47.08 -19.17 31.04
C PRO D 97 48.20 -18.18 31.25
N TYR D 98 48.44 -17.30 30.28
CA TYR D 98 49.63 -16.46 30.35
C TYR D 98 49.31 -15.00 30.66
N PRO D 99 50.27 -14.29 31.28
CA PRO D 99 50.13 -12.87 31.66
C PRO D 99 50.35 -11.90 30.50
N ASN D 100 50.86 -12.41 29.38
CA ASN D 100 50.97 -11.63 28.13
C ASN D 100 51.46 -12.49 26.96
N GLU D 101 51.42 -11.92 25.75
CA GLU D 101 51.92 -12.56 24.55
C GLU D 101 53.30 -13.25 24.72
N GLN D 102 54.21 -12.64 25.48
CA GLN D 102 55.58 -13.14 25.59
C GLN D 102 55.71 -14.49 26.29
N ALA D 103 55.25 -14.55 27.55
CA ALA D 103 55.27 -15.78 28.34
C ALA D 103 54.51 -16.92 27.67
N ALA D 104 53.62 -16.60 26.74
CA ALA D 104 52.91 -17.61 25.99
C ALA D 104 53.91 -18.28 25.03
N ARG D 105 54.77 -17.45 24.46
CA ARG D 105 55.77 -17.91 23.52
C ARG D 105 56.99 -18.52 24.23
N ALA D 106 57.41 -17.89 25.33
CA ALA D 106 58.47 -18.44 26.18
C ALA D 106 58.17 -19.90 26.54
N ALA D 107 56.92 -20.14 26.91
CA ALA D 107 56.49 -21.47 27.29
C ALA D 107 56.22 -22.38 26.11
N ASN D 108 56.52 -21.94 24.89
CA ASN D 108 56.24 -22.79 23.74
C ASN D 108 57.22 -22.71 22.58
N GLN D 109 58.49 -22.45 22.90
CA GLN D 109 59.53 -22.39 21.91
C GLN D 109 59.30 -21.21 20.98
N GLY D 110 58.58 -20.21 21.51
CA GLY D 110 58.31 -18.99 20.77
C GLY D 110 57.08 -19.09 19.87
N ALA D 111 56.20 -20.05 20.18
CA ALA D 111 54.92 -20.18 19.48
C ALA D 111 53.84 -19.40 20.24
N LEU D 112 52.88 -18.86 19.49
CA LEU D 112 51.76 -18.13 20.09
C LEU D 112 50.47 -18.90 19.95
N PRO D 113 50.15 -19.71 20.97
CA PRO D 113 48.96 -20.54 20.98
C PRO D 113 47.73 -19.65 20.76
N PRO D 114 46.92 -19.99 19.75
CA PRO D 114 45.73 -19.21 19.40
C PRO D 114 44.66 -19.29 20.48
N ASP D 115 44.12 -18.11 20.82
CA ASP D 115 42.94 -18.04 21.65
C ASP D 115 41.89 -18.87 20.93
N LEU D 116 41.19 -19.73 21.68
CA LEU D 116 40.33 -20.74 21.05
C LEU D 116 38.88 -20.33 20.89
N SER D 117 38.48 -19.25 21.59
CA SER D 117 37.08 -18.80 21.66
C SER D 117 36.44 -18.69 20.28
N LEU D 118 37.24 -18.32 19.30
CA LEU D 118 36.76 -18.12 17.95
C LEU D 118 37.31 -19.15 16.93
N ILE D 119 38.04 -20.15 17.42
CA ILE D 119 38.69 -21.07 16.50
C ILE D 119 37.79 -21.83 15.50
N VAL D 120 36.56 -22.16 15.88
CA VAL D 120 35.77 -23.00 14.99
C VAL D 120 35.18 -22.21 13.83
N LYS D 121 35.55 -20.93 13.75
CA LYS D 121 35.09 -20.09 12.65
C LYS D 121 36.29 -19.45 11.95
N ALA D 122 37.37 -19.25 12.71
CA ALA D 122 38.62 -18.72 12.15
C ALA D 122 39.48 -19.77 11.39
N ARG D 123 38.85 -20.85 10.92
CA ARG D 123 39.51 -21.90 10.17
C ARG D 123 38.54 -22.48 9.15
N HIS D 124 39.06 -22.88 7.98
CA HIS D 124 38.21 -23.54 6.99
C HIS D 124 37.85 -24.93 7.51
N GLY D 125 36.70 -25.46 7.13
CA GLY D 125 36.25 -26.75 7.63
C GLY D 125 35.81 -26.76 9.10
N GLY D 126 36.56 -26.07 9.96
CA GLY D 126 36.13 -25.80 11.33
C GLY D 126 35.93 -26.97 12.27
N CYS D 127 34.72 -27.54 12.29
CA CYS D 127 34.45 -28.59 13.26
C CYS D 127 35.28 -29.80 12.90
N ASP D 128 35.14 -30.22 11.65
CA ASP D 128 35.93 -31.29 11.09
C ASP D 128 37.41 -30.99 11.26
N TYR D 129 37.92 -29.92 10.64
CA TYR D 129 39.35 -29.58 10.75
C TYR D 129 39.81 -29.50 12.18
N ILE D 130 38.94 -29.14 13.11
CA ILE D 130 39.39 -29.18 14.50
C ILE D 130 39.56 -30.63 14.98
N PHE D 131 38.57 -31.47 14.68
CA PHE D 131 38.61 -32.85 15.09
C PHE D 131 39.85 -33.49 14.49
N SER D 132 39.98 -33.36 13.17
CA SER D 132 41.04 -34.02 12.42
C SER D 132 42.45 -33.60 12.81
N LEU D 133 42.69 -32.33 13.13
CA LEU D 133 44.03 -31.96 13.53
C LEU D 133 44.36 -32.57 14.90
N LEU D 134 43.31 -32.94 15.64
CA LEU D 134 43.45 -33.47 17.01
C LEU D 134 43.56 -35.01 17.07
N THR D 135 43.03 -35.67 16.04
CA THR D 135 43.07 -37.12 15.91
C THR D 135 43.86 -37.53 14.66
N GLY D 136 44.84 -36.71 14.31
CA GLY D 136 45.53 -36.88 13.05
C GLY D 136 47.02 -36.68 13.18
N TYR D 137 47.50 -36.65 14.42
CA TYR D 137 48.93 -36.70 14.69
C TYR D 137 49.41 -38.12 14.43
N PRO D 138 49.99 -38.41 13.24
CA PRO D 138 50.39 -39.79 12.97
C PRO D 138 51.72 -40.03 13.65
N ASP D 139 52.16 -41.28 13.68
CA ASP D 139 53.35 -41.66 14.46
C ASP D 139 54.64 -41.00 13.98
N GLU D 140 54.94 -41.11 12.68
CA GLU D 140 56.16 -40.53 12.16
C GLU D 140 56.00 -39.63 10.91
N PRO D 141 56.76 -38.52 10.88
CA PRO D 141 56.84 -37.57 9.76
C PRO D 141 57.28 -38.24 8.48
N PRO D 142 56.32 -38.57 7.59
CA PRO D 142 56.38 -39.36 6.34
C PRO D 142 57.74 -39.43 5.66
N ALA D 143 58.05 -40.58 5.05
CA ALA D 143 59.35 -40.79 4.40
C ALA D 143 59.85 -39.59 3.61
N GLY D 144 60.95 -38.99 4.08
CA GLY D 144 61.52 -37.83 3.42
C GLY D 144 61.26 -36.47 4.06
N VAL D 145 60.11 -36.31 4.70
CA VAL D 145 59.79 -35.06 5.38
C VAL D 145 60.67 -34.87 6.61
N ALA D 146 61.54 -33.86 6.51
CA ALA D 146 62.52 -33.59 7.56
C ALA D 146 62.01 -32.49 8.47
N LEU D 147 61.72 -32.85 9.72
CA LEU D 147 61.02 -31.94 10.65
C LEU D 147 61.94 -31.17 11.61
N PRO D 148 61.72 -29.85 11.71
CA PRO D 148 62.50 -28.91 12.53
C PRO D 148 62.49 -29.27 14.03
N PRO D 149 63.40 -28.66 14.82
CA PRO D 149 63.53 -29.03 16.25
C PRO D 149 62.45 -28.40 17.11
N GLY D 150 61.44 -29.18 17.50
CA GLY D 150 60.32 -28.66 18.26
C GLY D 150 59.09 -28.40 17.40
N SER D 151 58.82 -29.32 16.47
CA SER D 151 57.71 -29.18 15.57
C SER D 151 57.22 -30.55 15.13
N ASN D 152 55.91 -30.72 15.02
CA ASN D 152 55.37 -32.02 14.73
C ASN D 152 54.81 -32.08 13.35
N TYR D 153 54.36 -33.27 12.98
CA TYR D 153 53.77 -33.44 11.65
C TYR D 153 52.28 -33.71 11.70
N ASN D 154 51.56 -33.01 10.83
CA ASN D 154 50.12 -33.19 10.71
C ASN D 154 49.78 -32.99 9.26
N PRO D 155 49.06 -33.96 8.68
CA PRO D 155 48.58 -33.83 7.31
C PRO D 155 47.48 -32.75 7.18
N TYR D 156 46.84 -32.38 8.28
CA TYR D 156 45.65 -31.55 8.23
C TYR D 156 45.96 -30.05 8.41
N PHE D 157 47.05 -29.79 9.13
CA PHE D 157 47.73 -28.50 9.12
C PHE D 157 48.33 -28.30 7.70
N PRO D 158 48.54 -27.05 7.28
CA PRO D 158 49.26 -26.78 6.03
C PRO D 158 50.75 -27.00 6.21
N GLY D 159 51.39 -27.70 5.28
CA GLY D 159 52.82 -28.05 5.36
C GLY D 159 53.19 -28.77 6.66
N GLY D 160 52.29 -29.63 7.15
CA GLY D 160 52.48 -30.43 8.35
C GLY D 160 53.20 -29.96 9.62
N SER D 161 54.16 -29.06 9.47
CA SER D 161 55.01 -28.63 10.57
C SER D 161 54.29 -27.80 11.65
N ILE D 162 53.50 -28.47 12.50
CA ILE D 162 52.75 -27.77 13.54
C ILE D 162 53.50 -27.61 14.88
N ALA D 163 53.56 -26.38 15.39
CA ALA D 163 54.30 -26.10 16.63
C ALA D 163 53.60 -26.64 17.88
N MET D 164 52.44 -27.25 17.67
CA MET D 164 51.75 -27.87 18.77
C MET D 164 51.98 -29.35 18.68
N ALA D 165 52.64 -29.91 19.68
CA ALA D 165 52.81 -31.35 19.83
C ALA D 165 51.44 -32.01 20.06
N ARG D 166 51.34 -33.31 19.83
CA ARG D 166 50.10 -34.04 20.09
C ARG D 166 49.77 -33.88 21.56
N VAL D 167 48.47 -33.89 21.89
CA VAL D 167 48.07 -33.76 23.30
C VAL D 167 46.97 -34.73 23.73
N LEU D 168 46.29 -35.37 22.79
CA LEU D 168 45.32 -36.39 23.18
C LEU D 168 45.91 -37.82 23.21
N PHE D 169 45.95 -38.38 24.41
CA PHE D 169 46.53 -39.67 24.68
C PHE D 169 45.56 -40.36 25.61
N ASP D 170 44.85 -41.37 25.09
CA ASP D 170 43.67 -41.95 25.77
C ASP D 170 43.64 -41.85 27.30
N ASP D 171 42.51 -41.36 27.81
CA ASP D 171 42.17 -41.43 29.22
C ASP D 171 42.79 -40.37 30.14
N MET D 172 43.69 -39.54 29.61
CA MET D 172 44.38 -38.50 30.42
C MET D 172 43.37 -37.57 31.13
N VAL D 173 42.13 -37.65 30.70
CA VAL D 173 41.04 -36.92 31.34
C VAL D 173 40.08 -37.94 31.94
N GLU D 174 39.65 -37.68 33.17
CA GLU D 174 38.75 -38.58 33.86
C GLU D 174 37.32 -38.15 33.60
N TYR D 175 36.69 -38.73 32.56
CA TYR D 175 35.34 -38.32 32.15
C TYR D 175 34.31 -38.52 33.25
N GLU D 176 33.99 -37.41 33.92
CA GLU D 176 33.14 -37.37 35.12
C GLU D 176 31.82 -38.15 35.02
N ASP D 177 31.15 -38.04 33.86
CA ASP D 177 29.94 -38.81 33.64
C ASP D 177 30.25 -40.32 33.59
N GLY D 178 31.42 -40.67 33.02
CA GLY D 178 31.84 -42.05 32.93
C GLY D 178 31.80 -42.61 31.51
N THR D 179 32.32 -41.83 30.57
CA THR D 179 32.35 -42.23 29.16
C THR D 179 33.79 -42.61 28.81
N PRO D 180 33.97 -43.57 27.86
CA PRO D 180 35.24 -43.86 27.20
C PRO D 180 36.04 -42.59 26.99
N ALA D 181 36.96 -42.31 27.89
CA ALA D 181 37.78 -41.11 27.78
C ALA D 181 38.87 -41.30 26.70
N THR D 182 38.48 -41.76 25.51
CA THR D 182 39.44 -42.05 24.44
C THR D 182 40.14 -40.79 23.96
N THR D 183 40.60 -40.82 22.72
CA THR D 183 41.16 -39.62 22.11
C THR D 183 40.23 -39.15 21.03
N SER D 184 39.51 -40.08 20.42
CA SER D 184 38.49 -39.67 19.46
C SER D 184 37.15 -39.40 20.17
N GLN D 185 37.15 -39.53 21.49
CA GLN D 185 36.00 -39.14 22.30
C GLN D 185 36.37 -37.99 23.21
N MET D 186 37.65 -37.91 23.59
CA MET D 186 38.16 -36.71 24.24
C MET D 186 38.06 -35.53 23.26
N ALA D 187 38.34 -35.81 21.97
CA ALA D 187 38.42 -34.79 20.92
C ALA D 187 37.09 -34.29 20.40
N LYS D 188 36.21 -35.24 20.05
CA LYS D 188 34.90 -34.93 19.47
C LYS D 188 34.14 -34.00 20.37
N ASP D 189 34.45 -34.06 21.66
CA ASP D 189 33.81 -33.17 22.61
C ASP D 189 34.39 -31.76 22.62
N VAL D 190 35.66 -31.58 22.99
CA VAL D 190 36.25 -30.24 22.93
C VAL D 190 35.92 -29.53 21.61
N THR D 191 35.81 -30.29 20.52
CA THR D 191 35.31 -29.70 19.30
C THR D 191 33.89 -29.18 19.52
N THR D 192 32.95 -30.04 19.97
CA THR D 192 31.57 -29.60 20.16
C THR D 192 31.50 -28.48 21.19
N PHE D 193 32.41 -28.47 22.15
CA PHE D 193 32.45 -27.39 23.10
C PHE D 193 33.03 -26.14 22.44
N LEU D 194 34.08 -26.30 21.65
CA LEU D 194 34.70 -25.14 20.98
C LEU D 194 33.79 -24.56 19.89
N ASN D 195 32.86 -25.38 19.42
CA ASN D 195 31.91 -24.95 18.42
C ASN D 195 31.03 -23.93 19.07
N TRP D 196 30.37 -24.35 20.15
CA TRP D 196 29.63 -23.46 21.02
C TRP D 196 30.38 -22.16 21.26
N CYS D 197 31.62 -22.27 21.76
CA CYS D 197 32.39 -21.08 22.12
C CYS D 197 32.41 -20.01 21.04
N ALA D 198 32.60 -20.42 19.79
CA ALA D 198 32.55 -19.45 18.70
C ALA D 198 31.14 -19.15 18.17
N GLU D 199 30.16 -20.01 18.46
CA GLU D 199 28.80 -19.74 18.02
C GLU D 199 27.72 -20.00 19.07
N PRO D 200 27.77 -19.31 20.23
CA PRO D 200 26.81 -19.57 21.34
C PRO D 200 25.33 -19.49 20.95
N GLU D 201 24.94 -18.45 20.22
CA GLU D 201 23.59 -18.29 19.75
C GLU D 201 22.97 -19.55 19.09
N HIS D 202 23.77 -20.59 18.90
CA HIS D 202 23.46 -21.61 17.89
C HIS D 202 22.05 -22.19 17.86
N ASP D 203 21.56 -22.67 19.00
CA ASP D 203 20.34 -23.47 18.97
C ASP D 203 19.13 -22.57 18.77
N GLU D 204 19.24 -21.35 19.29
CA GLU D 204 18.19 -20.37 19.10
C GLU D 204 18.21 -19.96 17.65
N ARG D 205 19.43 -19.83 17.12
CA ARG D 205 19.61 -19.28 15.79
C ARG D 205 18.92 -20.11 14.72
N LYS D 206 18.80 -21.41 14.98
CA LYS D 206 18.13 -22.27 14.00
C LYS D 206 16.66 -22.35 14.34
N ARG D 207 16.38 -22.23 15.63
CA ARG D 207 15.02 -22.10 16.13
C ARG D 207 14.33 -20.96 15.41
N LEU D 208 14.84 -19.75 15.60
CA LEU D 208 14.29 -18.55 14.97
C LEU D 208 14.31 -18.66 13.47
N GLY D 209 15.36 -19.32 12.96
CA GLY D 209 15.56 -19.58 11.55
C GLY D 209 14.39 -20.37 11.01
N LEU D 210 13.98 -21.35 11.81
CA LEU D 210 12.85 -22.19 11.47
C LEU D 210 11.63 -21.34 11.22
N LYS D 211 11.25 -20.58 12.25
CA LYS D 211 10.09 -19.68 12.17
C LYS D 211 10.23 -18.79 10.96
N THR D 212 11.40 -18.17 10.80
CA THR D 212 11.55 -17.19 9.74
C THR D 212 11.18 -17.76 8.40
N VAL D 213 11.61 -19.00 8.17
CA VAL D 213 11.44 -19.58 6.85
C VAL D 213 10.02 -20.03 6.61
N ILE D 214 9.48 -20.78 7.58
CA ILE D 214 8.09 -21.25 7.48
C ILE D 214 7.13 -20.09 7.17
N ILE D 215 7.26 -18.98 7.89
CA ILE D 215 6.43 -17.81 7.68
C ILE D 215 6.76 -17.23 6.29
N LEU D 216 8.05 -17.08 6.02
CA LEU D 216 8.50 -16.38 4.82
C LEU D 216 8.16 -17.17 3.55
N SER D 217 8.32 -18.49 3.65
CA SER D 217 7.93 -19.35 2.55
C SER D 217 6.46 -19.09 2.25
N SER D 218 5.62 -19.27 3.27
CA SER D 218 4.17 -19.11 3.10
C SER D 218 3.80 -17.79 2.47
N LEU D 219 4.48 -16.73 2.89
CA LEU D 219 4.27 -15.42 2.29
C LEU D 219 4.56 -15.45 0.80
N TYR D 220 5.66 -16.16 0.45
CA TYR D 220 6.09 -16.24 -0.94
C TYR D 220 4.97 -16.85 -1.73
N LEU D 221 4.55 -18.05 -1.33
CA LEU D 221 3.49 -18.73 -2.08
C LEU D 221 2.21 -17.84 -2.06
N LEU D 222 1.86 -17.32 -0.89
CA LEU D 222 0.70 -16.44 -0.77
C LEU D 222 0.77 -15.22 -1.69
N SER D 223 1.93 -14.58 -1.71
CA SER D 223 2.16 -13.43 -2.56
C SER D 223 1.90 -13.73 -4.07
N ILE D 224 2.57 -14.79 -4.56
CA ILE D 224 2.35 -15.35 -5.91
C ILE D 224 0.84 -15.41 -6.29
N TRP D 225 0.05 -16.18 -5.52
CA TRP D 225 -1.39 -16.32 -5.74
C TRP D 225 -2.01 -15.00 -6.02
N VAL D 226 -1.92 -14.15 -4.99
CA VAL D 226 -2.41 -12.78 -5.02
C VAL D 226 -2.09 -12.11 -6.36
N LYS D 227 -0.88 -12.34 -6.86
CA LYS D 227 -0.37 -11.61 -8.02
C LYS D 227 -1.15 -11.97 -9.24
N LYS D 228 -1.46 -13.27 -9.37
CA LYS D 228 -2.09 -13.74 -10.60
C LYS D 228 -3.52 -13.25 -10.62
N PHE D 229 -4.02 -12.95 -9.43
CA PHE D 229 -5.40 -12.49 -9.27
C PHE D 229 -5.52 -11.08 -9.80
N LYS D 230 -4.61 -10.23 -9.35
CA LYS D 230 -4.66 -8.81 -9.68
C LYS D 230 -4.27 -8.59 -11.15
N TRP D 231 -3.56 -9.57 -11.69
CA TRP D 231 -3.12 -9.58 -13.08
C TRP D 231 -4.16 -10.23 -14.01
N ALA D 232 -5.04 -11.03 -13.40
CA ALA D 232 -5.97 -11.87 -14.14
C ALA D 232 -6.68 -11.17 -15.29
N GLY D 233 -6.87 -9.86 -15.20
CA GLY D 233 -7.60 -9.14 -16.24
C GLY D 233 -6.71 -8.81 -17.40
N ILE D 234 -5.44 -8.59 -17.07
CA ILE D 234 -4.44 -8.22 -18.05
C ILE D 234 -3.91 -9.46 -18.81
N LYS D 235 -3.71 -10.56 -18.07
CA LYS D 235 -3.27 -11.86 -18.61
C LYS D 235 -4.23 -12.45 -19.64
N THR D 236 -5.51 -12.54 -19.24
CA THR D 236 -6.59 -13.04 -20.09
C THR D 236 -7.21 -11.94 -20.97
N ARG D 237 -6.58 -10.77 -20.99
CA ARG D 237 -7.01 -9.65 -21.82
C ARG D 237 -6.74 -10.01 -23.26
N LYS D 238 -7.65 -9.64 -24.18
CA LYS D 238 -7.64 -10.14 -25.57
C LYS D 238 -8.08 -9.08 -26.57
N PHE D 239 -7.21 -8.72 -27.50
CA PHE D 239 -7.51 -7.63 -28.46
C PHE D 239 -8.05 -8.17 -29.79
N VAL D 240 -8.53 -7.28 -30.67
CA VAL D 240 -8.95 -7.64 -32.05
C VAL D 240 -8.75 -6.46 -33.03
N PHE D 241 -8.33 -6.74 -34.27
CA PHE D 241 -8.08 -5.63 -35.19
C PHE D 241 -9.06 -5.53 -36.36
N ASN D 242 -9.58 -4.34 -36.58
CA ASN D 242 -10.50 -4.08 -37.66
C ASN D 242 -10.11 -2.78 -38.34
N PRO D 243 -9.32 -2.88 -39.41
CA PRO D 243 -8.93 -1.70 -40.20
C PRO D 243 -10.13 -0.80 -40.53
N PRO D 244 -9.89 0.51 -40.62
CA PRO D 244 -10.99 1.46 -40.69
C PRO D 244 -11.02 2.26 -42.00
N LYS D 245 -12.22 2.52 -42.50
CA LYS D 245 -12.40 3.24 -43.76
C LYS D 245 -11.57 4.53 -43.87
N PRO D 246 -10.76 4.64 -44.92
CA PRO D 246 -9.83 5.76 -45.13
C PRO D 246 -10.51 7.13 -45.34
N ARG D 247 -10.72 7.86 -44.25
CA ARG D 247 -11.28 9.21 -44.34
C ARG D 247 -10.97 10.08 -43.09
N LYS D 248 -9.80 10.72 -43.07
CA LYS D 248 -9.45 11.67 -41.99
C LYS D 248 -8.28 12.60 -42.37
N LYS E 1 -15.63 -8.46 -38.96
CA LYS E 1 -16.41 -8.87 -37.80
C LYS E 1 -17.04 -7.65 -37.14
N SER E 2 -18.05 -7.89 -36.30
CA SER E 2 -18.66 -6.80 -35.55
C SER E 2 -17.96 -6.67 -34.21
N THR E 3 -17.97 -5.47 -33.67
CA THR E 3 -17.33 -5.20 -32.38
C THR E 3 -18.08 -5.85 -31.21
N TYR E 4 -19.39 -5.97 -31.29
CA TYR E 4 -20.12 -6.68 -30.24
C TYR E 4 -19.70 -8.15 -30.16
N ARG E 5 -19.27 -8.71 -31.28
CA ARG E 5 -18.96 -10.13 -31.30
C ARG E 5 -17.85 -10.48 -30.28
N THR E 6 -18.30 -11.12 -29.18
CA THR E 6 -17.54 -11.29 -27.94
C THR E 6 -16.68 -12.54 -27.88
N PRO E 7 -15.33 -12.35 -27.80
CA PRO E 7 -14.35 -13.45 -27.75
C PRO E 7 -14.59 -14.51 -26.66
N ASN E 8 -13.80 -15.58 -26.72
CA ASN E 8 -14.04 -16.72 -25.84
C ASN E 8 -13.18 -16.75 -24.57
N PHE E 9 -13.83 -16.68 -23.42
CA PHE E 9 -13.14 -16.89 -22.15
C PHE E 9 -13.62 -18.17 -21.47
N ASP E 10 -14.38 -18.99 -22.20
CA ASP E 10 -14.97 -20.21 -21.64
C ASP E 10 -13.90 -21.09 -21.00
N ASP E 11 -12.67 -21.00 -21.52
CA ASP E 11 -11.52 -21.64 -20.89
C ASP E 11 -11.22 -20.99 -19.52
N VAL E 12 -11.21 -19.66 -19.51
CA VAL E 12 -10.83 -18.91 -18.31
C VAL E 12 -11.94 -18.80 -17.26
N LEU E 13 -13.12 -18.35 -17.68
CA LEU E 13 -14.27 -18.22 -16.77
C LEU E 13 -14.57 -19.57 -16.14
N LYS E 14 -15.09 -19.54 -14.93
CA LYS E 14 -15.51 -20.76 -14.26
C LYS E 14 -16.96 -21.08 -14.64
N GLU E 15 -17.33 -22.35 -14.54
CA GLU E 15 -18.72 -22.76 -14.76
C GLU E 15 -19.56 -22.14 -13.65
N ASN E 16 -20.82 -21.85 -13.94
CA ASN E 16 -21.69 -21.10 -13.01
C ASN E 16 -22.07 -21.83 -11.72
N ASN E 17 -21.16 -22.65 -11.19
CA ASN E 17 -21.37 -23.33 -9.92
C ASN E 17 -21.52 -22.30 -8.81
N ASP E 18 -20.69 -21.25 -8.88
CA ASP E 18 -20.68 -20.18 -7.90
C ASP E 18 -19.95 -18.95 -8.43
N ALA E 19 -20.65 -17.82 -8.52
CA ALA E 19 -20.01 -16.56 -8.86
C ALA E 19 -19.50 -15.89 -7.57
N ASP E 20 -18.83 -16.69 -6.74
CA ASP E 20 -18.36 -16.22 -5.44
C ASP E 20 -17.22 -17.06 -4.84
N LYS E 21 -16.65 -17.96 -5.63
CA LYS E 21 -15.48 -18.71 -5.18
C LYS E 21 -14.20 -17.98 -5.57
N GLY E 22 -14.26 -17.25 -6.69
CA GLY E 22 -13.15 -16.46 -7.17
C GLY E 22 -12.96 -15.20 -6.36
N ARG E 23 -13.90 -14.94 -5.45
CA ARG E 23 -13.77 -13.86 -4.47
C ARG E 23 -13.29 -14.41 -3.13
N SER E 24 -13.89 -15.52 -2.70
CA SER E 24 -13.59 -16.09 -1.40
C SER E 24 -12.18 -16.66 -1.26
N TYR E 25 -11.66 -17.21 -2.36
CA TYR E 25 -10.31 -17.78 -2.38
C TYR E 25 -9.29 -16.65 -2.29
N ALA E 26 -9.54 -15.61 -3.07
CA ALA E 26 -8.72 -14.39 -3.09
C ALA E 26 -8.61 -13.68 -1.73
N TYR E 27 -9.73 -13.53 -1.04
CA TYR E 27 -9.69 -12.82 0.21
C TYR E 27 -8.94 -13.59 1.29
N PHE E 28 -9.12 -14.91 1.37
CA PHE E 28 -8.29 -15.70 2.29
C PHE E 28 -6.82 -15.65 1.85
N MET E 29 -6.59 -15.52 0.56
CA MET E 29 -5.23 -15.31 0.09
C MET E 29 -4.73 -13.96 0.61
N VAL E 30 -5.30 -12.88 0.09
CA VAL E 30 -4.89 -11.53 0.46
C VAL E 30 -4.85 -11.38 1.97
N GLY E 31 -5.90 -11.89 2.62
CA GLY E 31 -6.02 -11.88 4.07
C GLY E 31 -4.97 -12.63 4.90
N ALA E 32 -4.56 -13.82 4.47
CA ALA E 32 -3.57 -14.58 5.24
C ALA E 32 -2.17 -14.04 4.99
N MET E 33 -2.05 -13.26 3.92
CA MET E 33 -0.79 -12.59 3.64
C MET E 33 -0.71 -11.38 4.57
N GLY E 34 -1.73 -10.53 4.47
CA GLY E 34 -2.01 -9.47 5.43
C GLY E 34 -1.67 -9.90 6.85
N LEU E 35 -2.25 -11.02 7.29
CA LEU E 35 -2.02 -11.53 8.63
C LEU E 35 -0.52 -11.68 8.88
N LEU E 36 0.08 -12.64 8.19
CA LEU E 36 1.50 -13.02 8.34
C LEU E 36 2.50 -11.89 8.17
N SER E 37 2.30 -11.07 7.13
CA SER E 37 3.10 -9.88 6.92
C SER E 37 3.23 -9.10 8.23
N SER E 38 2.11 -8.50 8.64
CA SER E 38 1.94 -7.90 9.98
C SER E 38 2.69 -8.68 11.05
N ALA E 39 2.23 -9.89 11.31
CA ALA E 39 2.91 -10.78 12.25
C ALA E 39 4.44 -10.81 12.09
N GLY E 40 4.94 -10.65 10.87
CA GLY E 40 6.37 -10.59 10.64
C GLY E 40 6.92 -9.19 10.90
N ALA E 41 6.28 -8.19 10.26
CA ALA E 41 6.55 -6.77 10.50
C ALA E 41 6.61 -6.46 11.99
N LYS E 42 5.71 -7.10 12.75
CA LYS E 42 5.70 -6.96 14.19
C LYS E 42 7.05 -7.38 14.76
N SER E 43 7.44 -8.63 14.46
CA SER E 43 8.68 -9.23 14.95
C SER E 43 9.94 -8.50 14.52
N THR E 44 9.95 -8.06 13.26
CA THR E 44 11.07 -7.30 12.71
C THR E 44 11.36 -6.11 13.62
N VAL E 45 10.33 -5.28 13.83
CA VAL E 45 10.40 -4.20 14.81
C VAL E 45 10.85 -4.63 16.22
N GLU E 46 10.21 -5.68 16.76
CA GLU E 46 10.45 -6.16 18.13
C GLU E 46 11.91 -6.37 18.35
N THR E 47 12.56 -6.80 17.26
CA THR E 47 13.94 -7.27 17.17
C THR E 47 14.93 -6.12 17.32
N PHE E 48 14.75 -5.10 16.50
CA PHE E 48 15.59 -3.92 16.55
C PHE E 48 15.40 -3.16 17.83
N ILE E 49 14.17 -3.13 18.36
CA ILE E 49 13.96 -2.42 19.61
C ILE E 49 14.72 -3.15 20.69
N SER E 50 14.43 -4.43 20.83
CA SER E 50 15.11 -5.20 21.86
C SER E 50 16.62 -5.23 21.66
N SER E 51 17.10 -4.83 20.48
CA SER E 51 18.53 -4.57 20.27
C SER E 51 19.15 -3.55 21.27
N MET E 52 18.29 -2.96 22.12
CA MET E 52 18.60 -1.76 22.90
C MET E 52 18.39 -1.99 24.38
N THR E 53 17.62 -3.02 24.72
CA THR E 53 17.57 -3.48 26.09
C THR E 53 18.99 -3.79 26.54
N ALA E 54 19.23 -3.91 27.85
CA ALA E 54 20.61 -3.95 28.34
C ALA E 54 21.39 -5.14 27.80
N THR E 55 22.58 -4.86 27.26
CA THR E 55 23.41 -5.89 26.65
C THR E 55 23.53 -7.03 27.64
N ALA E 56 23.84 -8.22 27.14
CA ALA E 56 23.93 -9.42 27.98
C ALA E 56 25.02 -9.30 29.05
N ASP E 57 26.02 -8.48 28.79
CA ASP E 57 27.16 -8.30 29.68
C ASP E 57 27.15 -7.05 30.55
N VAL E 58 26.03 -6.73 31.20
CA VAL E 58 26.03 -5.59 32.13
C VAL E 58 25.37 -5.86 33.48
N LEU E 59 24.14 -6.38 33.46
CA LEU E 59 23.27 -6.38 34.65
C LEU E 59 23.94 -6.79 36.00
N ALA E 60 24.90 -5.95 36.42
CA ALA E 60 25.71 -6.21 37.59
C ALA E 60 24.97 -5.89 38.88
N MET E 61 23.86 -6.58 39.10
CA MET E 61 23.12 -6.48 40.37
C MET E 61 24.04 -6.86 41.57
N ALA E 62 24.86 -5.90 41.97
CA ALA E 62 25.94 -6.19 42.89
C ALA E 62 25.94 -5.32 44.14
N LYS E 63 25.46 -5.94 45.22
CA LYS E 63 25.40 -5.43 46.60
C LYS E 63 26.68 -4.80 47.15
N VAL E 64 26.53 -3.73 47.93
CA VAL E 64 27.67 -3.02 48.51
C VAL E 64 27.57 -2.91 50.03
N GLU E 65 28.64 -2.43 50.68
CA GLU E 65 28.78 -2.47 52.13
C GLU E 65 29.56 -1.28 52.66
N VAL E 66 28.96 -0.59 53.63
CA VAL E 66 29.56 0.62 54.18
C VAL E 66 30.07 0.46 55.60
N ASN E 67 31.13 1.21 55.88
CA ASN E 67 31.76 1.23 57.18
C ASN E 67 31.05 2.28 58.00
N LEU E 68 30.06 1.86 58.78
CA LEU E 68 29.21 2.82 59.52
C LEU E 68 29.98 3.62 60.56
N ALA E 69 30.92 2.96 61.23
CA ALA E 69 31.78 3.63 62.20
C ALA E 69 32.55 4.82 61.59
N ALA E 70 33.00 4.66 60.35
CA ALA E 70 33.75 5.72 59.69
C ALA E 70 32.87 6.94 59.36
N ILE E 71 31.63 6.94 59.84
CA ILE E 71 30.69 8.01 59.55
C ILE E 71 30.41 8.81 60.83
N PRO E 72 31.05 9.98 60.98
CA PRO E 72 30.86 10.88 62.12
C PRO E 72 29.39 11.19 62.33
N LEU E 73 29.01 11.65 63.53
CA LEU E 73 27.61 11.94 63.82
C LEU E 73 27.19 13.29 63.20
N GLY E 74 26.52 13.22 62.05
CA GLY E 74 26.20 14.40 61.26
C GLY E 74 27.01 14.54 59.98
N LYS E 75 27.62 13.46 59.54
CA LYS E 75 28.34 13.50 58.27
C LYS E 75 27.57 12.78 57.18
N ASN E 76 27.42 13.47 56.06
CA ASN E 76 26.86 12.87 54.85
C ASN E 76 27.84 12.02 54.03
N VAL E 77 27.48 10.76 53.85
CA VAL E 77 28.30 9.82 53.12
C VAL E 77 27.55 9.36 51.85
N VAL E 78 28.27 9.36 50.73
CA VAL E 78 27.73 8.91 49.44
C VAL E 78 28.55 7.69 49.04
N VAL E 79 27.93 6.71 48.39
CA VAL E 79 28.64 5.50 47.95
C VAL E 79 28.11 5.00 46.59
N LYS E 80 28.92 4.25 45.84
CA LYS E 80 28.48 3.73 44.54
C LYS E 80 27.79 2.36 44.61
N TRP E 81 26.47 2.38 44.51
CA TRP E 81 25.64 1.19 44.35
C TRP E 81 24.79 1.28 43.08
N GLN E 82 24.80 0.20 42.30
CA GLN E 82 24.04 0.11 41.04
C GLN E 82 24.05 1.32 40.10
N GLY E 83 25.13 2.09 40.12
CA GLY E 83 25.28 3.20 39.19
C GLY E 83 24.62 4.46 39.67
N LYS E 84 23.87 4.33 40.77
CA LYS E 84 23.25 5.46 41.45
C LYS E 84 24.14 5.85 42.61
N PRO E 85 23.86 6.99 43.26
CA PRO E 85 24.57 7.26 44.51
C PRO E 85 23.66 6.86 45.65
N VAL E 86 24.23 6.35 46.73
CA VAL E 86 23.44 6.05 47.93
C VAL E 86 23.87 6.97 49.05
N PHE E 87 22.87 7.65 49.60
CA PHE E 87 23.04 8.63 50.66
C PHE E 87 23.01 7.96 52.03
N ILE E 88 23.97 8.31 52.89
CA ILE E 88 23.94 7.92 54.31
C ILE E 88 24.37 9.06 55.21
N ARG E 89 23.38 9.70 55.85
CA ARG E 89 23.63 10.60 56.96
C ARG E 89 23.55 9.87 58.30
N HIS E 90 24.50 10.21 59.18
CA HIS E 90 24.51 9.80 60.60
C HIS E 90 23.75 10.81 61.46
N ARG E 91 22.46 10.53 61.69
CA ARG E 91 21.53 11.56 62.18
C ARG E 91 21.61 11.89 63.67
N THR E 92 21.81 13.16 63.98
CA THR E 92 21.76 13.64 65.37
C THR E 92 20.32 13.54 65.93
N PRO E 93 20.16 13.53 67.27
CA PRO E 93 18.81 13.28 67.82
C PRO E 93 17.86 14.47 67.62
N HIS E 94 18.41 15.68 67.68
CA HIS E 94 17.65 16.85 67.31
C HIS E 94 17.09 16.63 65.92
N GLU E 95 17.98 16.16 65.03
CA GLU E 95 17.63 15.89 63.65
C GLU E 95 16.61 14.76 63.57
N ILE E 96 16.85 13.68 64.32
CA ILE E 96 15.86 12.62 64.40
C ILE E 96 14.47 13.17 64.81
N GLN E 97 14.45 14.15 65.71
CA GLN E 97 13.16 14.68 66.16
C GLN E 97 12.46 15.47 65.08
N GLU E 98 13.20 16.32 64.38
CA GLU E 98 12.63 17.11 63.28
C GLU E 98 11.87 16.23 62.29
N ALA E 99 12.51 15.15 61.86
CA ALA E 99 11.94 14.16 60.95
C ALA E 99 10.57 13.63 61.38
N ASN E 100 10.42 13.30 62.66
CA ASN E 100 9.22 12.57 63.15
C ASN E 100 8.26 13.45 63.89
N SER E 101 8.41 14.75 63.74
CA SER E 101 7.51 15.68 64.41
C SER E 101 6.91 16.63 63.38
N VAL E 102 6.29 16.05 62.36
CA VAL E 102 5.87 16.81 61.18
C VAL E 102 4.49 16.37 60.66
N ASP E 103 3.80 17.31 60.01
CA ASP E 103 2.45 17.09 59.52
C ASP E 103 2.34 16.43 58.12
N MET E 104 1.98 15.14 58.11
CA MET E 104 1.63 14.38 56.89
C MET E 104 0.36 14.87 56.20
N SER E 105 0.20 16.18 56.07
CA SER E 105 -0.82 16.73 55.20
C SER E 105 -0.14 17.92 54.56
N ALA E 106 0.91 18.39 55.24
CA ALA E 106 1.84 19.36 54.66
C ALA E 106 2.80 18.68 53.66
N LEU E 107 2.41 17.48 53.21
CA LEU E 107 3.31 16.62 52.46
C LEU E 107 2.65 16.09 51.23
N LYS E 108 3.44 16.04 50.16
CA LYS E 108 3.02 15.57 48.85
C LYS E 108 3.06 14.05 48.82
N ASP E 109 4.19 13.46 49.20
CA ASP E 109 4.28 12.01 49.29
C ASP E 109 4.52 11.64 50.74
N PRO E 110 3.44 11.65 51.57
CA PRO E 110 3.47 11.67 53.04
C PRO E 110 3.88 10.35 53.66
N GLN E 111 4.84 10.39 54.57
CA GLN E 111 5.40 9.17 55.08
C GLN E 111 6.09 9.31 56.44
N THR E 112 5.81 8.34 57.33
CA THR E 112 6.38 8.35 58.68
C THR E 112 7.86 8.01 58.68
N ASP E 113 8.69 8.96 59.12
CA ASP E 113 10.13 8.80 59.18
C ASP E 113 10.55 7.43 59.64
N ALA E 114 9.78 6.84 60.55
CA ALA E 114 10.18 5.59 61.18
C ALA E 114 9.97 4.41 60.27
N ASP E 115 9.22 4.61 59.19
CA ASP E 115 9.07 3.57 58.18
C ASP E 115 10.23 3.66 57.16
N ARG E 116 10.46 4.87 56.65
CA ARG E 116 11.65 5.22 55.88
C ARG E 116 12.99 4.84 56.50
N VAL E 117 13.07 4.70 57.83
CA VAL E 117 14.31 4.22 58.44
C VAL E 117 14.10 3.09 59.44
N LYS E 118 15.16 2.29 59.60
CA LYS E 118 15.18 1.16 60.52
C LYS E 118 15.71 1.58 61.89
N ASP E 119 16.93 2.08 61.93
CA ASP E 119 17.42 2.78 63.11
C ASP E 119 17.34 4.24 62.71
N PRO E 120 16.70 5.08 63.54
CA PRO E 120 16.56 6.50 63.19
C PRO E 120 17.88 7.28 63.10
N GLN E 121 18.99 6.67 63.52
CA GLN E 121 20.26 7.38 63.57
C GLN E 121 20.85 7.39 62.18
N TRP E 122 20.39 6.45 61.37
CA TRP E 122 20.86 6.21 59.99
C TRP E 122 19.79 6.47 58.94
N LEU E 123 19.98 7.56 58.19
CA LEU E 123 19.15 7.81 57.00
C LEU E 123 19.81 7.18 55.77
N ILE E 124 19.11 6.25 55.12
CA ILE E 124 19.69 5.48 54.01
C ILE E 124 18.80 5.37 52.75
N MET E 125 19.23 6.03 51.68
CA MET E 125 18.36 6.25 50.51
C MET E 125 19.15 6.50 49.22
N LEU E 126 18.53 6.27 48.06
CA LEU E 126 19.19 6.51 46.78
C LEU E 126 19.13 7.96 46.37
N GLY E 127 20.26 8.65 46.36
CA GLY E 127 20.35 10.05 45.97
C GLY E 127 19.85 10.43 44.57
N ILE E 128 18.80 9.77 44.09
CA ILE E 128 18.17 10.13 42.82
C ILE E 128 16.90 10.93 43.02
N CYS E 129 16.95 12.18 42.59
CA CYS E 129 15.84 13.11 42.70
C CYS E 129 14.61 12.64 41.97
N THR E 130 13.61 12.09 42.65
CA THR E 130 12.47 11.49 41.94
C THR E 130 11.73 12.35 40.90
N HIS E 131 12.18 13.59 40.66
CA HIS E 131 11.65 14.40 39.52
C HIS E 131 12.11 13.85 38.20
N LEU E 132 13.30 14.29 37.79
CA LEU E 132 13.89 13.80 36.54
C LEU E 132 15.32 13.28 36.80
N GLY E 133 15.54 12.78 38.02
CA GLY E 133 16.68 11.95 38.36
C GLY E 133 18.05 12.58 38.48
N CYS E 134 18.18 13.80 38.96
CA CYS E 134 19.51 14.27 39.35
C CYS E 134 19.90 13.77 40.73
N VAL E 135 21.02 14.31 41.20
CA VAL E 135 21.56 13.94 42.50
C VAL E 135 21.57 15.18 43.35
N PRO E 136 20.59 15.26 44.29
CA PRO E 136 20.35 16.34 45.24
C PRO E 136 21.62 16.72 46.03
N ILE E 137 21.90 18.02 46.13
CA ILE E 137 22.92 18.51 47.05
C ILE E 137 22.59 18.30 48.56
N GLY E 138 23.54 17.73 49.30
CA GLY E 138 23.40 17.49 50.71
C GLY E 138 23.54 18.71 51.63
N GLU E 139 22.92 18.57 52.81
CA GLU E 139 22.75 19.69 53.74
C GLU E 139 22.36 20.93 52.99
N ALA E 140 21.23 20.82 52.29
CA ALA E 140 20.74 21.93 51.49
C ALA E 140 19.23 22.01 51.47
N GLY E 141 18.77 23.14 50.95
CA GLY E 141 17.34 23.36 50.83
C GLY E 141 16.71 24.27 51.84
N ASP E 142 15.40 24.15 51.96
CA ASP E 142 14.61 24.92 52.89
C ASP E 142 13.94 23.97 53.84
N PHE E 143 14.52 22.80 54.05
CA PHE E 143 13.91 21.78 54.88
C PHE E 143 14.95 20.92 55.57
N GLY E 144 16.14 21.48 55.72
CA GLY E 144 17.22 20.81 56.44
C GLY E 144 17.60 19.48 55.83
N GLY E 145 17.31 19.35 54.54
CA GLY E 145 17.61 18.12 53.87
C GLY E 145 18.60 18.29 52.75
N TRP E 146 18.04 18.56 51.58
CA TRP E 146 18.72 18.36 50.32
C TRP E 146 18.02 19.23 49.32
N PHE E 147 18.81 19.79 48.41
CA PHE E 147 18.22 20.53 47.32
C PHE E 147 18.66 19.93 45.97
N CYS E 148 17.75 19.91 45.02
CA CYS E 148 18.09 19.39 43.70
C CYS E 148 18.21 20.47 42.62
N PRO E 149 19.45 20.75 42.20
CA PRO E 149 19.73 21.99 41.47
C PRO E 149 19.09 21.96 40.10
N CYS E 150 18.61 20.79 39.68
CA CYS E 150 17.99 20.59 38.36
C CYS E 150 16.71 21.39 38.19
N HIS E 151 15.67 21.15 39.00
CA HIS E 151 14.48 22.05 38.97
C HIS E 151 13.94 22.35 40.37
N GLY E 152 14.83 22.77 41.26
CA GLY E 152 14.50 23.07 42.63
C GLY E 152 13.58 22.20 43.46
N SER E 153 13.71 20.87 43.44
CA SER E 153 12.97 20.11 44.45
C SER E 153 13.77 20.05 45.77
N HIS E 154 13.12 20.52 46.84
CA HIS E 154 13.64 20.55 48.21
C HIS E 154 13.23 19.28 48.95
N TYR E 155 14.18 18.69 49.65
CA TYR E 155 13.92 17.49 50.43
C TYR E 155 14.25 17.77 51.87
N ASP E 156 13.57 17.13 52.81
CA ASP E 156 13.83 17.40 54.24
C ASP E 156 14.85 16.45 54.87
N ILE E 157 14.91 16.46 56.21
CA ILE E 157 15.87 15.64 56.96
C ILE E 157 15.44 14.16 57.11
N SER E 158 14.40 13.77 56.38
CA SER E 158 14.00 12.38 56.32
C SER E 158 13.96 11.96 54.86
N GLY E 159 14.46 12.84 54.01
CA GLY E 159 14.48 12.55 52.59
C GLY E 159 13.10 12.43 51.97
N ARG E 160 12.34 13.51 52.06
CA ARG E 160 11.01 13.49 51.47
C ARG E 160 10.66 14.86 50.90
N ILE E 161 9.61 14.90 50.10
CA ILE E 161 9.50 15.99 49.18
C ILE E 161 8.69 17.06 49.82
N ARG E 162 9.17 18.30 49.74
CA ARG E 162 8.47 19.37 50.44
C ARG E 162 8.03 20.45 49.46
N LYS E 163 9.03 21.13 48.93
CA LYS E 163 8.86 22.02 47.79
C LYS E 163 9.45 21.36 46.51
N GLY E 164 8.86 21.68 45.36
CA GLY E 164 9.41 21.30 44.06
C GLY E 164 8.51 20.45 43.17
N PRO E 165 8.99 20.17 41.94
CA PRO E 165 8.27 19.26 41.03
C PRO E 165 8.36 17.75 41.37
N ALA E 166 9.33 17.32 42.17
CA ALA E 166 9.45 15.86 42.45
C ALA E 166 8.13 15.28 42.96
N PRO E 167 7.71 14.13 42.45
CA PRO E 167 6.42 13.70 42.96
C PRO E 167 6.61 12.83 44.17
N LEU E 168 7.84 12.44 44.46
CA LEU E 168 8.03 11.41 45.45
C LEU E 168 9.14 11.64 46.47
N ASN E 169 9.11 10.85 47.52
CA ASN E 169 10.19 10.91 48.48
C ASN E 169 11.34 10.06 47.98
N LEU E 170 12.55 10.60 48.13
CA LEU E 170 13.80 9.91 47.83
C LEU E 170 13.71 8.43 48.19
N GLU E 171 13.96 7.56 47.22
CA GLU E 171 13.65 6.16 47.46
C GLU E 171 14.54 5.48 48.50
N ILE E 172 13.92 4.64 49.33
CA ILE E 172 14.66 3.77 50.25
C ILE E 172 14.95 2.39 49.66
N PRO E 173 16.24 2.10 49.43
CA PRO E 173 16.76 0.81 48.97
C PRO E 173 16.46 -0.32 49.94
N ALA E 174 16.79 -1.55 49.56
CA ALA E 174 16.85 -2.64 50.52
C ALA E 174 18.19 -2.55 51.25
N TYR E 175 18.18 -2.72 52.56
CA TYR E 175 19.42 -2.78 53.37
C TYR E 175 19.25 -3.57 54.65
N GLU E 176 20.37 -4.16 55.07
CA GLU E 176 20.46 -4.94 56.30
C GLU E 176 21.67 -4.39 57.04
N PHE E 177 21.53 -4.25 58.36
CA PHE E 177 22.68 -3.93 59.20
C PHE E 177 23.43 -5.23 59.53
N ASP E 178 24.73 -5.12 59.81
CA ASP E 178 25.55 -6.30 60.14
C ASP E 178 26.88 -5.83 60.72
N GLY E 179 27.10 -6.06 62.02
CA GLY E 179 28.23 -5.43 62.67
C GLY E 179 27.97 -3.96 62.50
N ASP E 180 28.99 -3.16 62.19
CA ASP E 180 28.77 -1.79 61.71
C ASP E 180 28.84 -1.72 60.17
N LYS E 181 28.63 -2.88 59.55
CA LYS E 181 28.58 -2.92 58.10
C LYS E 181 27.13 -3.01 57.67
N VAL E 182 26.71 -2.07 56.85
CA VAL E 182 25.37 -2.15 56.28
C VAL E 182 25.44 -2.64 54.82
N ILE E 183 24.71 -3.71 54.51
CA ILE E 183 24.68 -4.28 53.16
C ILE E 183 23.52 -3.66 52.34
N VAL E 184 23.90 -2.66 51.54
CA VAL E 184 23.00 -1.81 50.76
C VAL E 184 22.61 -2.51 49.48
N GLY E 185 22.08 -3.72 49.58
CA GLY E 185 21.65 -4.41 48.40
C GLY E 185 20.56 -5.38 48.76
N VAL F 1 39.43 -49.82 26.32
CA VAL F 1 38.72 -49.49 25.08
C VAL F 1 39.68 -49.16 23.93
N THR F 2 39.67 -49.99 22.90
CA THR F 2 40.42 -49.72 21.68
C THR F 2 39.80 -48.49 21.02
N ASP F 3 40.59 -47.43 20.91
CA ASP F 3 40.16 -46.15 20.31
C ASP F 3 39.25 -46.33 19.10
N GLN F 4 38.06 -45.72 19.18
CA GLN F 4 36.98 -45.93 18.22
C GLN F 4 37.40 -45.61 16.78
N LEU F 5 38.40 -44.75 16.66
CA LEU F 5 38.92 -44.32 15.37
C LEU F 5 40.12 -45.17 14.92
N GLU F 6 41.17 -45.22 15.76
CA GLU F 6 42.37 -46.04 15.51
C GLU F 6 41.97 -47.40 14.98
N ASP F 7 41.07 -48.04 15.72
CA ASP F 7 40.47 -49.31 15.38
C ASP F 7 39.82 -49.35 13.99
N LEU F 8 39.17 -48.26 13.62
CA LEU F 8 38.42 -48.16 12.36
C LEU F 8 39.35 -47.86 11.18
N ARG F 9 40.45 -47.19 11.47
CA ARG F 9 41.45 -46.88 10.48
C ARG F 9 42.17 -48.18 10.17
N GLU F 10 42.44 -48.94 11.23
CA GLU F 10 43.09 -50.25 11.14
C GLU F 10 42.31 -51.16 10.24
N HIS F 11 41.06 -51.44 10.61
CA HIS F 11 40.22 -52.34 9.82
C HIS F 11 40.19 -51.98 8.35
N PHE F 12 40.28 -50.70 8.01
CA PHE F 12 40.21 -50.31 6.61
C PHE F 12 41.55 -50.35 5.84
N LYS F 13 42.66 -50.21 6.57
CA LYS F 13 43.98 -50.38 5.96
C LYS F 13 44.17 -51.82 5.44
N ASN F 14 43.33 -52.72 5.93
CA ASN F 14 43.49 -54.15 5.75
C ASN F 14 42.35 -54.71 4.93
N THR F 15 41.83 -53.89 4.04
CA THR F 15 40.90 -54.36 3.03
C THR F 15 41.72 -54.54 1.76
N GLU F 16 41.05 -54.69 0.62
CA GLU F 16 41.77 -54.73 -0.65
C GLU F 16 42.57 -53.43 -0.82
N GLU F 17 41.85 -52.32 -0.97
CA GLU F 17 42.45 -51.05 -1.36
C GLU F 17 43.34 -50.46 -0.26
N GLY F 18 43.14 -50.93 0.96
CA GLY F 18 44.02 -50.57 2.06
C GLY F 18 45.39 -51.20 1.88
N LYS F 19 45.41 -52.51 1.64
CA LYS F 19 46.64 -53.24 1.33
C LYS F 19 47.35 -52.56 0.15
N ALA F 20 46.61 -52.39 -0.94
CA ALA F 20 47.13 -51.82 -2.19
C ALA F 20 47.86 -50.49 -2.00
N LEU F 21 47.43 -49.74 -0.99
CA LEU F 21 47.83 -48.35 -0.82
C LEU F 21 48.83 -48.16 0.32
N VAL F 22 48.75 -49.01 1.35
CA VAL F 22 49.80 -49.02 2.35
C VAL F 22 51.11 -49.44 1.69
N HIS F 23 51.02 -50.38 0.74
CA HIS F 23 52.17 -50.86 -0.03
C HIS F 23 52.79 -49.72 -0.82
N HIS F 24 51.99 -49.12 -1.71
CA HIS F 24 52.42 -48.04 -2.60
C HIS F 24 53.33 -47.03 -1.89
N TYR F 25 53.04 -46.80 -0.61
CA TYR F 25 53.82 -45.92 0.24
C TYR F 25 55.12 -46.59 0.67
N GLU F 26 55.04 -47.90 0.96
CA GLU F 26 56.17 -48.63 1.50
C GLU F 26 57.27 -48.73 0.46
N GLU F 27 56.83 -49.06 -0.75
CA GLU F 27 57.67 -49.04 -1.94
C GLU F 27 58.40 -47.72 -2.07
N CYS F 28 57.74 -46.65 -1.64
CA CYS F 28 58.30 -45.31 -1.70
C CYS F 28 59.17 -45.04 -0.47
N ALA F 29 58.73 -45.48 0.69
CA ALA F 29 59.48 -45.30 1.94
C ALA F 29 60.83 -46.03 1.86
N GLU F 30 60.82 -47.19 1.21
CA GLU F 30 62.05 -47.95 0.96
C GLU F 30 62.97 -47.18 0.03
N ARG F 31 62.39 -46.77 -1.10
CA ARG F 31 63.09 -45.99 -2.13
C ARG F 31 63.79 -44.77 -1.53
N VAL F 32 63.15 -44.19 -0.52
CA VAL F 32 63.69 -43.03 0.20
C VAL F 32 64.95 -43.38 0.99
N LYS F 33 64.89 -44.49 1.70
CA LYS F 33 66.02 -44.97 2.48
C LYS F 33 67.22 -45.15 1.56
N ILE F 34 66.98 -45.85 0.46
CA ILE F 34 67.99 -46.12 -0.58
C ILE F 34 68.67 -44.85 -1.07
N GLN F 35 67.88 -43.82 -1.30
CA GLN F 35 68.39 -42.54 -1.78
C GLN F 35 69.18 -41.80 -0.71
N GLN F 36 68.98 -42.18 0.55
CA GLN F 36 69.51 -41.40 1.68
C GLN F 36 70.90 -41.81 2.14
N GLN F 37 71.22 -43.09 2.00
CA GLN F 37 72.53 -43.61 2.38
C GLN F 37 73.64 -43.05 1.48
N GLN F 38 73.28 -42.79 0.23
CA GLN F 38 74.20 -42.28 -0.81
C GLN F 38 74.99 -41.03 -0.39
N PRO F 39 76.14 -40.79 -1.03
CA PRO F 39 76.98 -39.63 -0.68
C PRO F 39 76.48 -38.34 -1.32
N GLY F 40 76.65 -37.23 -0.63
CA GLY F 40 76.23 -35.93 -1.16
C GLY F 40 74.73 -35.83 -1.31
N TYR F 41 74.00 -36.62 -0.53
CA TYR F 41 72.54 -36.63 -0.58
C TYR F 41 71.96 -35.32 -0.09
N ALA F 42 72.56 -34.76 0.95
CA ALA F 42 72.07 -33.50 1.53
C ALA F 42 72.19 -32.34 0.55
N ASP F 43 72.92 -32.55 -0.55
CA ASP F 43 73.02 -31.55 -1.60
C ASP F 43 72.44 -32.09 -2.91
N LEU F 44 71.53 -33.07 -2.79
CA LEU F 44 70.81 -33.62 -3.94
C LEU F 44 69.79 -32.60 -4.46
N GLU F 45 69.34 -31.73 -3.54
CA GLU F 45 68.48 -30.58 -3.83
C GLU F 45 67.01 -30.86 -4.16
N HIS F 46 66.74 -32.01 -4.79
CA HIS F 46 65.36 -32.33 -5.18
C HIS F 46 64.89 -33.64 -4.56
N LYS F 47 65.31 -33.86 -3.30
CA LYS F 47 65.07 -35.12 -2.61
C LYS F 47 63.60 -35.51 -2.60
N GLU F 48 63.31 -36.71 -3.09
CA GLU F 48 61.95 -37.25 -3.07
C GLU F 48 61.45 -37.38 -1.63
N ASP F 49 60.14 -37.28 -1.43
CA ASP F 49 59.53 -37.80 -0.23
C ASP F 49 58.16 -38.39 -0.55
N CYS F 50 57.47 -38.94 0.44
CA CYS F 50 56.23 -39.67 0.17
C CYS F 50 54.94 -39.09 0.81
N VAL F 51 54.87 -37.77 0.89
CA VAL F 51 53.68 -37.08 1.39
C VAL F 51 52.52 -37.34 0.44
N GLU F 52 52.80 -37.26 -0.86
CA GLU F 52 51.78 -37.54 -1.88
C GLU F 52 51.17 -38.92 -1.74
N GLU F 53 52.00 -39.87 -1.34
CA GLU F 53 51.52 -41.20 -1.04
C GLU F 53 50.66 -41.08 0.21
N PHE F 54 51.32 -40.93 1.37
CA PHE F 54 50.66 -40.72 2.66
C PHE F 54 49.23 -40.19 2.53
N PHE F 55 49.08 -39.04 1.87
CA PHE F 55 47.80 -38.35 1.77
C PHE F 55 46.76 -39.15 0.98
N HIS F 56 47.23 -39.95 0.02
CA HIS F 56 46.34 -40.74 -0.82
C HIS F 56 45.77 -41.84 0.05
N LEU F 57 46.52 -42.19 1.09
CA LEU F 57 46.15 -43.23 2.03
C LEU F 57 45.10 -42.74 3.03
N GLN F 58 45.40 -41.65 3.73
CA GLN F 58 44.41 -41.03 4.62
C GLN F 58 43.10 -40.75 3.91
N HIS F 59 43.16 -40.25 2.67
CA HIS F 59 41.92 -40.02 1.93
C HIS F 59 41.06 -41.28 1.89
N TYR F 60 41.67 -42.43 1.59
CA TYR F 60 40.93 -43.70 1.58
C TYR F 60 40.41 -44.02 2.97
N LEU F 61 41.26 -43.78 3.98
CA LEU F 61 40.91 -43.98 5.37
C LEU F 61 39.77 -43.03 5.75
N ASP F 62 40.07 -41.73 5.68
CA ASP F 62 39.09 -40.69 5.98
C ASP F 62 37.75 -41.00 5.38
N THR F 63 37.70 -41.13 4.05
CA THR F 63 36.47 -41.45 3.34
C THR F 63 35.66 -42.60 3.99
N ALA F 64 36.34 -43.47 4.72
CA ALA F 64 35.63 -44.52 5.44
C ALA F 64 35.68 -44.30 6.96
N THR F 65 36.78 -43.76 7.47
CA THR F 65 36.88 -43.51 8.92
C THR F 65 36.02 -42.31 9.41
N ALA F 66 35.13 -41.80 8.55
CA ALA F 66 34.35 -40.62 8.92
C ALA F 66 32.83 -40.80 9.03
N PRO F 67 32.17 -41.31 7.97
CA PRO F 67 30.72 -41.50 8.15
C PRO F 67 30.44 -42.65 9.13
N ARG F 68 31.43 -43.49 9.34
CA ARG F 68 31.33 -44.66 10.21
C ARG F 68 31.64 -44.27 11.66
N LEU F 69 32.80 -43.64 11.85
CA LEU F 69 33.38 -43.38 13.17
C LEU F 69 32.41 -42.89 14.21
N PHE F 70 31.54 -41.95 13.84
CA PHE F 70 30.80 -41.20 14.83
C PHE F 70 29.76 -41.98 15.66
N ASP F 71 29.32 -43.13 15.16
CA ASP F 71 28.36 -43.92 15.91
C ASP F 71 28.99 -44.71 17.05
N LYS F 72 30.26 -45.09 16.87
CA LYS F 72 31.06 -45.70 17.93
C LYS F 72 31.25 -44.73 19.08
N LEU F 73 30.94 -43.45 18.85
CA LEU F 73 31.21 -42.42 19.85
C LEU F 73 29.99 -42.12 20.71
N LYS F 74 30.19 -41.36 21.78
CA LYS F 74 29.13 -41.11 22.76
C LYS F 74 28.44 -39.75 22.56
N PRO G 1 23.20 3.61 -33.09
CA PRO G 1 23.07 4.58 -34.19
C PRO G 1 23.98 4.29 -35.45
N GLN G 2 24.26 3.03 -35.80
CA GLN G 2 24.78 2.78 -37.15
C GLN G 2 23.70 3.15 -38.14
N SER G 3 24.08 3.92 -39.16
CA SER G 3 23.11 4.60 -40.01
C SER G 3 22.39 3.70 -40.98
N PHE G 4 21.11 3.97 -41.28
CA PHE G 4 20.39 3.18 -42.31
C PHE G 4 20.91 3.40 -43.72
N THR G 5 21.10 4.68 -44.07
CA THR G 5 21.85 5.08 -45.26
C THR G 5 23.13 4.23 -45.40
N SER G 6 23.79 3.95 -44.28
CA SER G 6 24.98 3.09 -44.21
C SER G 6 24.67 1.59 -44.30
N ILE G 7 23.50 1.18 -43.83
CA ILE G 7 23.17 -0.24 -43.91
C ILE G 7 22.78 -0.50 -45.35
N ALA G 8 22.18 0.52 -45.99
CA ALA G 8 21.82 0.48 -47.40
C ALA G 8 23.05 0.18 -48.30
N ARG G 9 24.02 1.10 -48.28
CA ARG G 9 25.34 0.92 -48.86
C ARG G 9 25.84 -0.54 -48.77
N ILE G 10 26.02 -1.02 -47.54
CA ILE G 10 26.54 -2.38 -47.33
C ILE G 10 25.57 -3.46 -47.85
N GLY G 11 24.33 -3.41 -47.41
CA GLY G 11 23.39 -4.46 -47.77
C GLY G 11 22.96 -4.46 -49.22
N ASP G 12 23.00 -3.31 -49.89
CA ASP G 12 22.72 -3.25 -51.34
C ASP G 12 23.86 -3.99 -52.09
N TYR G 13 25.08 -3.49 -51.96
CA TYR G 13 26.31 -4.19 -52.41
C TYR G 13 26.25 -5.70 -52.33
N ILE G 14 25.91 -6.22 -51.16
CA ILE G 14 25.91 -7.66 -50.92
C ILE G 14 24.79 -8.32 -51.70
N LEU G 15 23.67 -7.62 -51.78
CA LEU G 15 22.52 -8.10 -52.56
C LEU G 15 22.80 -8.18 -54.08
N LYS G 16 23.64 -7.27 -54.57
CA LYS G 16 23.96 -7.15 -55.98
C LYS G 16 24.95 -8.24 -56.40
N SER G 17 26.05 -8.36 -55.67
CA SER G 17 27.07 -9.35 -55.99
C SER G 17 26.48 -10.75 -55.88
N PRO G 18 26.34 -11.45 -57.03
CA PRO G 18 25.74 -12.80 -57.03
C PRO G 18 26.67 -13.74 -56.29
N VAL G 19 27.94 -13.37 -56.29
CA VAL G 19 28.94 -14.00 -55.44
C VAL G 19 28.49 -13.93 -53.98
N LEU G 20 28.53 -12.71 -53.42
CA LEU G 20 28.18 -12.47 -52.01
C LEU G 20 26.77 -12.94 -51.65
N SER G 21 25.79 -12.44 -52.40
CA SER G 21 24.37 -12.72 -52.17
C SER G 21 24.04 -14.20 -51.93
N LYS G 22 24.79 -15.09 -52.55
CA LYS G 22 24.46 -16.49 -52.41
C LYS G 22 25.03 -17.00 -51.09
N LEU G 23 26.08 -16.34 -50.63
CA LEU G 23 26.78 -16.77 -49.42
C LEU G 23 26.00 -16.26 -48.21
N CYS G 24 25.69 -14.97 -48.26
CA CYS G 24 25.11 -14.22 -47.13
C CYS G 24 23.64 -14.52 -46.88
N VAL G 25 22.80 -14.19 -47.84
CA VAL G 25 21.35 -14.31 -47.69
C VAL G 25 20.80 -15.63 -47.08
N PRO G 26 21.39 -16.79 -47.41
CA PRO G 26 20.93 -17.99 -46.69
C PRO G 26 20.97 -17.77 -45.17
N VAL G 27 22.09 -17.26 -44.68
CA VAL G 27 22.30 -17.01 -43.25
C VAL G 27 21.31 -15.96 -42.73
N ALA G 28 21.36 -14.80 -43.36
CA ALA G 28 20.43 -13.71 -43.10
C ALA G 28 19.00 -14.24 -43.03
N ASN G 29 18.60 -15.05 -43.99
CA ASN G 29 17.29 -15.70 -43.91
C ASN G 29 17.20 -16.52 -42.64
N GLN G 30 18.25 -17.29 -42.35
CA GLN G 30 18.26 -18.18 -41.19
C GLN G 30 18.19 -17.34 -39.93
N PHE G 31 18.68 -16.11 -40.04
CA PHE G 31 18.76 -15.21 -38.90
C PHE G 31 17.41 -14.64 -38.53
N ILE G 32 16.75 -14.08 -39.54
CA ILE G 32 15.49 -13.41 -39.35
C ILE G 32 14.41 -14.48 -39.13
N ASN G 33 14.78 -15.55 -38.42
CA ASN G 33 13.88 -16.66 -38.13
C ASN G 33 14.07 -17.06 -36.74
N LEU G 34 15.35 -17.23 -36.45
CA LEU G 34 15.88 -17.40 -35.11
C LEU G 34 15.61 -16.19 -34.19
N ALA G 35 15.42 -15.01 -34.78
CA ALA G 35 15.01 -13.82 -34.04
C ALA G 35 13.74 -14.02 -33.19
N GLY G 36 12.76 -14.77 -33.71
CA GLY G 36 11.52 -15.05 -33.01
C GLY G 36 10.39 -14.05 -33.24
N TYR G 37 10.72 -12.97 -33.93
CA TYR G 37 9.90 -11.79 -33.84
C TYR G 37 8.64 -11.80 -34.68
N LYS G 38 8.71 -12.46 -35.83
CA LYS G 38 7.53 -12.63 -36.65
C LYS G 38 6.49 -13.55 -35.97
N LYS G 39 6.89 -14.17 -34.84
CA LYS G 39 5.98 -14.97 -34.01
C LYS G 39 5.25 -14.15 -32.91
N LEU G 40 5.54 -12.86 -32.89
CA LEU G 40 4.86 -11.92 -32.03
C LEU G 40 4.29 -10.87 -32.97
N GLY G 41 3.87 -11.32 -34.15
CA GLY G 41 3.14 -10.50 -35.10
C GLY G 41 3.96 -9.30 -35.54
N LEU G 42 5.25 -9.36 -35.25
CA LEU G 42 6.07 -8.20 -35.49
C LEU G 42 6.71 -8.23 -36.88
N LYS G 43 6.53 -7.15 -37.62
CA LYS G 43 7.34 -6.90 -38.81
C LYS G 43 8.65 -6.31 -38.34
N PHE G 44 9.71 -6.39 -39.12
CA PHE G 44 10.97 -5.88 -38.61
C PHE G 44 10.94 -4.37 -38.48
N ASP G 45 10.33 -3.65 -39.41
CA ASP G 45 10.33 -2.20 -39.22
C ASP G 45 9.65 -1.73 -37.89
N ASP G 46 8.79 -2.56 -37.28
CA ASP G 46 8.26 -2.33 -35.91
C ASP G 46 9.34 -2.18 -34.81
N LEU G 47 10.35 -3.04 -34.91
CA LEU G 47 11.45 -3.15 -33.95
C LEU G 47 12.38 -1.96 -33.83
N ILE G 48 12.70 -1.34 -34.97
CA ILE G 48 13.49 -0.12 -34.99
C ILE G 48 13.16 0.81 -33.80
N ALA G 49 14.16 1.03 -32.95
CA ALA G 49 14.11 2.01 -31.89
C ALA G 49 13.68 3.43 -32.37
N GLU G 50 12.68 4.05 -31.71
CA GLU G 50 12.17 5.36 -32.17
C GLU G 50 12.61 6.62 -31.47
N GLU G 51 13.16 6.47 -30.28
CA GLU G 51 13.45 7.64 -29.49
C GLU G 51 14.61 8.45 -30.08
N ASN G 52 14.38 9.05 -31.24
CA ASN G 52 15.37 9.88 -31.90
C ASN G 52 14.66 10.67 -32.98
N PRO G 53 15.20 11.83 -33.38
CA PRO G 53 14.41 12.69 -34.28
C PRO G 53 14.04 12.05 -35.61
N ILE G 54 15.01 11.41 -36.29
CA ILE G 54 14.79 10.84 -37.61
C ILE G 54 13.53 9.97 -37.58
N MET G 55 13.46 8.99 -36.69
CA MET G 55 12.26 8.14 -36.63
C MET G 55 10.98 8.91 -36.35
N GLN G 56 11.10 10.09 -35.74
CA GLN G 56 9.92 10.90 -35.42
C GLN G 56 9.59 11.86 -36.58
N THR G 57 10.51 11.94 -37.55
CA THR G 57 10.23 12.56 -38.82
C THR G 57 9.63 11.44 -39.66
N ALA G 58 9.89 10.21 -39.26
CA ALA G 58 9.60 9.08 -40.11
C ALA G 58 8.34 8.40 -39.68
N LEU G 59 7.71 8.89 -38.63
CA LEU G 59 6.47 8.27 -38.20
C LEU G 59 5.35 9.30 -38.33
N ARG G 60 5.75 10.55 -38.28
CA ARG G 60 4.85 11.67 -38.54
C ARG G 60 4.48 11.60 -39.99
N ARG G 61 5.40 11.07 -40.80
CA ARG G 61 5.26 10.98 -42.26
C ARG G 61 4.54 9.73 -42.73
N LEU G 62 4.73 8.63 -41.99
CA LEU G 62 4.10 7.34 -42.28
C LEU G 62 2.57 7.39 -42.40
N PRO G 63 2.03 7.10 -43.61
CA PRO G 63 0.59 7.02 -43.90
C PRO G 63 -0.26 6.49 -42.75
N GLU G 64 -1.38 7.18 -42.54
CA GLU G 64 -2.32 6.93 -41.44
C GLU G 64 -2.60 5.47 -41.13
N ASP G 65 -3.38 4.82 -42.00
CA ASP G 65 -3.80 3.44 -41.84
C ASP G 65 -2.58 2.53 -41.67
N GLU G 66 -1.42 3.00 -42.15
CA GLU G 66 -0.19 2.28 -41.94
C GLU G 66 0.19 2.36 -40.48
N SER G 67 0.03 3.53 -39.86
CA SER G 67 0.36 3.65 -38.44
C SER G 67 -0.60 2.89 -37.54
N TYR G 68 -1.89 2.90 -37.89
CA TYR G 68 -2.86 2.07 -37.18
C TYR G 68 -2.43 0.60 -37.23
N ALA G 69 -1.83 0.22 -38.35
CA ALA G 69 -1.34 -1.15 -38.53
C ALA G 69 -0.19 -1.44 -37.54
N ARG G 70 0.86 -0.63 -37.63
CA ARG G 70 2.01 -0.70 -36.74
C ARG G 70 1.52 -0.95 -35.33
N ALA G 71 0.87 0.11 -34.80
CA ALA G 71 0.12 0.11 -33.55
C ALA G 71 -0.45 -1.22 -33.10
N TYR G 72 -1.40 -1.77 -33.87
CA TYR G 72 -2.03 -3.03 -33.47
C TYR G 72 -0.97 -4.13 -33.20
N ARG G 73 0.04 -4.17 -34.07
CA ARG G 73 1.08 -5.17 -33.96
C ARG G 73 1.84 -4.92 -32.66
N ILE G 74 2.42 -3.73 -32.50
CA ILE G 74 3.10 -3.31 -31.27
C ILE G 74 2.35 -3.61 -29.95
N ILE G 75 1.04 -3.35 -29.91
CA ILE G 75 0.20 -3.77 -28.77
C ILE G 75 0.02 -5.31 -28.67
N ARG G 76 -0.21 -5.94 -29.82
CA ARG G 76 -0.30 -7.40 -29.94
C ARG G 76 0.98 -8.05 -29.42
N ALA G 77 2.08 -7.36 -29.68
CA ALA G 77 3.40 -7.80 -29.28
C ALA G 77 3.46 -7.90 -27.77
N HIS G 78 3.27 -6.73 -27.17
CA HIS G 78 3.37 -6.54 -25.74
C HIS G 78 2.45 -7.49 -25.03
N GLN G 79 1.22 -7.52 -25.54
CA GLN G 79 0.16 -8.31 -24.94
C GLN G 79 0.55 -9.76 -24.79
N THR G 80 1.08 -10.28 -25.90
CA THR G 80 1.46 -11.66 -26.01
C THR G 80 2.71 -11.91 -25.18
N GLU G 81 3.68 -11.04 -25.41
CA GLU G 81 4.91 -11.09 -24.66
C GLU G 81 4.64 -11.24 -23.16
N LEU G 82 3.59 -10.55 -22.68
CA LEU G 82 3.30 -10.56 -21.25
C LEU G 82 2.53 -11.81 -20.86
N THR G 83 1.87 -12.41 -21.84
CA THR G 83 1.20 -13.68 -21.63
C THR G 83 2.23 -14.80 -21.62
N HIS G 84 3.48 -14.45 -21.95
CA HIS G 84 4.63 -15.35 -21.87
C HIS G 84 4.45 -16.52 -22.85
N HIS G 85 3.98 -16.14 -24.04
CA HIS G 85 3.51 -17.06 -25.09
C HIS G 85 3.87 -16.56 -26.46
N LEU G 86 3.62 -17.42 -27.44
CA LEU G 86 3.72 -17.02 -28.84
C LEU G 86 2.35 -17.13 -29.47
N LEU G 87 2.13 -16.29 -30.47
CA LEU G 87 0.85 -16.24 -31.15
C LEU G 87 0.45 -17.58 -31.77
N PRO G 88 -0.87 -17.79 -31.93
CA PRO G 88 -1.44 -18.80 -32.85
C PRO G 88 -0.69 -18.82 -34.17
N ARG G 89 -0.03 -19.94 -34.46
CA ARG G 89 0.91 -20.10 -35.58
C ARG G 89 0.52 -19.37 -36.86
N ASN G 90 -0.78 -19.24 -37.08
CA ASN G 90 -1.33 -18.67 -38.30
C ASN G 90 -1.66 -17.19 -38.14
N GLU G 91 -1.19 -16.60 -37.05
CA GLU G 91 -1.33 -15.16 -36.86
C GLU G 91 0.02 -14.47 -37.13
N TRP G 92 1.11 -15.23 -36.97
CA TRP G 92 2.48 -14.83 -37.34
C TRP G 92 2.55 -14.04 -38.64
N ILE G 93 3.39 -13.01 -38.67
CA ILE G 93 3.69 -12.34 -39.92
C ILE G 93 4.42 -13.35 -40.82
N LYS G 94 3.97 -13.45 -42.08
CA LYS G 94 4.51 -14.39 -43.06
C LYS G 94 5.61 -13.73 -43.88
N ALA G 95 6.60 -14.53 -44.28
CA ALA G 95 7.86 -14.08 -44.89
C ALA G 95 7.74 -13.02 -45.97
N GLN G 96 6.59 -12.96 -46.62
CA GLN G 96 6.38 -11.98 -47.68
C GLN G 96 5.97 -10.65 -47.09
N GLU G 97 5.49 -10.69 -45.83
CA GLU G 97 4.95 -9.51 -45.18
C GLU G 97 6.04 -8.60 -44.65
N ASP G 98 6.97 -9.19 -43.88
CA ASP G 98 8.13 -8.48 -43.30
C ASP G 98 8.82 -7.48 -44.28
N VAL G 99 8.04 -6.56 -44.83
CA VAL G 99 8.50 -5.63 -45.84
C VAL G 99 8.94 -4.32 -45.20
N PRO G 100 10.01 -3.72 -45.73
CA PRO G 100 10.53 -2.45 -45.18
C PRO G 100 9.62 -1.27 -45.43
N TYR G 101 8.44 -1.30 -44.81
CA TYR G 101 7.41 -0.24 -44.96
C TYR G 101 7.88 1.13 -44.48
N LEU G 102 8.78 1.12 -43.50
CA LEU G 102 9.21 2.36 -42.88
C LEU G 102 10.43 2.94 -43.60
N LEU G 103 11.41 2.06 -43.83
CA LEU G 103 12.73 2.34 -44.42
C LEU G 103 12.87 3.45 -45.49
N PRO G 104 11.89 3.61 -46.37
CA PRO G 104 12.02 4.80 -47.23
C PRO G 104 12.14 6.09 -46.41
N TYR G 105 11.20 6.33 -45.49
CA TYR G 105 11.13 7.60 -44.76
C TYR G 105 12.37 7.83 -43.90
N ILE G 106 12.80 6.76 -43.25
CA ILE G 106 14.01 6.74 -42.44
C ILE G 106 15.18 7.20 -43.27
N LEU G 107 15.25 6.60 -44.46
CA LEU G 107 16.21 6.95 -45.50
C LEU G 107 15.88 8.34 -46.04
N GLU G 108 14.60 8.57 -46.32
CA GLU G 108 14.18 9.86 -46.83
C GLU G 108 14.72 10.91 -45.88
N ALA G 109 14.50 10.69 -44.58
CA ALA G 109 14.83 11.70 -43.55
C ALA G 109 16.34 11.77 -43.27
N GLU G 110 16.99 10.60 -43.22
CA GLU G 110 18.42 10.53 -42.97
C GLU G 110 19.10 11.42 -43.99
N ALA G 111 18.67 11.25 -45.24
CA ALA G 111 19.23 11.93 -46.40
C ALA G 111 19.18 13.39 -46.10
N ALA G 112 17.96 13.82 -45.80
CA ALA G 112 17.57 15.19 -45.61
C ALA G 112 18.45 15.84 -44.55
N ALA G 113 18.72 15.06 -43.50
CA ALA G 113 19.52 15.50 -42.36
C ALA G 113 20.99 15.71 -42.75
N LYS G 114 21.60 14.64 -43.27
CA LYS G 114 23.00 14.69 -43.70
C LYS G 114 23.21 15.90 -44.61
N GLU G 115 22.22 16.16 -45.47
CA GLU G 115 22.22 17.35 -46.32
C GLU G 115 22.34 18.66 -45.52
N LYS G 116 21.48 18.80 -44.50
CA LYS G 116 21.44 20.00 -43.70
C LYS G 116 22.71 20.13 -42.87
N ASP G 117 23.21 18.99 -42.39
CA ASP G 117 24.47 18.98 -41.64
C ASP G 117 25.53 19.67 -42.50
N GLU G 118 25.68 19.13 -43.71
CA GLU G 118 26.59 19.64 -44.72
C GLU G 118 26.38 21.13 -44.96
N LEU G 119 25.18 21.48 -45.40
CA LEU G 119 24.81 22.86 -45.62
C LEU G 119 24.86 23.79 -44.39
N ASP G 120 25.10 23.25 -43.19
CA ASP G 120 25.38 24.14 -42.08
C ASP G 120 26.88 24.46 -41.97
N ASN G 121 27.72 23.51 -42.39
CA ASN G 121 29.18 23.70 -42.34
C ASN G 121 29.87 23.91 -43.71
N ILE G 122 29.06 24.08 -44.75
CA ILE G 122 29.59 24.41 -46.07
C ILE G 122 30.56 25.60 -46.02
N GLU G 123 31.82 25.33 -46.36
CA GLU G 123 32.84 26.38 -46.38
C GLU G 123 32.93 27.04 -47.74
N VAL G 124 33.92 27.93 -47.86
CA VAL G 124 34.10 28.75 -49.05
C VAL G 124 35.57 28.85 -49.45
N SER G 125 35.84 28.66 -50.73
CA SER G 125 37.15 29.00 -51.27
C SER G 125 36.99 30.20 -52.18
N LYS G 126 37.82 31.20 -51.94
CA LYS G 126 37.82 32.43 -52.72
C LYS G 126 38.84 32.34 -53.87
N GLY H 1 5.46 26.10 -12.10
CA GLY H 1 6.15 25.15 -12.96
C GLY H 1 6.69 25.74 -14.25
N PRO H 2 8.02 25.89 -14.34
CA PRO H 2 8.74 26.35 -15.54
C PRO H 2 8.57 25.40 -16.74
N PRO H 3 9.17 25.74 -17.90
CA PRO H 3 9.13 24.75 -18.98
C PRO H 3 9.85 23.46 -18.59
N SER H 4 9.27 22.35 -19.04
CA SER H 4 9.90 21.04 -18.92
C SER H 4 10.50 20.62 -20.28
N GLY H 5 11.61 19.89 -20.24
CA GLY H 5 12.22 19.37 -21.46
C GLY H 5 11.46 18.21 -22.07
N LYS H 6 11.19 18.29 -23.37
CA LYS H 6 10.52 17.21 -24.09
C LYS H 6 11.26 15.85 -24.02
N THR H 7 10.46 14.80 -23.95
CA THR H 7 10.99 13.46 -23.86
C THR H 7 10.20 12.60 -24.80
N TYR H 8 10.10 11.34 -24.43
CA TYR H 8 9.37 10.40 -25.24
C TYR H 8 8.34 9.73 -24.36
N MET H 9 8.15 10.29 -23.16
CA MET H 9 6.99 9.94 -22.34
C MET H 9 6.17 11.11 -21.77
N GLY H 10 4.86 10.92 -21.76
CA GLY H 10 3.91 11.82 -21.13
C GLY H 10 3.09 10.95 -20.18
N TRP H 11 2.09 11.55 -19.54
CA TRP H 11 1.20 10.81 -18.65
C TRP H 11 -0.06 10.46 -19.45
N TRP H 12 -0.92 9.59 -18.90
CA TRP H 12 -2.22 9.28 -19.50
C TRP H 12 -2.94 10.42 -20.24
N GLY H 13 -3.64 10.09 -21.33
CA GLY H 13 -4.23 11.08 -22.22
C GLY H 13 -3.27 11.97 -23.02
N HIS H 14 -1.97 11.77 -22.82
CA HIS H 14 -0.93 12.41 -23.62
C HIS H 14 0.31 11.58 -23.48
N MET H 15 0.13 10.27 -23.48
CA MET H 15 1.23 9.33 -23.18
C MET H 15 2.42 9.47 -24.12
N GLY H 16 2.17 9.81 -25.38
CA GLY H 16 3.26 10.11 -26.28
C GLY H 16 3.13 9.35 -27.58
N GLY H 17 2.57 8.14 -27.48
CA GLY H 17 2.35 7.26 -28.63
C GLY H 17 1.49 7.77 -29.79
N PRO H 18 1.32 6.93 -30.84
CA PRO H 18 0.60 7.26 -32.06
C PRO H 18 -0.91 6.98 -31.88
N LYS H 19 -1.70 7.51 -32.80
CA LYS H 19 -3.08 7.84 -32.49
C LYS H 19 -4.10 6.73 -32.67
N GLN H 20 -4.19 5.81 -31.71
CA GLN H 20 -4.90 4.54 -31.91
C GLN H 20 -6.34 4.50 -32.44
N LYS H 21 -6.53 3.70 -33.49
CA LYS H 21 -7.81 3.49 -34.17
C LYS H 21 -7.85 2.04 -34.66
N GLY H 22 -8.99 1.38 -34.47
CA GLY H 22 -9.14 0.04 -34.98
C GLY H 22 -9.08 -1.08 -33.97
N ILE H 23 -8.13 -1.03 -33.05
CA ILE H 23 -8.06 -2.08 -32.04
C ILE H 23 -9.30 -2.00 -31.14
N THR H 24 -9.75 -3.15 -30.62
CA THR H 24 -10.85 -3.23 -29.65
C THR H 24 -10.55 -4.30 -28.59
N SER H 25 -10.41 -3.87 -27.35
CA SER H 25 -9.96 -4.75 -26.29
C SER H 25 -11.13 -5.32 -25.50
N TYR H 26 -10.93 -6.48 -24.87
CA TYR H 26 -11.96 -7.07 -24.03
C TYR H 26 -11.31 -7.76 -22.85
N ALA H 27 -11.86 -7.60 -21.65
CA ALA H 27 -11.34 -8.34 -20.50
C ALA H 27 -12.46 -8.70 -19.54
N VAL H 28 -12.10 -9.43 -18.49
CA VAL H 28 -13.08 -9.99 -17.59
C VAL H 28 -12.58 -9.94 -16.15
N SER H 29 -13.48 -9.61 -15.22
CA SER H 29 -13.08 -9.42 -13.82
C SER H 29 -12.31 -10.57 -13.26
N PRO H 30 -11.18 -10.27 -12.61
CA PRO H 30 -10.39 -11.23 -11.83
C PRO H 30 -11.23 -12.01 -10.82
N TYR H 31 -12.43 -11.53 -10.54
CA TYR H 31 -13.34 -12.28 -9.68
C TYR H 31 -14.02 -13.34 -10.52
N ALA H 32 -14.24 -13.00 -11.79
CA ALA H 32 -15.09 -13.77 -12.67
C ALA H 32 -14.35 -14.89 -13.38
N GLN H 33 -13.31 -15.43 -12.74
CA GLN H 33 -12.52 -16.48 -13.37
C GLN H 33 -12.20 -17.60 -12.40
N LYS H 34 -11.77 -18.75 -12.93
CA LYS H 34 -11.37 -19.86 -12.10
C LYS H 34 -10.17 -19.46 -11.27
N PRO H 35 -10.27 -19.60 -9.93
CA PRO H 35 -9.05 -19.51 -9.12
C PRO H 35 -8.14 -20.65 -9.54
N LEU H 36 -6.89 -20.34 -9.88
CA LEU H 36 -6.01 -21.21 -10.68
C LEU H 36 -6.48 -21.17 -12.14
N GLN H 37 -6.24 -20.04 -12.80
CA GLN H 37 -6.68 -19.80 -14.17
C GLN H 37 -6.38 -20.96 -15.10
N GLY H 38 -5.10 -21.25 -15.26
CA GLY H 38 -4.65 -22.38 -16.05
C GLY H 38 -3.31 -22.85 -15.51
N ILE H 39 -3.36 -23.77 -14.55
CA ILE H 39 -2.15 -24.27 -13.93
C ILE H 39 -1.95 -25.75 -14.28
N PHE H 40 -0.70 -26.19 -14.28
CA PHE H 40 -0.34 -27.55 -14.70
C PHE H 40 -0.82 -27.83 -16.11
N HIS H 41 -1.47 -28.98 -16.28
CA HIS H 41 -2.07 -29.40 -17.55
C HIS H 41 -1.30 -28.99 -18.80
N ASN H 42 -1.74 -27.91 -19.44
CA ASN H 42 -1.11 -27.43 -20.67
C ASN H 42 -0.30 -26.15 -20.43
N ALA H 43 -0.29 -25.68 -19.20
CA ALA H 43 0.49 -24.49 -18.84
C ALA H 43 1.94 -24.88 -18.60
N VAL H 44 2.20 -26.18 -18.58
CA VAL H 44 3.56 -26.69 -18.35
C VAL H 44 4.21 -27.13 -19.66
N PHE H 45 3.41 -27.41 -20.69
CA PHE H 45 3.97 -27.70 -22.00
C PHE H 45 4.86 -26.53 -22.46
N ASN H 46 4.67 -25.38 -21.81
CA ASN H 46 5.47 -24.18 -22.05
C ASN H 46 6.72 -24.06 -21.16
N SER H 47 6.70 -24.67 -19.97
CA SER H 47 7.87 -24.70 -19.07
C SER H 47 9.02 -25.53 -19.66
N PHE H 48 8.89 -25.88 -20.93
CA PHE H 48 9.84 -26.71 -21.62
C PHE H 48 10.04 -26.05 -22.97
N ARG H 49 9.07 -25.23 -23.35
CA ARG H 49 9.19 -24.36 -24.51
C ARG H 49 9.92 -23.07 -24.14
N ARG H 50 9.53 -22.45 -23.03
CA ARG H 50 10.26 -21.29 -22.56
C ARG H 50 11.68 -21.69 -22.24
N PHE H 51 11.89 -23.00 -22.10
CA PHE H 51 13.23 -23.54 -21.92
C PHE H 51 13.94 -23.73 -23.26
N LYS H 52 13.36 -24.60 -24.10
CA LYS H 52 13.95 -24.95 -25.37
C LYS H 52 14.42 -23.70 -26.13
N SER H 53 13.55 -22.71 -26.23
CA SER H 53 13.77 -21.59 -27.13
C SER H 53 15.05 -20.83 -26.85
N GLN H 54 15.73 -21.18 -25.76
CA GLN H 54 16.83 -20.33 -25.28
C GLN H 54 18.04 -21.12 -24.81
N PHE H 55 17.79 -22.22 -24.10
CA PHE H 55 18.84 -23.00 -23.41
C PHE H 55 20.21 -23.08 -24.10
N LEU H 56 20.19 -23.16 -25.41
CA LEU H 56 21.41 -23.29 -26.21
C LEU H 56 22.32 -22.09 -26.05
N TYR H 57 21.65 -20.92 -26.05
CA TYR H 57 22.29 -19.62 -25.93
C TYR H 57 22.95 -19.43 -24.57
N VAL H 58 22.60 -20.30 -23.62
CA VAL H 58 23.24 -20.30 -22.30
C VAL H 58 24.17 -21.49 -22.16
N LEU H 59 23.63 -22.68 -22.43
CA LEU H 59 24.42 -23.93 -22.38
C LEU H 59 25.72 -23.92 -23.20
N ILE H 60 25.59 -23.68 -24.51
CA ILE H 60 26.78 -23.51 -25.35
C ILE H 60 27.86 -22.60 -24.72
N PRO H 61 27.48 -21.37 -24.29
CA PRO H 61 28.53 -20.55 -23.68
C PRO H 61 29.00 -21.03 -22.31
N ALA H 62 28.08 -21.63 -21.55
CA ALA H 62 28.37 -22.19 -20.22
C ALA H 62 29.34 -23.37 -20.39
N GLY H 63 29.08 -24.13 -21.46
CA GLY H 63 29.89 -25.27 -21.85
C GLY H 63 31.31 -24.90 -22.16
N ILE H 64 31.52 -24.17 -23.26
CA ILE H 64 32.79 -23.56 -23.55
C ILE H 64 33.50 -23.15 -22.24
N TYR H 65 32.79 -22.43 -21.39
CA TYR H 65 33.42 -21.94 -20.17
C TYR H 65 33.68 -23.02 -19.12
N TRP H 66 32.75 -23.95 -18.94
CA TRP H 66 32.98 -24.95 -17.90
C TRP H 66 34.03 -26.00 -18.29
N TYR H 67 34.14 -26.32 -19.58
CA TYR H 67 35.20 -27.26 -19.96
C TYR H 67 36.58 -26.57 -19.88
N TRP H 68 36.62 -25.29 -20.27
CA TRP H 68 37.88 -24.56 -20.20
C TRP H 68 38.27 -24.48 -18.74
N TRP H 69 37.27 -24.35 -17.88
CA TRP H 69 37.56 -24.33 -16.47
C TRP H 69 38.23 -25.65 -16.06
N LYS H 70 37.54 -26.77 -16.31
CA LYS H 70 38.00 -28.08 -15.86
C LYS H 70 39.40 -28.45 -16.35
N ASN H 71 39.70 -28.04 -17.56
CA ASN H 71 40.95 -28.35 -18.21
C ASN H 71 42.17 -27.87 -17.42
N GLY H 72 42.39 -26.56 -17.38
CA GLY H 72 43.56 -26.01 -16.69
C GLY H 72 43.54 -26.29 -15.20
N ASN H 73 42.36 -26.69 -14.75
CA ASN H 73 42.19 -27.07 -13.37
C ASN H 73 42.95 -28.36 -13.17
N GLU H 74 42.57 -29.36 -13.96
CA GLU H 74 43.28 -30.64 -14.07
C GLU H 74 44.75 -30.37 -14.26
N TYR H 75 45.07 -29.66 -15.34
CA TYR H 75 46.43 -29.26 -15.65
C TYR H 75 47.23 -28.68 -14.43
N ASN H 76 46.54 -28.05 -13.48
CA ASN H 76 47.22 -27.40 -12.37
C ASN H 76 47.53 -28.42 -11.28
N GLU H 77 46.59 -29.37 -11.14
CA GLU H 77 46.67 -30.38 -10.09
C GLU H 77 47.85 -31.26 -10.42
N PHE H 78 47.96 -31.59 -11.72
CA PHE H 78 49.13 -32.25 -12.30
C PHE H 78 50.42 -31.55 -11.91
N LEU H 79 50.77 -30.45 -12.58
CA LEU H 79 52.07 -29.81 -12.34
C LEU H 79 52.40 -29.49 -10.88
N TYR H 80 51.49 -29.76 -9.97
CA TYR H 80 51.76 -29.54 -8.55
C TYR H 80 51.72 -30.88 -7.83
N SER H 81 51.58 -31.95 -8.63
CA SER H 81 51.74 -33.32 -8.13
C SER H 81 53.18 -33.81 -8.27
N LYS H 82 53.42 -35.03 -7.77
CA LYS H 82 54.70 -35.71 -7.95
C LYS H 82 54.96 -35.93 -9.43
N ALA H 83 54.00 -36.59 -10.08
CA ALA H 83 54.09 -36.90 -11.50
C ALA H 83 54.32 -35.68 -12.38
N GLY H 84 54.21 -34.49 -11.78
CA GLY H 84 54.21 -33.25 -12.55
C GLY H 84 55.39 -32.31 -12.35
N ARG H 85 56.04 -32.40 -11.19
CA ARG H 85 57.10 -31.45 -10.79
C ARG H 85 58.11 -31.16 -11.89
N GLU H 86 58.22 -32.09 -12.83
CA GLU H 86 59.08 -31.93 -13.97
C GLU H 86 58.60 -30.73 -14.78
N GLU H 87 57.51 -30.95 -15.53
CA GLU H 87 56.92 -29.94 -16.38
C GLU H 87 56.92 -28.58 -15.68
N LEU H 88 56.54 -28.56 -14.41
CA LEU H 88 56.58 -27.36 -13.56
C LEU H 88 57.91 -26.63 -13.76
N GLU H 89 59.00 -27.16 -13.21
CA GLU H 89 60.33 -26.52 -13.32
C GLU H 89 60.61 -25.89 -14.69
N ARG H 90 59.88 -26.35 -15.70
CA ARG H 90 59.97 -25.80 -17.06
C ARG H 90 58.92 -24.73 -17.37
N VAL H 91 57.62 -25.09 -17.31
CA VAL H 91 56.55 -24.12 -17.62
C VAL H 91 56.62 -22.88 -16.75
N ASN H 92 57.05 -23.04 -15.50
CA ASN H 92 56.88 -22.00 -14.51
C ASN H 92 58.00 -20.97 -14.41
N VAL H 93 59.17 -21.31 -14.93
CA VAL H 93 60.28 -20.35 -14.99
C VAL H 93 60.92 -20.42 -16.41
N SER I 1 -9.13 -23.69 2.40
CA SER I 1 -9.99 -22.62 1.93
C SER I 1 -11.22 -23.16 1.18
N PHE I 2 -12.39 -23.05 1.80
CA PHE I 2 -13.65 -23.45 1.16
C PHE I 2 -14.66 -22.29 1.23
N SER I 3 -15.33 -22.02 0.12
CA SER I 3 -16.23 -20.86 0.00
C SER I 3 -17.27 -20.75 1.11
N SER I 4 -17.73 -21.89 1.61
CA SER I 4 -18.63 -21.90 2.77
C SER I 4 -17.88 -21.45 4.01
N LEU I 5 -16.84 -22.18 4.38
CA LEU I 5 -16.12 -21.94 5.63
C LEU I 5 -15.56 -20.51 5.74
N TYR I 6 -15.16 -19.93 4.62
CA TYR I 6 -14.75 -18.51 4.62
C TYR I 6 -15.97 -17.59 4.78
N LYS I 7 -16.85 -17.56 3.77
CA LYS I 7 -17.99 -16.67 3.74
C LYS I 7 -18.82 -16.64 5.02
N THR I 8 -18.77 -17.72 5.80
CA THR I 8 -19.42 -17.74 7.12
C THR I 8 -19.03 -16.51 7.91
N PHE I 9 -17.77 -16.45 8.33
CA PHE I 9 -17.24 -15.31 9.08
C PHE I 9 -17.38 -13.99 8.30
N PHE I 10 -16.86 -13.95 7.08
CA PHE I 10 -16.57 -12.70 6.40
C PHE I 10 -17.51 -12.34 5.27
N LYS I 11 -18.56 -13.14 5.09
CA LYS I 11 -19.57 -12.87 4.05
C LYS I 11 -18.93 -12.59 2.69
N ARG I 12 -19.09 -11.37 2.18
CA ARG I 12 -18.39 -11.02 0.94
C ARG I 12 -17.50 -9.76 1.00
N ASN I 13 -16.72 -9.68 2.08
CA ASN I 13 -15.68 -8.67 2.25
C ASN I 13 -14.40 -9.33 2.77
N ALA I 14 -13.27 -8.67 2.51
CA ALA I 14 -11.94 -9.16 2.90
C ALA I 14 -11.79 -9.26 4.40
N VAL I 15 -10.55 -9.40 4.86
CA VAL I 15 -10.33 -9.21 6.29
C VAL I 15 -10.18 -7.70 6.55
N PHE I 16 -10.39 -7.29 7.80
CA PHE I 16 -10.38 -5.88 8.11
C PHE I 16 -9.17 -5.54 8.97
N VAL I 17 -8.51 -4.42 8.66
CA VAL I 17 -7.16 -4.16 9.14
C VAL I 17 -6.92 -4.60 10.56
N GLY I 18 -7.95 -4.44 11.39
CA GLY I 18 -7.86 -4.70 12.83
C GLY I 18 -7.99 -6.17 13.15
N THR I 19 -8.91 -6.84 12.45
CA THR I 19 -9.02 -8.28 12.57
C THR I 19 -7.70 -8.95 12.20
N ILE I 20 -7.03 -8.41 11.18
CA ILE I 20 -5.70 -8.88 10.77
C ILE I 20 -4.79 -8.84 11.96
N PHE I 21 -4.55 -7.64 12.47
CA PHE I 21 -3.69 -7.41 13.62
C PHE I 21 -4.04 -8.30 14.80
N ALA I 22 -5.33 -8.58 14.96
CA ALA I 22 -5.81 -9.49 16.01
C ALA I 22 -5.28 -10.89 15.77
N GLY I 23 -5.50 -11.38 14.54
CA GLY I 23 -5.03 -12.71 14.13
C GLY I 23 -3.53 -12.80 14.30
N ALA I 24 -2.83 -11.82 13.73
CA ALA I 24 -1.40 -11.62 13.93
C ALA I 24 -1.01 -11.80 15.38
N PHE I 25 -1.67 -11.07 16.27
CA PHE I 25 -1.39 -11.19 17.70
C PHE I 25 -1.56 -12.65 18.19
N VAL I 26 -2.64 -13.29 17.77
CA VAL I 26 -2.91 -14.66 18.20
C VAL I 26 -1.93 -15.63 17.54
N PHE I 27 -1.84 -15.57 16.20
CA PHE I 27 -0.96 -16.43 15.42
C PHE I 27 0.44 -16.50 16.03
N GLN I 28 0.93 -15.33 16.45
CA GLN I 28 2.27 -15.15 16.93
C GLN I 28 2.56 -15.91 18.21
N THR I 29 1.52 -16.25 18.95
CA THR I 29 1.71 -17.03 20.16
C THR I 29 1.54 -18.50 19.83
N VAL I 30 0.54 -18.77 19.00
CA VAL I 30 0.17 -20.12 18.58
C VAL I 30 1.31 -20.76 17.82
N PHE I 31 2.04 -19.94 17.08
CA PHE I 31 3.14 -20.40 16.24
C PHE I 31 4.36 -20.71 17.09
N ASP I 32 4.86 -19.68 17.76
CA ASP I 32 6.01 -19.82 18.65
C ASP I 32 5.75 -20.88 19.71
N THR I 33 4.48 -21.29 19.81
CA THR I 33 4.08 -22.43 20.64
C THR I 33 4.55 -23.67 19.94
N ALA I 34 3.92 -23.93 18.79
CA ALA I 34 4.13 -25.15 18.00
C ALA I 34 5.61 -25.32 17.76
N ILE I 35 6.14 -24.42 16.94
CA ILE I 35 7.49 -24.57 16.46
C ILE I 35 8.51 -24.78 17.60
N THR I 36 8.37 -24.08 18.72
CA THR I 36 9.30 -24.30 19.83
C THR I 36 9.10 -25.66 20.47
N SER I 37 7.93 -26.25 20.26
CA SER I 37 7.68 -27.59 20.81
C SER I 37 8.35 -28.64 19.94
N TRP I 38 7.93 -28.67 18.67
CA TRP I 38 8.45 -29.59 17.64
C TRP I 38 9.97 -29.65 17.60
N TYR I 39 10.60 -28.56 18.03
CA TYR I 39 12.04 -28.40 17.96
C TYR I 39 12.68 -28.92 19.24
N GLU I 40 12.00 -28.73 20.36
CA GLU I 40 12.53 -29.23 21.61
C GLU I 40 12.39 -30.76 21.66
N ASN I 41 11.38 -31.26 20.95
CA ASN I 41 11.16 -32.69 20.82
C ASN I 41 12.18 -33.29 19.84
N HIS I 42 12.27 -32.72 18.64
CA HIS I 42 13.17 -33.21 17.60
C HIS I 42 14.57 -33.36 18.14
N ASN I 43 14.90 -32.58 19.16
CA ASN I 43 16.23 -32.60 19.70
C ASN I 43 16.25 -33.17 21.11
N LYS I 44 15.33 -34.09 21.35
CA LYS I 44 15.20 -34.75 22.65
C LYS I 44 16.48 -35.49 23.02
N GLY I 45 16.83 -35.43 24.30
CA GLY I 45 18.05 -36.07 24.79
C GLY I 45 19.22 -35.11 24.68
N LYS I 46 19.11 -34.17 23.74
CA LYS I 46 20.25 -33.33 23.38
C LYS I 46 20.29 -32.04 24.16
N LEU I 47 19.10 -31.54 24.46
CA LEU I 47 18.89 -30.32 25.25
C LEU I 47 19.54 -30.40 26.63
N TRP I 48 20.09 -29.29 27.09
CA TRP I 48 20.68 -29.27 28.42
C TRP I 48 19.65 -29.63 29.49
N LYS I 49 18.37 -29.44 29.17
CA LYS I 49 17.30 -29.82 30.09
C LYS I 49 17.27 -31.33 30.25
N ASP I 50 17.44 -32.03 29.14
CA ASP I 50 17.40 -33.48 29.17
C ASP I 50 18.66 -34.00 29.84
N VAL I 51 19.74 -33.23 29.71
CA VAL I 51 21.03 -33.59 30.27
C VAL I 51 21.15 -33.17 31.74
N LYS I 52 20.48 -32.08 32.09
CA LYS I 52 20.36 -31.67 33.48
C LYS I 52 19.67 -32.79 34.25
N ALA I 53 18.76 -33.48 33.56
CA ALA I 53 17.97 -34.56 34.14
C ALA I 53 18.86 -35.67 34.70
N ARG I 54 19.54 -36.40 33.83
CA ARG I 54 20.37 -37.49 34.30
C ARG I 54 21.45 -36.97 35.23
N ILE I 55 22.37 -36.16 34.70
CA ILE I 55 23.50 -35.65 35.46
C ILE I 55 23.12 -35.10 36.83
N ALA I 56 23.83 -35.55 37.86
CA ALA I 56 23.68 -35.03 39.21
C ALA I 56 25.03 -34.54 39.73
N ALA I 57 25.00 -33.64 40.70
CA ALA I 57 26.23 -33.14 41.32
C ALA I 57 26.06 -32.93 42.83
N GLU J 1 5.60 22.94 66.10
CA GLU J 1 6.02 21.69 66.72
C GLU J 1 4.83 20.82 67.09
N VAL J 2 5.10 19.67 67.72
CA VAL J 2 4.02 18.84 68.25
C VAL J 2 3.72 19.21 69.72
N LYS J 3 2.46 19.07 70.08
CA LYS J 3 1.96 19.53 71.36
C LYS J 3 0.77 18.69 71.80
N LEU J 4 0.74 18.30 73.07
CA LEU J 4 -0.43 17.59 73.61
C LEU J 4 -1.07 18.33 74.78
N GLN J 5 -2.40 18.47 74.67
CA GLN J 5 -3.22 19.34 75.54
C GLN J 5 -4.32 18.53 76.20
N GLU J 6 -4.18 18.31 77.50
CA GLU J 6 -5.15 17.51 78.22
C GLU J 6 -6.39 18.36 78.52
N SER J 7 -7.56 17.72 78.62
CA SER J 7 -8.79 18.43 78.97
C SER J 7 -9.88 17.43 79.36
N GLY J 8 -10.51 17.65 80.52
CA GLY J 8 -11.52 16.73 81.01
C GLY J 8 -11.86 16.85 82.49
N ALA J 9 -12.96 16.19 82.89
CA ALA J 9 -13.38 16.08 84.28
C ALA J 9 -12.38 15.26 85.08
N GLY J 10 -11.71 15.92 86.03
CA GLY J 10 -10.79 15.27 86.95
C GLY J 10 -11.31 15.22 88.39
N LEU J 11 -12.62 15.10 88.52
CA LEU J 11 -13.28 15.04 89.81
C LEU J 11 -14.47 14.17 89.49
N VAL J 12 -14.32 12.87 89.71
CA VAL J 12 -15.37 11.92 89.33
C VAL J 12 -15.90 11.21 90.57
N GLN J 13 -17.20 10.94 90.59
CA GLN J 13 -17.82 10.27 91.74
C GLN J 13 -17.81 8.78 91.48
N PRO J 14 -17.42 7.99 92.50
CA PRO J 14 -17.26 6.55 92.36
C PRO J 14 -18.46 5.81 91.73
N SER J 15 -18.16 4.66 91.12
CA SER J 15 -19.09 3.87 90.34
C SER J 15 -19.47 4.50 89.00
N GLN J 16 -18.81 5.62 88.67
CA GLN J 16 -19.09 6.34 87.41
C GLN J 16 -18.02 6.14 86.33
N SER J 17 -17.87 7.13 85.44
CA SER J 17 -16.92 7.03 84.32
C SER J 17 -15.92 8.20 84.28
N LEU J 18 -14.64 7.90 84.46
CA LEU J 18 -13.61 8.89 84.24
C LEU J 18 -13.46 9.03 82.75
N SER J 19 -13.36 10.27 82.27
CA SER J 19 -13.40 10.52 80.83
C SER J 19 -12.57 11.73 80.46
N LEU J 20 -11.32 11.47 80.07
CA LEU J 20 -10.42 12.52 79.64
C LEU J 20 -10.35 12.63 78.11
N THR J 21 -9.71 13.69 77.63
CA THR J 21 -9.47 13.89 76.20
C THR J 21 -8.12 14.57 75.91
N CYS J 22 -7.39 14.00 74.95
CA CYS J 22 -6.09 14.52 74.55
C CYS J 22 -6.12 15.05 73.10
N SER J 23 -6.14 16.37 72.98
CA SER J 23 -6.13 17.09 71.71
C SER J 23 -4.68 17.36 71.34
N VAL J 24 -4.37 17.12 70.06
CA VAL J 24 -2.99 17.24 69.55
C VAL J 24 -2.89 18.37 68.54
N THR J 25 -1.66 18.82 68.30
CA THR J 25 -1.33 19.79 67.25
C THR J 25 0.14 19.71 66.86
N GLY J 26 0.39 19.58 65.56
CA GLY J 26 1.76 19.60 65.04
C GLY J 26 2.19 18.24 64.55
N TYR J 27 1.21 17.35 64.46
CA TYR J 27 1.37 16.01 63.96
C TYR J 27 -0.06 15.49 63.86
N SER J 28 -0.28 14.34 63.22
CA SER J 28 -1.64 13.81 63.10
C SER J 28 -1.86 12.45 63.71
N ILE J 29 -3.08 12.28 64.23
CA ILE J 29 -3.51 11.07 64.94
C ILE J 29 -3.47 9.87 64.02
N THR J 30 -3.48 10.17 62.73
CA THR J 30 -3.72 9.17 61.74
C THR J 30 -2.55 9.01 60.74
N SER J 31 -1.50 9.82 60.89
CA SER J 31 -0.19 9.49 60.33
C SER J 31 0.24 8.20 61.02
N GLY J 32 1.24 8.34 61.89
CA GLY J 32 1.88 7.16 62.46
C GLY J 32 1.98 7.09 63.96
N TYR J 33 2.81 6.16 64.42
CA TYR J 33 3.09 5.91 65.83
C TYR J 33 1.89 5.60 66.73
N TYR J 34 2.14 5.70 68.03
CA TYR J 34 1.16 5.27 69.04
C TYR J 34 0.64 6.36 70.00
N TRP J 35 -0.65 6.24 70.32
CA TRP J 35 -1.32 7.24 71.13
C TRP J 35 -1.83 6.66 72.47
N ASN J 36 -1.09 7.03 73.51
CA ASN J 36 -1.13 6.38 74.83
C ASN J 36 -1.80 7.15 75.97
N TRP J 37 -2.24 6.36 76.95
CA TRP J 37 -2.65 6.87 78.25
C TRP J 37 -1.76 6.30 79.34
N ILE J 38 -1.32 7.18 80.23
CA ILE J 38 -0.49 6.75 81.37
C ILE J 38 -0.78 7.58 82.64
N ARG J 39 -1.02 6.88 83.74
CA ARG J 39 -1.42 7.49 85.03
C ARG J 39 -0.30 7.47 86.09
N LEU J 40 -0.07 8.62 86.70
CA LEU J 40 0.94 8.74 87.75
C LEU J 40 0.30 8.70 89.16
N PHE J 41 0.58 7.61 89.88
CA PHE J 41 -0.03 7.33 91.17
C PHE J 41 0.48 8.24 92.31
N PRO J 42 -0.37 8.46 93.34
CA PRO J 42 0.01 9.23 94.55
C PRO J 42 1.40 8.86 95.07
N GLY J 43 1.65 7.57 95.23
CA GLY J 43 2.95 7.07 95.64
C GLY J 43 4.04 7.21 94.57
N ASN J 44 3.88 8.24 93.73
CA ASN J 44 4.86 8.62 92.71
C ASN J 44 5.36 7.45 91.88
N LYS J 45 4.45 6.56 91.50
CA LYS J 45 4.81 5.46 90.60
C LYS J 45 3.95 5.53 89.33
N LEU J 46 4.56 5.18 88.18
CA LEU J 46 3.95 5.35 86.85
C LEU J 46 3.39 4.05 86.30
N GLU J 47 2.20 4.11 85.72
CA GLU J 47 1.60 2.92 85.14
C GLU J 47 1.09 3.17 83.72
N TRP J 48 1.41 2.26 82.80
CA TRP J 48 0.86 2.31 81.44
C TRP J 48 -0.63 1.88 81.42
N VAL J 49 -1.49 2.74 80.89
CA VAL J 49 -2.92 2.46 80.86
C VAL J 49 -3.35 1.67 79.63
N GLY J 50 -3.05 2.21 78.44
CA GLY J 50 -3.39 1.57 77.17
C GLY J 50 -2.94 2.38 75.96
N TYR J 51 -3.51 2.09 74.79
CA TYR J 51 -3.36 2.99 73.64
C TYR J 51 -4.37 2.86 72.54
N ILE J 52 -4.52 3.94 71.78
CA ILE J 52 -5.07 3.81 70.44
C ILE J 52 -3.94 4.08 69.40
N SER J 53 -3.84 3.24 68.38
CA SER J 53 -2.74 3.34 67.39
C SER J 53 -3.01 4.44 66.38
N ASN J 54 -2.17 4.50 65.35
CA ASN J 54 -2.41 5.48 64.27
C ASN J 54 -3.55 5.05 63.33
N VAL J 55 -3.96 3.79 63.42
CA VAL J 55 -5.11 3.28 62.67
C VAL J 55 -6.14 2.72 63.65
N GLY J 56 -5.95 3.04 64.93
CA GLY J 56 -6.96 2.82 65.95
C GLY J 56 -7.17 1.39 66.40
N ASP J 57 -6.07 0.70 66.73
CA ASP J 57 -6.18 -0.63 67.33
C ASP J 57 -5.83 -0.54 68.81
N ASN J 58 -6.60 -1.22 69.65
CA ASN J 58 -6.53 -0.98 71.09
C ASN J 58 -5.76 -2.01 71.91
N ASN J 59 -4.50 -1.70 72.19
CA ASN J 59 -3.78 -2.50 73.16
C ASN J 59 -4.05 -1.90 74.56
N TYR J 60 -4.90 -2.55 75.33
CA TYR J 60 -5.15 -2.11 76.70
C TYR J 60 -4.22 -2.83 77.68
N ASN J 61 -4.13 -2.30 78.89
CA ASN J 61 -3.50 -3.02 79.99
C ASN J 61 -4.58 -4.02 80.42
N PRO J 62 -4.19 -5.23 80.82
CA PRO J 62 -5.27 -6.13 81.23
C PRO J 62 -5.68 -5.92 82.69
N SER J 63 -4.87 -5.21 83.47
CA SER J 63 -5.29 -4.81 84.81
C SER J 63 -6.53 -3.87 84.74
N LEU J 64 -6.66 -3.12 83.63
CA LEU J 64 -7.72 -2.14 83.47
C LEU J 64 -8.60 -2.44 82.26
N LYS J 65 -8.44 -3.62 81.65
CA LYS J 65 -9.04 -3.95 80.34
C LYS J 65 -10.56 -4.02 80.36
N ASP J 66 -11.09 -4.57 81.44
CA ASP J 66 -12.51 -4.76 81.63
C ASP J 66 -13.20 -3.42 81.90
N ARG J 67 -12.39 -2.37 82.07
CA ARG J 67 -12.88 -1.10 82.60
C ARG J 67 -12.64 0.15 81.73
N LEU J 68 -11.89 0.03 80.63
CA LEU J 68 -11.73 1.20 79.76
C LEU J 68 -12.07 1.04 78.29
N SER J 69 -11.81 2.12 77.57
CA SER J 69 -12.37 2.33 76.25
C SER J 69 -11.67 3.53 75.62
N ILE J 70 -10.45 3.29 75.13
CA ILE J 70 -9.75 4.30 74.35
C ILE J 70 -10.36 4.38 72.97
N THR J 71 -10.48 5.62 72.47
CA THR J 71 -11.07 5.94 71.18
C THR J 71 -10.52 7.28 70.74
N ARG J 72 -11.08 7.80 69.66
CA ARG J 72 -10.56 8.99 69.02
C ARG J 72 -11.58 9.67 68.13
N ASP J 73 -11.37 10.96 67.93
CA ASP J 73 -12.07 11.70 66.88
C ASP J 73 -11.01 12.22 65.93
N THR J 74 -11.16 11.83 64.65
CA THR J 74 -10.19 12.05 63.58
C THR J 74 -10.38 13.41 62.89
N SER J 75 -11.62 13.91 62.95
CA SER J 75 -11.96 15.22 62.39
C SER J 75 -11.35 16.29 63.25
N LYS J 76 -11.04 15.92 64.50
CA LYS J 76 -10.60 16.87 65.53
C LYS J 76 -9.21 16.59 66.10
N ASN J 77 -8.55 15.54 65.60
CA ASN J 77 -7.17 15.24 65.96
C ASN J 77 -6.99 15.10 67.49
N GLN J 78 -7.74 14.15 68.06
CA GLN J 78 -7.76 13.92 69.51
C GLN J 78 -8.23 12.50 69.90
N PHE J 79 -7.69 11.99 71.01
CA PHE J 79 -8.04 10.66 71.52
C PHE J 79 -8.56 10.71 72.97
N PHE J 80 -9.30 9.65 73.36
CA PHE J 80 -10.20 9.71 74.52
C PHE J 80 -10.01 8.60 75.58
N LEU J 81 -10.10 8.99 76.84
CA LEU J 81 -10.23 8.04 77.94
C LEU J 81 -11.70 7.85 78.30
N LYS J 82 -12.06 6.64 78.71
CA LYS J 82 -13.33 6.39 79.36
C LYS J 82 -13.17 5.18 80.26
N LEU J 83 -12.74 5.47 81.49
CA LEU J 83 -12.56 4.47 82.53
C LEU J 83 -13.90 4.34 83.26
N ASN J 84 -14.58 3.21 83.08
CA ASN J 84 -15.87 2.97 83.73
C ASN J 84 -15.68 2.50 85.17
N SER J 85 -16.73 2.66 85.98
CA SER J 85 -16.72 2.24 87.38
C SER J 85 -15.45 2.65 88.14
N VAL J 86 -15.41 3.90 88.55
CA VAL J 86 -14.22 4.44 89.21
C VAL J 86 -14.22 4.27 90.73
N THR J 87 -13.07 3.82 91.24
CA THR J 87 -12.86 3.60 92.66
C THR J 87 -11.76 4.58 93.04
N THR J 88 -11.59 4.88 94.32
CA THR J 88 -10.49 5.75 94.74
C THR J 88 -9.16 5.13 94.38
N GLU J 89 -9.16 3.81 94.23
CA GLU J 89 -7.98 3.07 93.80
C GLU J 89 -7.40 3.68 92.51
N ASP J 90 -8.28 4.27 91.72
CA ASP J 90 -7.93 4.89 90.44
C ASP J 90 -7.39 6.32 90.55
N THR J 91 -7.38 6.89 91.75
CA THR J 91 -7.00 8.29 91.90
C THR J 91 -5.50 8.49 91.65
N ALA J 92 -5.18 9.30 90.64
CA ALA J 92 -3.81 9.53 90.17
C ALA J 92 -3.80 10.64 89.12
N THR J 93 -2.64 11.26 88.88
CA THR J 93 -2.56 12.25 87.80
C THR J 93 -2.56 11.51 86.48
N TYR J 94 -3.19 12.07 85.45
CA TYR J 94 -3.20 11.38 84.17
C TYR J 94 -2.39 12.09 83.09
N TYR J 95 -1.72 11.29 82.26
CA TYR J 95 -0.84 11.78 81.19
C TYR J 95 -1.12 11.13 79.82
N CYS J 96 -1.23 11.97 78.79
CA CYS J 96 -1.29 11.49 77.41
C CYS J 96 0.07 11.64 76.77
N ALA J 97 0.47 10.63 75.99
CA ALA J 97 1.73 10.69 75.28
C ALA J 97 1.72 9.96 73.96
N ARG J 98 2.49 10.47 73.00
CA ARG J 98 2.75 9.78 71.73
C ARG J 98 3.96 8.89 71.85
N SER J 99 3.79 7.62 71.53
CA SER J 99 4.92 6.69 71.48
C SER J 99 5.29 6.28 70.07
N GLU J 100 6.52 6.62 69.67
CA GLU J 100 7.05 6.18 68.40
C GLU J 100 7.32 4.68 68.32
N TYR J 101 7.65 4.23 67.12
CA TYR J 101 8.00 2.83 66.86
C TYR J 101 9.07 2.81 65.76
N TYR J 102 10.15 2.12 66.02
CA TYR J 102 11.12 1.84 65.00
C TYR J 102 11.32 0.35 65.05
N SER J 103 11.84 -0.23 63.97
CA SER J 103 12.23 -1.62 64.01
C SER J 103 13.42 -1.76 64.95
N VAL J 104 14.44 -0.94 64.75
CA VAL J 104 15.67 -1.04 65.54
C VAL J 104 15.45 -0.71 67.01
N THR J 105 15.09 0.54 67.32
CA THR J 105 15.04 1.03 68.71
C THR J 105 13.71 0.81 69.45
N GLY J 106 12.76 0.14 68.80
CA GLY J 106 11.46 -0.09 69.39
C GLY J 106 10.77 1.19 69.86
N TYR J 107 9.85 1.06 70.81
CA TYR J 107 8.99 2.16 71.26
C TYR J 107 9.66 3.20 72.14
N ALA J 108 9.05 4.39 72.19
CA ALA J 108 9.45 5.47 73.09
C ALA J 108 8.39 6.58 73.08
N MET J 109 7.91 6.93 74.27
CA MET J 109 7.01 8.06 74.45
C MET J 109 7.82 9.35 74.51
N ASP J 110 7.65 10.19 73.49
CA ASP J 110 8.52 11.36 73.33
C ASP J 110 7.74 12.66 73.35
N TYR J 111 6.42 12.55 73.23
CA TYR J 111 5.54 13.72 73.38
C TYR J 111 4.43 13.50 74.41
N TRP J 112 4.60 14.12 75.58
CA TRP J 112 3.72 13.91 76.74
C TRP J 112 2.74 15.06 76.96
N GLY J 113 1.53 14.72 77.37
CA GLY J 113 0.58 15.74 77.79
C GLY J 113 1.03 16.45 79.07
N GLN J 114 0.43 17.61 79.34
CA GLN J 114 0.83 18.46 80.47
C GLN J 114 0.32 17.93 81.81
N GLY J 115 -0.63 17.02 81.76
CA GLY J 115 -1.24 16.49 82.96
C GLY J 115 -2.67 16.96 83.22
N THR J 116 -3.46 16.05 83.73
CA THR J 116 -4.80 16.36 84.20
C THR J 116 -5.05 15.46 85.41
N THR J 117 -5.23 16.08 86.57
CA THR J 117 -5.34 15.36 87.84
C THR J 117 -6.77 14.98 88.19
N VAL J 118 -7.01 13.69 88.38
CA VAL J 118 -8.33 13.25 88.79
C VAL J 118 -8.32 12.79 90.24
N THR J 119 -9.44 13.03 90.91
CA THR J 119 -9.67 12.63 92.29
C THR J 119 -11.07 12.02 92.37
N VAL J 120 -11.13 10.69 92.48
CA VAL J 120 -12.41 10.05 92.76
C VAL J 120 -12.87 10.44 94.16
N SER J 121 -14.09 10.95 94.24
CA SER J 121 -14.60 11.54 95.47
C SER J 121 -16.10 11.67 95.31
N SER J 122 -16.84 11.61 96.41
CA SER J 122 -18.28 11.74 96.28
C SER J 122 -18.73 13.14 96.57
N ALA J 123 -17.76 14.03 96.82
CA ALA J 123 -18.02 15.46 96.98
C ALA J 123 -18.85 16.04 95.81
N TRP J 124 -19.35 17.25 96.01
CA TRP J 124 -20.27 17.84 95.05
C TRP J 124 -19.59 19.06 94.45
N ARG J 125 -19.67 19.19 93.12
CA ARG J 125 -19.21 20.40 92.46
C ARG J 125 -20.24 21.03 91.54
N HIS J 126 -20.21 22.36 91.44
CA HIS J 126 -21.15 23.14 90.66
C HIS J 126 -20.83 22.98 89.20
N PRO J 127 -21.72 22.32 88.43
CA PRO J 127 -21.46 21.94 87.04
C PRO J 127 -21.24 23.13 86.09
N ASP K 1 3.98 -9.65 84.19
CA ASP K 1 4.18 -8.22 83.97
C ASP K 1 5.55 -7.75 84.46
N ILE K 2 6.57 -8.00 83.63
CA ILE K 2 7.97 -7.64 83.90
C ILE K 2 8.15 -6.42 84.84
N GLU K 3 8.72 -6.67 86.02
CA GLU K 3 8.93 -5.61 86.99
C GLU K 3 10.40 -5.19 87.07
N LEU K 4 10.62 -3.91 87.34
CA LEU K 4 11.95 -3.32 87.23
C LEU K 4 12.45 -2.75 88.55
N THR K 5 13.66 -3.13 88.94
CA THR K 5 14.25 -2.66 90.20
C THR K 5 14.89 -1.28 90.08
N GLN K 6 14.17 -0.26 90.52
CA GLN K 6 14.75 1.07 90.61
C GLN K 6 15.49 1.19 91.93
N THR K 7 16.67 1.83 91.87
CA THR K 7 17.61 1.81 92.98
C THR K 7 18.73 2.81 92.68
N PRO K 8 19.24 3.50 93.72
CA PRO K 8 18.82 3.41 95.12
C PRO K 8 17.43 4.01 95.31
N VAL K 9 16.67 3.58 96.32
CA VAL K 9 15.30 4.05 96.49
C VAL K 9 15.27 5.58 96.69
N SER K 10 15.66 6.30 95.66
CA SER K 10 15.86 7.75 95.69
C SER K 10 16.98 8.18 96.63
N LEU K 11 18.19 8.32 96.10
CA LEU K 11 19.29 8.88 96.88
C LEU K 11 19.76 10.19 96.25
N ALA K 12 19.69 11.27 97.04
CA ALA K 12 20.15 12.60 96.63
C ALA K 12 21.65 12.63 96.30
N ALA K 13 22.17 13.83 96.03
CA ALA K 13 23.62 13.97 95.78
C ALA K 13 24.11 15.42 95.95
N SER K 14 25.42 15.59 95.82
CA SER K 14 26.05 16.90 95.98
C SER K 14 25.98 17.70 94.69
N LEU K 15 25.97 19.03 94.81
CA LEU K 15 25.80 19.92 93.66
C LEU K 15 26.79 19.67 92.51
N GLY K 16 28.07 19.51 92.82
CA GLY K 16 29.07 19.37 91.79
C GLY K 16 29.75 18.01 91.68
N ASP K 17 29.01 17.03 91.15
CA ASP K 17 29.54 15.69 90.89
C ASP K 17 28.47 14.84 90.19
N ARG K 18 28.81 13.61 89.84
CA ARG K 18 27.87 12.74 89.11
C ARG K 18 26.94 11.91 90.01
N VAL K 19 26.33 10.89 89.40
CA VAL K 19 25.36 10.02 90.07
C VAL K 19 25.10 8.88 89.10
N THR K 20 24.41 7.81 89.52
CA THR K 20 24.13 6.70 88.62
C THR K 20 23.01 5.78 89.12
N ILE K 21 21.77 6.12 88.76
CA ILE K 21 20.64 5.24 89.02
C ILE K 21 20.82 3.92 88.25
N SER K 22 19.96 2.94 88.50
CA SER K 22 19.99 1.70 87.74
C SER K 22 18.66 0.99 87.78
N CYS K 23 18.42 0.18 86.76
CA CYS K 23 17.20 -0.59 86.62
C CYS K 23 17.60 -2.06 86.56
N ARG K 24 16.67 -2.94 86.86
CA ARG K 24 16.96 -4.37 86.83
C ARG K 24 15.65 -5.05 86.51
N ALA K 25 15.58 -5.73 85.39
CA ALA K 25 14.33 -6.31 84.93
C ALA K 25 14.08 -7.69 85.51
N SER K 26 12.81 -8.05 85.66
CA SER K 26 12.47 -9.38 86.13
C SER K 26 12.66 -10.40 85.03
N GLN K 27 13.05 -9.91 83.85
CA GLN K 27 13.23 -10.76 82.68
C GLN K 27 14.31 -10.22 81.74
N ASP K 28 14.51 -10.89 80.61
CA ASP K 28 15.42 -10.40 79.59
C ASP K 28 14.62 -9.38 78.80
N ILE K 29 15.13 -8.15 78.69
CA ILE K 29 14.38 -7.12 77.95
C ILE K 29 15.03 -6.62 76.63
N ASN K 30 16.29 -6.99 76.40
CA ASN K 30 16.90 -6.78 75.10
C ASN K 30 17.05 -5.28 74.78
N ASN K 31 17.63 -4.54 75.73
CA ASN K 31 17.94 -3.11 75.55
C ASN K 31 16.74 -2.20 75.32
N PHE K 32 15.56 -2.79 75.18
CA PHE K 32 14.31 -2.05 75.05
C PHE K 32 13.89 -1.39 76.35
N LEU K 33 14.67 -0.38 76.76
CA LEU K 33 14.46 0.31 78.01
C LEU K 33 14.78 1.81 77.90
N ASN K 34 13.73 2.62 78.05
CA ASN K 34 13.87 4.07 78.00
C ASN K 34 14.01 4.68 79.40
N TRP K 35 14.55 5.90 79.47
CA TRP K 35 14.65 6.67 80.72
C TRP K 35 13.92 8.00 80.64
N TYR K 36 13.06 8.26 81.62
CA TYR K 36 12.24 9.49 81.64
C TYR K 36 12.64 10.41 82.79
N GLN K 37 11.99 11.55 82.90
CA GLN K 37 12.43 12.58 83.82
C GLN K 37 11.28 13.51 84.24
N GLN K 38 11.00 13.55 85.54
CA GLN K 38 9.87 14.29 86.07
C GLN K 38 10.28 15.44 86.96
N LYS K 39 10.37 16.64 86.38
CA LYS K 39 10.68 17.84 87.15
C LYS K 39 9.52 18.11 88.10
N PRO K 40 9.81 18.64 89.30
CA PRO K 40 8.81 18.77 90.38
C PRO K 40 7.51 19.45 89.96
N ASP K 41 7.53 20.28 88.92
CA ASP K 41 6.31 20.94 88.47
C ASP K 41 5.38 19.96 87.74
N GLY K 42 5.84 18.73 87.58
CA GLY K 42 5.01 17.66 87.04
C GLY K 42 5.44 17.14 85.69
N THR K 43 6.00 18.02 84.85
CA THR K 43 6.31 17.69 83.46
C THR K 43 7.20 16.44 83.34
N ILE K 44 6.79 15.51 82.49
CA ILE K 44 7.60 14.32 82.22
C ILE K 44 8.11 14.28 80.77
N LYS K 45 9.41 14.00 80.64
CA LYS K 45 10.11 14.09 79.36
C LYS K 45 10.72 12.75 78.90
N LEU K 46 11.28 12.76 77.70
CA LEU K 46 12.10 11.66 77.25
C LEU K 46 13.57 12.07 77.37
N LEU K 47 14.41 11.10 77.74
CA LEU K 47 15.84 11.31 77.95
C LEU K 47 16.69 10.29 77.19
N ILE K 48 16.22 9.05 77.20
CA ILE K 48 16.98 7.92 76.69
C ILE K 48 15.99 6.92 76.12
N TYR K 49 16.24 6.46 74.89
CA TYR K 49 15.51 5.33 74.33
C TYR K 49 16.49 4.25 73.92
N TYR K 50 15.96 3.05 73.75
CA TYR K 50 16.77 1.88 73.40
C TYR K 50 18.05 1.88 74.20
N THR K 51 17.90 1.67 75.51
CA THR K 51 18.99 1.49 76.46
C THR K 51 20.07 2.60 76.59
N SER K 52 20.38 3.32 75.52
CA SER K 52 21.60 4.13 75.55
C SER K 52 21.60 5.41 74.72
N ARG K 53 20.45 5.77 74.16
CA ARG K 53 20.46 6.81 73.13
C ARG K 53 19.69 8.07 73.50
N LEU K 54 20.36 9.21 73.39
CA LEU K 54 19.75 10.51 73.73
C LEU K 54 18.51 10.89 72.91
N HIS K 55 17.65 11.69 73.53
CA HIS K 55 16.48 12.27 72.88
C HIS K 55 16.78 13.74 72.61
N ALA K 56 16.02 14.35 71.73
CA ALA K 56 16.37 15.66 71.21
C ALA K 56 16.45 16.69 72.32
N GLY K 57 17.65 17.19 72.55
CA GLY K 57 17.86 18.28 73.48
C GLY K 57 18.58 17.88 74.77
N VAL K 58 18.26 16.69 75.28
CA VAL K 58 18.93 16.17 76.45
C VAL K 58 20.45 16.22 76.27
N PRO K 59 21.13 17.09 77.06
CA PRO K 59 22.55 17.40 76.90
C PRO K 59 23.46 16.17 76.93
N SER K 60 24.55 16.21 76.15
CA SER K 60 25.42 15.06 75.92
C SER K 60 25.99 14.46 77.20
N ARG K 61 25.95 15.21 78.30
CA ARG K 61 26.45 14.75 79.59
C ARG K 61 25.58 13.65 80.20
N PHE K 62 24.40 13.43 79.61
CA PHE K 62 23.61 12.26 79.97
C PHE K 62 24.15 11.04 79.24
N SER K 63 24.06 9.88 79.87
CA SER K 63 24.64 8.68 79.28
C SER K 63 23.69 7.48 79.27
N GLY K 64 23.64 6.72 80.36
CA GLY K 64 22.78 5.55 80.41
C GLY K 64 23.25 4.37 79.57
N SER K 65 22.99 3.15 80.05
CA SER K 65 23.43 1.94 79.35
C SER K 65 22.79 0.66 79.88
N GLY K 66 23.49 -0.46 79.70
CA GLY K 66 23.03 -1.75 80.18
C GLY K 66 22.80 -2.79 79.09
N SER K 67 22.52 -4.03 79.51
CA SER K 67 22.13 -5.12 78.62
C SER K 67 21.54 -6.31 79.37
N GLY K 68 20.81 -7.16 78.64
CA GLY K 68 20.19 -8.35 79.20
C GLY K 68 19.06 -8.06 80.16
N THR K 69 19.41 -7.74 81.41
CA THR K 69 18.41 -7.48 82.44
C THR K 69 18.83 -6.39 83.43
N ASP K 70 19.95 -5.73 83.14
CA ASP K 70 20.48 -4.71 84.05
C ASP K 70 20.96 -3.46 83.31
N TYR K 71 20.47 -2.29 83.73
CA TYR K 71 20.68 -1.06 82.97
C TYR K 71 20.96 0.18 83.84
N SER K 72 21.77 1.10 83.33
CA SER K 72 22.24 2.25 84.11
C SER K 72 21.56 3.57 83.73
N LEU K 73 22.10 4.70 84.21
CA LEU K 73 21.65 6.04 83.80
C LEU K 73 22.63 7.14 84.21
N THR K 74 23.91 6.93 83.90
CA THR K 74 24.99 7.79 84.40
C THR K 74 24.97 9.26 83.95
N ILE K 75 24.76 10.17 84.90
CA ILE K 75 24.87 11.60 84.65
C ILE K 75 26.35 12.01 84.81
N SER K 76 26.73 13.20 84.34
CA SER K 76 28.13 13.66 84.39
C SER K 76 28.35 14.67 85.51
N ASN K 77 27.57 15.74 85.49
CA ASN K 77 27.51 16.68 86.62
C ASN K 77 26.10 17.21 86.82
N LEU K 78 25.68 17.31 88.07
CA LEU K 78 24.28 17.60 88.39
C LEU K 78 23.92 19.08 88.24
N GLU K 79 24.93 19.92 88.01
CA GLU K 79 24.70 21.31 87.67
C GLU K 79 24.20 21.32 86.22
N PRO K 80 23.27 22.25 85.90
CA PRO K 80 22.74 23.31 86.78
C PRO K 80 21.64 22.84 87.74
N GLU K 81 20.73 21.99 87.27
CA GLU K 81 19.71 21.37 88.12
C GLU K 81 19.02 20.23 87.36
N ASP K 82 19.43 19.01 87.66
CA ASP K 82 18.81 17.83 87.06
C ASP K 82 17.78 17.28 88.05
N ILE K 83 17.30 18.16 88.92
CA ILE K 83 16.40 17.80 90.02
C ILE K 83 15.07 17.23 89.56
N ALA K 84 15.01 15.91 89.47
CA ALA K 84 13.79 15.24 89.04
C ALA K 84 13.82 13.77 89.40
N THR K 85 12.67 13.11 89.30
CA THR K 85 12.59 11.67 89.59
C THR K 85 12.61 10.83 88.31
N TYR K 86 13.66 10.03 88.17
CA TYR K 86 13.99 9.39 86.92
C TYR K 86 13.41 7.98 86.82
N PHE K 87 12.31 7.85 86.08
CA PHE K 87 11.68 6.54 85.88
C PHE K 87 12.30 5.79 84.70
N CYS K 88 12.01 4.49 84.62
CA CYS K 88 12.56 3.65 83.57
C CYS K 88 11.52 2.62 83.13
N GLN K 89 11.34 2.47 81.82
CA GLN K 89 10.39 1.49 81.32
C GLN K 89 11.00 0.49 80.35
N HIS K 90 10.52 -0.74 80.40
CA HIS K 90 10.86 -1.74 79.40
C HIS K 90 9.82 -1.59 78.29
N HIS K 91 10.14 -1.99 77.07
CA HIS K 91 9.10 -2.12 76.03
C HIS K 91 9.28 -3.34 75.14
N ILE K 92 9.96 -4.35 75.67
CA ILE K 92 10.10 -5.63 74.97
C ILE K 92 8.76 -6.38 74.74
N LYS K 93 7.75 -6.10 75.55
CA LYS K 93 6.39 -6.60 75.28
C LYS K 93 5.34 -5.90 76.15
N PHE K 94 4.09 -6.37 76.05
CA PHE K 94 2.93 -5.69 76.65
C PHE K 94 2.33 -6.45 77.84
N PRO K 95 2.01 -5.73 78.93
CA PRO K 95 2.05 -4.27 79.03
C PRO K 95 3.41 -3.77 79.48
N TRP K 96 3.73 -2.53 79.12
CA TRP K 96 5.05 -2.01 79.40
C TRP K 96 5.02 -1.60 80.86
N THR K 97 6.17 -1.30 81.44
CA THR K 97 6.22 -1.13 82.89
C THR K 97 7.35 -0.23 83.35
N PHE K 98 6.98 0.83 84.06
CA PHE K 98 7.95 1.74 84.61
C PHE K 98 8.53 1.16 85.88
N GLY K 99 9.45 1.91 86.51
CA GLY K 99 10.01 1.45 87.75
C GLY K 99 9.36 2.13 88.94
N ALA K 100 10.06 2.09 90.06
CA ALA K 100 9.67 2.82 91.24
C ALA K 100 9.92 4.30 90.96
N GLY K 101 11.14 4.61 90.55
CA GLY K 101 11.56 5.99 90.35
C GLY K 101 12.90 6.12 91.03
N THR K 102 13.39 7.36 91.18
CA THR K 102 14.61 7.63 91.94
C THR K 102 14.85 9.14 92.14
N LYS K 103 14.02 9.76 92.98
CA LYS K 103 14.07 11.21 93.21
C LYS K 103 15.47 11.70 93.57
N LEU K 104 15.83 12.87 93.06
CA LEU K 104 17.20 13.35 93.15
C LEU K 104 17.23 14.78 93.68
N GLU K 105 17.55 14.92 94.96
CA GLU K 105 17.62 16.25 95.59
C GLU K 105 19.04 16.61 96.00
N ILE K 106 19.22 17.76 96.64
CA ILE K 106 20.55 18.17 97.10
C ILE K 106 20.86 17.63 98.51
N LYS K 107 22.13 17.32 98.75
CA LYS K 107 22.55 16.76 100.05
C LYS K 107 22.59 17.79 101.17
C2 UMQ L . -13.32 -3.04 1.71
C4 UMQ L . -13.86 -4.83 -0.02
C5 UMQ L . -12.37 -4.77 -0.35
C6 UMQ L . -12.01 -5.20 -1.78
O2 UMQ L . -13.38 -2.73 3.12
O4 UMQ L . -14.31 -6.20 -0.02
C1 UMQ L . -11.86 -3.19 1.28
C3 UMQ L . -14.14 -4.30 1.39
O1 UMQ L . -11.15 -4.21 2.03
O3 UMQ L . -15.54 -3.99 1.48
O5 UMQ L . -11.85 -3.46 -0.11
O6 UMQ L . -10.60 -5.43 -1.84
C1' UMQ L . -7.73 -4.27 4.44
C2' UMQ L . -8.86 -3.37 4.93
C3' UMQ L . -10.14 -3.39 4.11
C4' UMQ L . -9.92 -3.74 2.62
C5' UMQ L . -8.85 -4.81 2.48
C6' UMQ L . -8.60 -5.22 1.03
O1' UMQ L . -6.50 -3.77 4.94
O3' UMQ L . -10.72 -2.08 4.28
O5' UMQ L . -7.64 -4.34 3.03
O6' UMQ L . -7.94 -6.49 1.08
O2' UMQ L . -9.25 -3.78 6.25
CA UMQ L . -5.74 -4.78 5.60
CB UMQ L . -4.34 -4.23 5.70
CC UMQ L . -3.38 -5.22 6.36
CD UMQ L . -1.97 -4.81 5.96
CF UMQ L . -0.93 -5.45 6.86
CG UMQ L . 0.40 -4.72 6.66
CH UMQ L . 1.49 -5.37 7.48
CI UMQ L . 2.52 -4.35 7.95
CJ UMQ L . 3.17 -3.58 6.81
CK UMQ L . 4.48 -3.00 7.30
CL UMQ L . 5.19 -2.16 6.26
O13 3PH M . -8.92 -1.36 -1.99
P 3PH M . -8.11 -2.49 -2.66
O14 3PH M . -7.62 -2.15 -4.06
O12 3PH M . -8.68 -3.89 -2.50
O11 3PH M . -6.75 -2.65 -1.76
C1 3PH M . -5.88 -1.50 -1.63
C2 3PH M . -4.83 -1.64 -0.52
O21 3PH M . -3.65 -2.06 -1.19
C21 3PH M . -2.43 -1.31 -0.91
O22 3PH M . -2.23 -0.22 -1.45
C22 3PH M . -1.41 -1.94 0.00
C23 3PH M . 0.03 -1.75 -0.51
C24 3PH M . 0.80 -3.01 -0.14
C25 3PH M . 2.30 -2.74 0.06
C26 3PH M . 3.15 -3.27 -1.09
C3 3PH M . -5.23 -2.74 0.44
O31 3PH M . -4.57 -3.92 0.01
C31 3PH M . -3.86 -4.82 0.91
O32 3PH M . -4.41 -5.34 1.86
C32 3PH M . -2.40 -5.13 0.67
C33 3PH M . -1.84 -6.00 1.80
C34 3PH M . -0.34 -5.80 1.94
C35 3PH M . 0.18 -6.87 2.89
C36 3PH M . 1.64 -7.21 2.60
C37 3PH M . 2.59 -6.11 3.08
C38 3PH M . 4.04 -6.60 3.07
C39 3PH M . 4.89 -5.79 4.03
C3A 3PH M . 6.36 -6.11 3.79
C3B 3PH M . 6.86 -5.57 2.45
C3C 3PH M . 7.78 -4.37 2.68
C3D 3PH M . 8.67 -4.10 1.48
CHA HEM N . 29.97 -3.58 8.63
CHB HEM N . 28.66 -2.92 3.98
CHC HEM N . 25.63 0.59 5.48
CHD HEM N . 27.30 0.25 10.05
C1A HEM N . 29.84 -3.74 7.26
C2A HEM N . 30.42 -4.84 6.50
C3A HEM N . 30.06 -4.68 5.22
C4A HEM N . 29.24 -3.47 5.14
CMA HEM N . 30.42 -5.59 4.03
CAA HEM N . 31.25 -5.97 7.14
CBA HEM N . 30.20 -6.98 7.55
CGA HEM N . 30.82 -8.16 8.21
O1A HEM N . 30.71 -8.26 9.47
O2A HEM N . 31.46 -8.98 7.46
C1B HEM N . 27.69 -1.95 3.99
C2B HEM N . 26.87 -1.51 2.86
C3B HEM N . 26.03 -0.53 3.33
C4B HEM N . 26.32 -0.30 4.73
CMB HEM N . 26.96 -2.06 1.44
CAB HEM N . 25.00 0.33 2.58
CBB HEM N . 25.13 0.57 1.27
C1C HEM N . 25.81 0.82 6.83
C2C HEM N . 25.17 1.86 7.64
C3C HEM N . 25.66 1.76 8.89
C4C HEM N . 26.59 0.67 8.94
CMC HEM N . 24.13 2.93 7.17
CAC HEM N . 25.20 2.68 10.05
CBC HEM N . 25.92 2.74 11.19
C1D HEM N . 28.17 -0.83 10.09
C2D HEM N . 28.84 -1.30 11.30
C3D HEM N . 29.69 -2.51 10.85
C4D HEM N . 29.41 -2.64 9.44
CMD HEM N . 28.76 -0.69 12.75
CAD HEM N . 30.61 -3.39 11.74
CBD HEM N . 29.77 -4.52 12.34
CGD HEM N . 29.63 -5.61 11.29
O1D HEM N . 30.64 -5.82 10.61
O2D HEM N . 28.61 -6.30 11.09
NA HEM N . 29.15 -2.91 6.44
NB HEM N . 27.32 -1.18 5.15
NC HEM N . 26.67 0.11 7.66
ND HEM N . 28.53 -1.66 9.03
FE HEM N . 27.84 -1.37 7.12
CHA HEM O . 16.17 0.59 -13.58
CHB HEM O . 16.89 1.32 -8.87
CHC HEM O . 21.53 0.34 -9.62
CHD HEM O . 20.94 1.52 -14.27
C1A HEM O . 15.90 0.77 -12.24
C2A HEM O . 14.63 0.76 -11.52
C3A HEM O . 14.87 0.95 -10.22
C4A HEM O . 16.29 1.11 -10.06
CMA HEM O . 13.83 1.02 -9.09
CAA HEM O . 13.19 0.54 -12.00
CBA HEM O . 12.94 -0.96 -11.91
CGA HEM O . 13.88 -1.55 -12.90
O1A HEM O . 14.67 -2.44 -12.47
O2A HEM O . 13.83 -1.07 -14.08
C1B HEM O . 18.22 1.09 -8.67
C2B HEM O . 18.87 1.16 -7.36
C3B HEM O . 20.17 0.87 -7.56
C4B HEM O . 20.35 0.65 -9.00
CMB HEM O . 18.14 1.49 -6.03
CAB HEM O . 21.34 0.84 -6.54
CBB HEM O . 21.34 1.62 -5.46
C1C HEM O . 21.77 0.59 -10.94
C2C HEM O . 23.07 0.48 -11.53
C3C HEM O . 22.93 0.78 -12.84
C4C HEM O . 21.53 1.10 -13.09
CMC HEM O . 24.26 0.04 -10.67
CAC HEM O . 24.02 0.83 -13.95
CBC HEM O . 25.33 0.73 -13.73
C1D HEM O . 19.60 1.36 -14.58
C2D HEM O . 18.96 1.53 -15.86
C3D HEM O . 17.49 1.22 -15.63
C4D HEM O . 17.36 0.91 -14.24
CMD HEM O . 19.60 1.91 -17.19
CAD HEM O . 16.37 1.23 -16.69
CBD HEM O . 16.00 -0.23 -16.86
CGD HEM O . 14.85 -0.39 -17.81
O1D HEM O . 13.96 -1.23 -17.54
O2D HEM O . 14.78 0.35 -18.85
NA HEM O . 16.89 0.97 -11.31
NB HEM O . 19.14 0.79 -9.64
NC HEM O . 20.85 0.98 -11.91
ND HEM O . 18.62 1.01 -13.66
FE HEM O . 18.81 1.01 -11.63
O1 AOQ P . 39.75 -6.98 -1.58
O2 AOQ P . 44.95 -7.62 -2.21
C1 AOQ P . 40.99 -7.12 -1.77
C2 AOQ P . 41.66 -6.69 -2.93
C3 AOQ P . 43.03 -6.87 -3.06
C4 AOQ P . 43.73 -7.47 -2.06
C5 AOQ P . 43.81 -8.49 0.14
C6 AOQ P . 43.18 -8.93 1.30
C7 AOQ P . 41.82 -8.74 1.41
C8 AOQ P . 41.09 -8.15 0.39
C9 AOQ P . 41.73 -7.72 -0.76
C10 AOQ P . 43.09 -7.89 -0.89
O6 AOQ P . 43.71 -6.45 -4.19
C11 AOQ P . 39.57 -6.45 -4.37
C12 AOQ P . 38.92 -5.50 -5.36
C13 AOQ P . 39.09 -4.07 -4.87
C14 AOQ P . 40.56 -3.71 -4.93
C15 AOQ P . 41.21 -4.53 -3.84
C16 AOQ P . 41.01 -6.02 -4.09
CL AOQ P . 36.20 -0.02 -8.21
C17 AOQ P . 38.36 -3.11 -5.73
C18 AOQ P . 37.52 -3.56 -6.74
C19 AOQ P . 36.86 -2.61 -7.51
C20 AOQ P . 37.05 -1.25 -7.24
C21 AOQ P . 37.88 -0.81 -6.23
C22 AOQ P . 38.55 -1.76 -5.46
P 3PE Q . -2.19 20.51 1.61
N 3PE Q . -1.53 24.15 0.05
O11 3PE Q . -2.39 19.55 2.89
O12 3PE Q . -0.93 21.32 1.80
O13 3PE Q . -3.45 21.52 1.50
O14 3PE Q . -2.26 19.56 0.41
C11 3PE Q . -3.45 22.60 0.53
C12 3PE Q . -2.60 23.78 1.03
C1 3PE Q . -1.75 19.94 4.09
C2 3PE Q . -0.63 18.99 4.50
C3 3PE Q . -0.24 19.41 5.92
O31 3PE Q . 1.13 19.12 6.14
O32 3PE Q . 1.02 19.65 8.38
C31 3PE Q . 1.58 18.97 7.51
C32 3PE Q . 2.70 18.01 7.89
C33 3PE Q . 3.52 17.51 6.71
C34 3PE Q . 4.86 17.00 7.23
O21 3PE Q . -1.07 17.63 4.49
O22 3PE Q . 0.83 17.18 3.21
C21 3PE Q . -0.08 16.72 3.91
C22 3PE Q . -0.12 15.23 4.19
C23 3PE Q . 1.00 14.55 3.38
C24 3PE Q . 1.57 13.34 4.10
C25 3PE Q . 3.07 13.24 3.86
C26 3PE Q . 3.50 11.83 3.45
C27 3PE Q . 4.78 11.84 2.61
C28 3PE Q . 5.54 10.52 2.72
C1 UQ6 R . 9.48 1.97 -9.43
C1M UQ6 R . 9.58 3.18 -8.53
C2 UQ6 R . 9.54 2.25 -10.79
O2 UQ6 R . 9.64 3.49 -11.03
C3 UQ6 R . 9.45 1.20 -11.73
C4 UQ6 R . 9.28 -0.13 -11.28
C5 UQ6 R . 9.25 -0.41 -9.94
O5 UQ6 R . 9.12 -1.63 -9.67
C6 UQ6 R . 9.34 0.64 -8.99
O3 UQ6 R . 9.48 1.42 -13.12
C3M UQ6 R . 9.75 2.67 -13.78
O4 UQ6 R . 9.20 -1.25 -12.12
C4M UQ6 R . 8.07 -1.52 -12.97
C7 UQ6 R . 9.29 0.41 -7.47
C8 UQ6 R . 10.71 0.66 -6.97
C9 UQ6 R . 10.97 1.42 -5.92
C10 UQ6 R . 9.83 2.01 -5.15
C11 UQ6 R . 12.42 1.60 -5.52
C12 UQ6 R . 12.60 2.82 -4.66
C13 UQ6 R . 13.91 2.77 -3.93
C14 UQ6 R . 14.09 3.58 -2.85
C15 UQ6 R . 13.00 4.52 -2.39
C16 UQ6 R . 15.38 3.57 -2.10
C17 UQ6 R . 15.55 4.81 -1.24
C18 UQ6 R . 15.95 4.38 0.15
C19 UQ6 R . 16.51 5.30 0.94
C20 UQ6 R . 16.72 6.66 0.37
C21 UQ6 R . 16.94 4.97 2.35
C22 UQ6 R . 16.77 6.09 3.38
C23 UQ6 R . 16.41 5.38 4.66
C24 UQ6 R . 16.23 5.91 5.88
C25 UQ6 R . 16.36 7.41 6.17
C26 UQ6 R . 15.87 4.97 6.99
C27 UQ6 R . 16.79 5.23 8.17
C28 UQ6 R . 15.97 5.48 9.41
C29 UQ6 R . 16.30 4.84 10.54
C30 UQ6 R . 17.47 3.89 10.53
C31 UQ6 R . 15.51 5.06 11.81
C32 UQ6 R . 15.86 3.99 12.84
C33 UQ6 R . 16.62 4.62 14.00
C34 UQ6 R . 16.14 4.57 15.25
C35 UQ6 R . 14.83 3.90 15.55
C36 UQ6 R . 16.90 5.21 16.36
O13 3PH S . 12.93 -14.54 -22.94
P 3PH S . 13.69 -13.44 -23.61
O14 3PH S . 14.45 -13.75 -24.91
O12 3PH S . 13.01 -12.06 -23.68
O11 3PH S . 14.97 -13.29 -22.66
C1 3PH S . 15.99 -14.27 -22.79
C2 3PH S . 16.85 -14.21 -21.54
O21 3PH S . 16.45 -15.21 -20.57
C21 3PH S . 17.29 -16.40 -20.62
O22 3PH S . 17.78 -16.71 -21.69
C22 3PH S . 17.54 -17.23 -19.38
C23 3PH S . 18.53 -16.52 -18.49
C24 3PH S . 19.13 -17.51 -17.50
C25 3PH S . 20.24 -16.89 -16.67
C3 3PH S . 16.67 -12.81 -20.96
O31 3PH S . 16.98 -12.84 -19.58
C31 3PH S . 18.15 -12.10 -19.12
O32 3PH S . 18.64 -11.22 -19.81
C32 3PH S . 18.79 -12.45 -17.80
C33 3PH S . 20.16 -11.84 -17.69
C34 3PH S . 21.10 -12.99 -17.36
C35 3PH S . 22.17 -12.58 -16.36
C36 3PH S . 21.84 -13.08 -14.96
C37 3PH S . 22.75 -12.33 -14.00
C38 3PH S . 24.12 -12.97 -13.95
C39 3PH S . 25.10 -12.00 -13.30
C3A 3PH S . 25.47 -10.93 -14.31
C3B 3PH S . 26.98 -10.96 -14.38
C3C 3PH S . 27.54 -9.64 -13.94
C3D 3PH S . 27.24 -8.58 -14.96
C3E 3PH S . 28.25 -7.57 -14.50
C3F 3PH S . 28.49 -6.56 -15.57
C3G 3PH S . 29.97 -6.23 -15.54
C3H 3PH S . 30.46 -5.86 -14.16
C3I 3PH S . 29.93 -4.49 -13.80
CHA HEM T . 47.94 -24.23 18.06
CHB HEM T . 43.85 -26.47 19.27
CHC HEM T . 45.80 -28.00 23.42
CHD HEM T . 49.83 -25.38 22.48
C1A HEM T . 46.62 -24.64 18.00
C2A HEM T . 45.60 -24.40 16.97
C3A HEM T . 44.50 -25.03 17.34
C4A HEM T . 44.76 -25.70 18.59
CMA HEM T . 43.19 -25.05 16.55
CAA HEM T . 45.63 -23.55 15.68
CBA HEM T . 46.61 -23.91 14.59
CGA HEM T . 45.89 -23.65 13.27
O1A HEM T . 46.40 -22.85 12.45
O2A HEM T . 44.79 -24.25 13.08
C1B HEM T . 44.05 -27.10 20.47
C2B HEM T . 43.08 -27.97 21.08
C3B HEM T . 43.57 -28.43 22.23
C4B HEM T . 44.90 -27.83 22.39
CMB HEM T . 41.73 -28.29 20.42
CAB HEM T . 42.85 -29.40 23.21
CBB HEM T . 41.55 -29.73 23.25
C1C HEM T . 47.07 -27.44 23.52
C2C HEM T . 48.02 -27.69 24.58
C3C HEM T . 49.14 -26.98 24.33
C4C HEM T . 48.94 -26.24 23.10
CMC HEM T . 47.73 -28.65 25.76
CAC HEM T . 50.44 -26.90 25.14
CBC HEM T . 50.54 -27.25 26.42
C1D HEM T . 49.68 -24.84 21.21
C2D HEM T . 50.68 -24.01 20.57
C3D HEM T . 50.10 -23.68 19.18
C4D HEM T . 48.81 -24.32 19.13
CMD HEM T . 52.04 -23.57 21.15
CAD HEM T . 50.72 -22.80 18.08
CBD HEM T . 50.89 -23.64 16.81
CGD HEM T . 51.12 -22.80 15.57
O1D HEM T . 51.38 -21.55 15.70
O2D HEM T . 51.05 -23.38 14.46
NA HEM T . 46.04 -25.45 18.97
NB HEM T . 45.15 -27.03 21.28
NC HEM T . 47.67 -26.55 22.63
ND HEM T . 48.62 -25.01 20.33
FE HEM T . 46.97 -26.07 20.80
FE1 FES U . 15.52 17.31 40.86
FE2 FES U . 13.95 18.30 38.35
S1 FES U . 14.19 18.92 40.42
S2 FES U . 15.48 16.73 38.66
O13 3PH V . 12.04 -13.04 17.43
P 3PH V . 10.79 -13.62 16.76
O14 3PH V . 10.29 -14.94 17.34
O12 3PH V . 9.66 -12.64 16.53
O11 3PH V . 11.25 -13.96 15.24
C1 3PH V . 10.45 -13.69 14.09
C2 3PH V . 11.28 -13.90 12.83
O21 3PH V . 11.75 -12.69 12.20
C21 3PH V . 12.95 -12.12 12.81
O22 3PH V . 13.58 -12.78 13.61
C22 3PH V . 13.38 -10.72 12.47
C23 3PH V . 14.34 -10.70 11.30
C24 3PH V . 13.67 -11.26 10.07
C25 3PH V . 14.72 -11.24 8.96
C26 3PH V . 14.36 -12.14 7.76
C27 3PH V . 15.13 -11.68 6.53
C28 3PH V . 14.38 -10.52 5.87
C29 3PH V . 15.15 -9.21 5.91
C2A 3PH V . 14.21 -8.06 5.54
C2B 3PH V . 13.75 -7.34 6.78
C2C 3PH V . 14.72 -6.22 7.17
C2D 3PH V . 13.91 -5.06 7.77
C2E 3PH V . 14.74 -3.81 8.01
C3 3PH V . 10.37 -14.54 11.80
O31 3PH V . 9.68 -13.46 11.22
C31 3PH V . 9.39 -13.35 9.79
O32 3PH V . 8.66 -14.15 9.20
C32 3PH V . 10.01 -12.18 9.07
C33 3PH V . 9.35 -11.94 7.72
C34 3PH V . 9.51 -10.47 7.38
C35 3PH V . 8.24 -9.69 7.74
C36 3PH V . 8.52 -8.21 7.95
C37 3PH V . 8.59 -7.40 6.65
C38 3PH V . 9.24 -6.04 6.92
C39 3PH V . 8.30 -5.05 7.63
C3A 3PH V . 8.99 -3.73 7.97
C3B 3PH V . 8.88 -3.29 9.44
C3C 3PH V . 9.98 -2.28 9.74
#